data_9L6B
# 
_entry.id   9L6B 
# 
_audit_conform.dict_name       mmcif_pdbx.dic 
_audit_conform.dict_version    5.399 
_audit_conform.dict_location   http://mmcif.pdb.org/dictionaries/ascii/mmcif_pdbx.dic 
# 
loop_
_database_2.database_id 
_database_2.database_code 
_database_2.pdbx_database_accession 
_database_2.pdbx_DOI 
PDB   9L6B         pdb_00009l6b 10.2210/pdb9l6b/pdb 
WWPDB D_1300054976 ?            ?                   
# 
_pdbx_audit_revision_history.ordinal             1 
_pdbx_audit_revision_history.data_content_type   'Structure model' 
_pdbx_audit_revision_history.major_revision      1 
_pdbx_audit_revision_history.minor_revision      0 
_pdbx_audit_revision_history.revision_date       2025-01-29 
# 
_pdbx_audit_revision_details.ordinal             1 
_pdbx_audit_revision_details.revision_ordinal    1 
_pdbx_audit_revision_details.data_content_type   'Structure model' 
_pdbx_audit_revision_details.provider            repository 
_pdbx_audit_revision_details.type                'Initial release' 
_pdbx_audit_revision_details.description         ? 
_pdbx_audit_revision_details.details             ? 
# 
_pdbx_database_status.status_code                     REL 
_pdbx_database_status.status_code_sf                  REL 
_pdbx_database_status.status_code_mr                  ? 
_pdbx_database_status.entry_id                        9L6B 
_pdbx_database_status.recvd_initial_deposition_date   2024-12-24 
_pdbx_database_status.SG_entry                        N 
_pdbx_database_status.deposit_site                    PDBJ 
_pdbx_database_status.process_site                    PDBC 
_pdbx_database_status.status_code_cs                  ? 
_pdbx_database_status.status_code_nmr_data            ? 
_pdbx_database_status.methods_development_category    ? 
_pdbx_database_status.pdb_format_compatible           Y 
# 
_pdbx_contact_author.id                 2 
_pdbx_contact_author.email              wangweiwei_fly@126.com 
_pdbx_contact_author.name_first         weiwei 
_pdbx_contact_author.name_last          Wang 
_pdbx_contact_author.name_mi            ? 
_pdbx_contact_author.role               'principal investigator/group leader' 
_pdbx_contact_author.identifier_ORCID   0000-0002-9252-819X 
# 
loop_
_audit_author.name 
_audit_author.pdbx_ordinal 
_audit_author.identifier_ORCID 
'Yuan, X.L.' 1 0009-0001-4399-3255 
'Wang, W.W.' 2 0000-0002-9252-819X 
# 
_citation.abstract                  ? 
_citation.abstract_id_CAS           ? 
_citation.book_id_ISBN              ? 
_citation.book_publisher            ? 
_citation.book_publisher_city       ? 
_citation.book_title                ? 
_citation.coordinate_linkage        ? 
_citation.country                   ? 
_citation.database_id_Medline       ? 
_citation.details                   ? 
_citation.id                        primary 
_citation.journal_abbrev            'To Be Published' 
_citation.journal_id_ASTM           ? 
_citation.journal_id_CSD            0353 
_citation.journal_id_ISSN           ? 
_citation.journal_full              ? 
_citation.journal_issue             ? 
_citation.journal_volume            ? 
_citation.language                  ? 
_citation.page_first                ? 
_citation.page_last                 ? 
_citation.title                     'A ROS-Sensing Transcription Factor Promotes RpoS Accumulation to Resist Oxidative Stress' 
_citation.year                      ? 
_citation.database_id_CSD           ? 
_citation.pdbx_database_id_DOI      ? 
_citation.pdbx_database_id_PubMed   ? 
_citation.pdbx_database_id_patent   ? 
_citation.unpublished_flag          ? 
# 
loop_
_citation_author.citation_id 
_citation_author.name 
_citation_author.ordinal 
_citation_author.identifier_ORCID 
primary 'Yuan, X.L.' 1 0009-0001-4399-3255 
primary 'Wang, W.W.' 2 0000-0002-9252-819X 
# 
loop_
_entity.id 
_entity.type 
_entity.src_method 
_entity.pdbx_description 
_entity.formula_weight 
_entity.pdbx_number_of_molecules 
_entity.pdbx_ec 
_entity.pdbx_mutation 
_entity.pdbx_fragment 
_entity.details 
1 polymer man 'UPF0225 protein YchJ -A' 6634.627 1  ? ? ? ? 
2 polymer man 'UPF0225 protein YchJ -B' 6847.577 1  ? ? ? ? 
3 polymer man 'UPF0225 protein YchJ -C' 3641.189 1  ? ? ? ? 
4 water   nat water                     18.015   81 ? ? ? ? 
# 
loop_
_entity_poly.entity_id 
_entity_poly.type 
_entity_poly.nstd_linkage 
_entity_poly.nstd_monomer 
_entity_poly.pdbx_seq_one_letter_code 
_entity_poly.pdbx_seq_one_letter_code_can 
_entity_poly.pdbx_strand_id 
_entity_poly.pdbx_target_identifier 
1 'polypeptide(L)' no no MSQPCPCGSADEYSLCCGRIVSGERVAPDPSHLMRSRYCAFVMKDADYLIKSWHPTCNAA 
MSQPCPCGSADEYSLCCGRIVSGERVAPDPSHLMRSRYCAFVMKDADYLIKSWHPTCNAA A ? 
2 'polypeptide(L)' no no AFRDDIIAGFANTRWLGLTIFEHTWSEAENTGYVSFIARFSEQGKNGAIIERSRFIKENG 
AFRDDIIAGFANTRWLGLTIFEHTWSEAENTGYVSFIARFSEQGKNGAIIERSRFIKENG B ? 
3 'polypeptide(L)' no no QWYYIDGTRPQLGRNDPCPCGSGKKFKKCCGQ                             QWYYIDGTRPQLGRNDPCPCGSGKKFKKCCGQ C ? 
# 
_pdbx_entity_nonpoly.entity_id   4 
_pdbx_entity_nonpoly.name        water 
_pdbx_entity_nonpoly.comp_id     HOH 
# 
loop_
_entity_poly_seq.entity_id 
_entity_poly_seq.num 
_entity_poly_seq.mon_id 
_entity_poly_seq.hetero 
1 1  MET n 
1 2  SER n 
1 3  GLN n 
1 4  PRO n 
1 5  CYS n 
1 6  PRO n 
1 7  CYS n 
1 8  GLY n 
1 9  SER n 
1 10 ALA n 
1 11 ASP n 
1 12 GLU n 
1 13 TYR n 
1 14 SER n 
1 15 LEU n 
1 16 CYS n 
1 17 CYS n 
1 18 GLY n 
1 19 ARG n 
1 20 ILE n 
1 21 VAL n 
1 22 SER n 
1 23 GLY n 
1 24 GLU n 
1 25 ARG n 
1 26 VAL n 
1 27 ALA n 
1 28 PRO n 
1 29 ASP n 
1 30 PRO n 
1 31 SER n 
1 32 HIS n 
1 33 LEU n 
1 34 MET n 
1 35 ARG n 
1 36 SER n 
1 37 ARG n 
1 38 TYR n 
1 39 CYS n 
1 40 ALA n 
1 41 PHE n 
1 42 VAL n 
1 43 MET n 
1 44 LYS n 
1 45 ASP n 
1 46 ALA n 
1 47 ASP n 
1 48 TYR n 
1 49 LEU n 
1 50 ILE n 
1 51 LYS n 
1 52 SER n 
1 53 TRP n 
1 54 HIS n 
1 55 PRO n 
1 56 THR n 
1 57 CYS n 
1 58 ASN n 
1 59 ALA n 
1 60 ALA n 
2 1  ALA n 
2 2  PHE n 
2 3  ARG n 
2 4  ASP n 
2 5  ASP n 
2 6  ILE n 
2 7  ILE n 
2 8  ALA n 
2 9  GLY n 
2 10 PHE n 
2 11 ALA n 
2 12 ASN n 
2 13 THR n 
2 14 ARG n 
2 15 TRP n 
2 16 LEU n 
2 17 GLY n 
2 18 LEU n 
2 19 THR n 
2 20 ILE n 
2 21 PHE n 
2 22 GLU n 
2 23 HIS n 
2 24 THR n 
2 25 TRP n 
2 26 SER n 
2 27 GLU n 
2 28 ALA n 
2 29 GLU n 
2 30 ASN n 
2 31 THR n 
2 32 GLY n 
2 33 TYR n 
2 34 VAL n 
2 35 SER n 
2 36 PHE n 
2 37 ILE n 
2 38 ALA n 
2 39 ARG n 
2 40 PHE n 
2 41 SER n 
2 42 GLU n 
2 43 GLN n 
2 44 GLY n 
2 45 LYS n 
2 46 ASN n 
2 47 GLY n 
2 48 ALA n 
2 49 ILE n 
2 50 ILE n 
2 51 GLU n 
2 52 ARG n 
2 53 SER n 
2 54 ARG n 
2 55 PHE n 
2 56 ILE n 
2 57 LYS n 
2 58 GLU n 
2 59 ASN n 
2 60 GLY n 
3 1  GLN n 
3 2  TRP n 
3 3  TYR n 
3 4  TYR n 
3 5  ILE n 
3 6  ASP n 
3 7  GLY n 
3 8  THR n 
3 9  ARG n 
3 10 PRO n 
3 11 GLN n 
3 12 LEU n 
3 13 GLY n 
3 14 ARG n 
3 15 ASN n 
3 16 ASP n 
3 17 PRO n 
3 18 CYS n 
3 19 PRO n 
3 20 CYS n 
3 21 GLY n 
3 22 SER n 
3 23 GLY n 
3 24 LYS n 
3 25 LYS n 
3 26 PHE n 
3 27 LYS n 
3 28 LYS n 
3 29 CYS n 
3 30 CYS n 
3 31 GLY n 
3 32 GLN n 
# 
loop_
_entity_src_gen.entity_id 
_entity_src_gen.pdbx_src_id 
_entity_src_gen.pdbx_alt_source_flag 
_entity_src_gen.pdbx_seq_type 
_entity_src_gen.pdbx_beg_seq_num 
_entity_src_gen.pdbx_end_seq_num 
_entity_src_gen.gene_src_common_name 
_entity_src_gen.gene_src_genus 
_entity_src_gen.pdbx_gene_src_gene 
_entity_src_gen.gene_src_species 
_entity_src_gen.gene_src_strain 
_entity_src_gen.gene_src_tissue 
_entity_src_gen.gene_src_tissue_fraction 
_entity_src_gen.gene_src_details 
_entity_src_gen.pdbx_gene_src_fragment 
_entity_src_gen.pdbx_gene_src_scientific_name 
_entity_src_gen.pdbx_gene_src_ncbi_taxonomy_id 
_entity_src_gen.pdbx_gene_src_variant 
_entity_src_gen.pdbx_gene_src_cell_line 
_entity_src_gen.pdbx_gene_src_atcc 
_entity_src_gen.pdbx_gene_src_organ 
_entity_src_gen.pdbx_gene_src_organelle 
_entity_src_gen.pdbx_gene_src_cell 
_entity_src_gen.pdbx_gene_src_cellular_location 
_entity_src_gen.host_org_common_name 
_entity_src_gen.pdbx_host_org_scientific_name 
_entity_src_gen.pdbx_host_org_ncbi_taxonomy_id 
_entity_src_gen.host_org_genus 
_entity_src_gen.pdbx_host_org_gene 
_entity_src_gen.pdbx_host_org_organ 
_entity_src_gen.host_org_species 
_entity_src_gen.pdbx_host_org_tissue 
_entity_src_gen.pdbx_host_org_tissue_fraction 
_entity_src_gen.pdbx_host_org_strain 
_entity_src_gen.pdbx_host_org_variant 
_entity_src_gen.pdbx_host_org_cell_line 
_entity_src_gen.pdbx_host_org_atcc 
_entity_src_gen.pdbx_host_org_culture_collection 
_entity_src_gen.pdbx_host_org_cell 
_entity_src_gen.pdbx_host_org_organelle 
_entity_src_gen.pdbx_host_org_cellular_location 
_entity_src_gen.pdbx_host_org_vector_type 
_entity_src_gen.pdbx_host_org_vector 
_entity_src_gen.host_org_details 
_entity_src_gen.expression_system_id 
_entity_src_gen.plasmid_name 
_entity_src_gen.plasmid_details 
_entity_src_gen.pdbx_description 
1 1 sample 'Biological sequence' 1 60 ? ? 'ychJ, STM14_2121' ? ? ? ? ? ? 
'Salmonella enterica subsp. enterica serovar Typhimurium str. 14028S' 588858 ? ? ? ? ? ? ? ? 'Escherichia coli BL21(DE3)' 469008 ? 
? ? ? ? ? ? ? ? ? ? ? ? ? ? ? ? ? ? ? ? 
2 1 sample 'Biological sequence' 1 60 ? ? 'ychJ, STM14_2121' ? ? ? ? ? ? 
'Salmonella enterica subsp. enterica serovar Typhimurium str. 14028S' 588858 ? ? ? ? ? ? ? ? 'Escherichia coli BL21(DE3)' 469008 ? 
? ? ? ? ? ? ? ? ? ? ? ? ? ? ? ? ? ? ? ? 
3 1 sample 'Biological sequence' 1 32 ? ? 'ychJ, STM14_2121' ? ? ? ? ? ? 
'Salmonella enterica subsp. enterica serovar Typhimurium str. 14028S' 588858 ? ? ? ? ? ? ? ? 'Escherichia coli BL21(DE3)' 469008 ? 
? ? ? ? ? ? ? ? ? ? ? ? ? ? ? ? ? ? ? ? 
# 
loop_
_chem_comp.id 
_chem_comp.type 
_chem_comp.mon_nstd_flag 
_chem_comp.name 
_chem_comp.pdbx_synonyms 
_chem_comp.formula 
_chem_comp.formula_weight 
ALA 'L-peptide linking' y ALANINE         ? 'C3 H7 N O2'     89.093  
ARG 'L-peptide linking' y ARGININE        ? 'C6 H15 N4 O2 1' 175.209 
ASN 'L-peptide linking' y ASPARAGINE      ? 'C4 H8 N2 O3'    132.118 
ASP 'L-peptide linking' y 'ASPARTIC ACID' ? 'C4 H7 N O4'     133.103 
CYS 'L-peptide linking' y CYSTEINE        ? 'C3 H7 N O2 S'   121.158 
GLN 'L-peptide linking' y GLUTAMINE       ? 'C5 H10 N2 O3'   146.144 
GLU 'L-peptide linking' y 'GLUTAMIC ACID' ? 'C5 H9 N O4'     147.129 
GLY 'peptide linking'   y GLYCINE         ? 'C2 H5 N O2'     75.067  
HIS 'L-peptide linking' y HISTIDINE       ? 'C6 H10 N3 O2 1' 156.162 
HOH non-polymer         . WATER           ? 'H2 O'           18.015  
ILE 'L-peptide linking' y ISOLEUCINE      ? 'C6 H13 N O2'    131.173 
LEU 'L-peptide linking' y LEUCINE         ? 'C6 H13 N O2'    131.173 
LYS 'L-peptide linking' y LYSINE          ? 'C6 H15 N2 O2 1' 147.195 
MET 'L-peptide linking' y METHIONINE      ? 'C5 H11 N O2 S'  149.211 
PHE 'L-peptide linking' y PHENYLALANINE   ? 'C9 H11 N O2'    165.189 
PRO 'L-peptide linking' y PROLINE         ? 'C5 H9 N O2'     115.130 
SER 'L-peptide linking' y SERINE          ? 'C3 H7 N O3'     105.093 
THR 'L-peptide linking' y THREONINE       ? 'C4 H9 N O3'     119.119 
TRP 'L-peptide linking' y TRYPTOPHAN      ? 'C11 H12 N2 O2'  204.225 
TYR 'L-peptide linking' y TYROSINE        ? 'C9 H11 N O3'    181.189 
VAL 'L-peptide linking' y VALINE          ? 'C5 H11 N O2'    117.146 
# 
loop_
_pdbx_poly_seq_scheme.asym_id 
_pdbx_poly_seq_scheme.entity_id 
_pdbx_poly_seq_scheme.seq_id 
_pdbx_poly_seq_scheme.mon_id 
_pdbx_poly_seq_scheme.ndb_seq_num 
_pdbx_poly_seq_scheme.pdb_seq_num 
_pdbx_poly_seq_scheme.auth_seq_num 
_pdbx_poly_seq_scheme.pdb_mon_id 
_pdbx_poly_seq_scheme.auth_mon_id 
_pdbx_poly_seq_scheme.pdb_strand_id 
_pdbx_poly_seq_scheme.pdb_ins_code 
_pdbx_poly_seq_scheme.hetero 
A 1 1  MET 1  1   1   MET MET A . n 
A 1 2  SER 2  2   2   SER SER A . n 
A 1 3  GLN 3  3   3   GLN GLN A . n 
A 1 4  PRO 4  4   4   PRO PRO A . n 
A 1 5  CYS 5  5   5   CYS CYS A . n 
A 1 6  PRO 6  6   6   PRO PRO A . n 
A 1 7  CYS 7  7   7   CYS CYS A . n 
A 1 8  GLY 8  8   8   GLY GLY A . n 
A 1 9  SER 9  9   9   SER SER A . n 
A 1 10 ALA 10 10  10  ALA ALA A . n 
A 1 11 ASP 11 11  11  ASP ASP A . n 
A 1 12 GLU 12 12  12  GLU GLU A . n 
A 1 13 TYR 13 13  13  TYR TYR A . n 
A 1 14 SER 14 14  14  SER SER A . n 
A 1 15 LEU 15 15  15  LEU LEU A . n 
A 1 16 CYS 16 16  16  CYS CYS A . n 
A 1 17 CYS 17 17  17  CYS CYS A . n 
A 1 18 GLY 18 18  18  GLY GLY A . n 
A 1 19 ARG 19 19  19  ARG ARG A . n 
A 1 20 ILE 20 20  20  ILE ILE A . n 
A 1 21 VAL 21 21  21  VAL VAL A . n 
A 1 22 SER 22 22  22  SER SER A . n 
A 1 23 GLY 23 23  23  GLY GLY A . n 
A 1 24 GLU 24 24  24  GLU GLU A . n 
A 1 25 ARG 25 25  25  ARG ARG A . n 
A 1 26 VAL 26 26  26  VAL VAL A . n 
A 1 27 ALA 27 27  27  ALA ALA A . n 
A 1 28 PRO 28 28  28  PRO PRO A . n 
A 1 29 ASP 29 29  29  ASP ASP A . n 
A 1 30 PRO 30 30  30  PRO PRO A . n 
A 1 31 SER 31 31  31  SER SER A . n 
A 1 32 HIS 32 32  32  HIS HIS A . n 
A 1 33 LEU 33 33  33  LEU LEU A . n 
A 1 34 MET 34 34  34  MET MET A . n 
A 1 35 ARG 35 35  35  ARG ARG A . n 
A 1 36 SER 36 36  36  SER SER A . n 
A 1 37 ARG 37 37  37  ARG ARG A . n 
A 1 38 TYR 38 38  38  TYR TYR A . n 
A 1 39 CYS 39 39  39  CYS CYS A . n 
A 1 40 ALA 40 40  40  ALA ALA A . n 
A 1 41 PHE 41 41  41  PHE PHE A . n 
A 1 42 VAL 42 42  42  VAL VAL A . n 
A 1 43 MET 43 43  43  MET MET A . n 
A 1 44 LYS 44 44  44  LYS LYS A . n 
A 1 45 ASP 45 45  45  ASP ASP A . n 
A 1 46 ALA 46 46  46  ALA ALA A . n 
A 1 47 ASP 47 47  47  ASP ASP A . n 
A 1 48 TYR 48 48  48  TYR TYR A . n 
A 1 49 LEU 49 49  49  LEU LEU A . n 
A 1 50 ILE 50 50  50  ILE ILE A . n 
A 1 51 LYS 51 51  51  LYS LYS A . n 
A 1 52 SER 52 52  52  SER SER A . n 
A 1 53 TRP 53 53  53  TRP TRP A . n 
A 1 54 HIS 54 54  54  HIS HIS A . n 
A 1 55 PRO 55 55  55  PRO PRO A . n 
A 1 56 THR 56 56  56  THR THR A . n 
A 1 57 CYS 57 57  57  CYS CYS A . n 
A 1 58 ASN 58 58  58  ASN ASN A . n 
A 1 59 ALA 59 59  59  ALA ALA A . n 
A 1 60 ALA 60 60  60  ALA ALA A . n 
B 2 1  ALA 1  61  61  ALA ALA B . n 
B 2 2  PHE 2  62  62  PHE PHE B . n 
B 2 3  ARG 3  63  63  ARG ARG B . n 
B 2 4  ASP 4  64  64  ASP ASP B . n 
B 2 5  ASP 5  65  65  ASP ASP B . n 
B 2 6  ILE 6  66  66  ILE ILE B . n 
B 2 7  ILE 7  67  67  ILE ILE B . n 
B 2 8  ALA 8  68  68  ALA ALA B . n 
B 2 9  GLY 9  69  69  GLY GLY B . n 
B 2 10 PHE 10 70  70  PHE PHE B . n 
B 2 11 ALA 11 71  71  ALA ALA B . n 
B 2 12 ASN 12 72  72  ASN ASN B . n 
B 2 13 THR 13 73  73  THR THR B . n 
B 2 14 ARG 14 74  74  ARG ARG B . n 
B 2 15 TRP 15 75  75  TRP TRP B . n 
B 2 16 LEU 16 76  76  LEU LEU B . n 
B 2 17 GLY 17 77  77  GLY GLY B . n 
B 2 18 LEU 18 78  78  LEU LEU B . n 
B 2 19 THR 19 79  79  THR THR B . n 
B 2 20 ILE 20 80  80  ILE ILE B . n 
B 2 21 PHE 21 81  81  PHE PHE B . n 
B 2 22 GLU 22 82  82  GLU GLU B . n 
B 2 23 HIS 23 83  83  HIS HIS B . n 
B 2 24 THR 24 84  84  THR THR B . n 
B 2 25 TRP 25 85  85  TRP TRP B . n 
B 2 26 SER 26 86  86  SER SER B . n 
B 2 27 GLU 27 87  87  GLU GLU B . n 
B 2 28 ALA 28 88  88  ALA ALA B . n 
B 2 29 GLU 29 89  89  GLU GLU B . n 
B 2 30 ASN 30 90  90  ASN ASN B . n 
B 2 31 THR 31 91  91  THR THR B . n 
B 2 32 GLY 32 92  92  GLY GLY B . n 
B 2 33 TYR 33 93  93  TYR TYR B . n 
B 2 34 VAL 34 94  94  VAL VAL B . n 
B 2 35 SER 35 95  95  SER SER B . n 
B 2 36 PHE 36 96  96  PHE PHE B . n 
B 2 37 ILE 37 97  97  ILE ILE B . n 
B 2 38 ALA 38 98  98  ALA ALA B . n 
B 2 39 ARG 39 99  99  ARG ARG B . n 
B 2 40 PHE 40 100 100 PHE PHE B . n 
B 2 41 SER 41 101 101 SER SER B . n 
B 2 42 GLU 42 102 102 GLU GLU B . n 
B 2 43 GLN 43 103 103 GLN GLN B . n 
B 2 44 GLY 44 104 104 GLY GLY B . n 
B 2 45 LYS 45 105 105 LYS LYS B . n 
B 2 46 ASN 46 106 106 ASN ASN B . n 
B 2 47 GLY 47 107 107 GLY GLY B . n 
B 2 48 ALA 48 108 108 ALA ALA B . n 
B 2 49 ILE 49 109 109 ILE ILE B . n 
B 2 50 ILE 50 110 110 ILE ILE B . n 
B 2 51 GLU 51 111 111 GLU GLU B . n 
B 2 52 ARG 52 112 112 ARG ARG B . n 
B 2 53 SER 53 113 113 SER SER B . n 
B 2 54 ARG 54 114 114 ARG ARG B . n 
B 2 55 PHE 55 115 115 PHE PHE B . n 
B 2 56 ILE 56 116 116 ILE ILE B . n 
B 2 57 LYS 57 117 117 LYS LYS B . n 
B 2 58 GLU 58 118 118 GLU GLU B . n 
B 2 59 ASN 59 119 119 ASN ASN B . n 
B 2 60 GLY 60 120 120 GLY GLY B . n 
C 3 1  GLN 1  121 121 GLN GLN C . n 
C 3 2  TRP 2  122 122 TRP TRP C . n 
C 3 3  TYR 3  123 123 TYR TYR C . n 
C 3 4  TYR 4  124 124 TYR TYR C . n 
C 3 5  ILE 5  125 125 ILE ILE C . n 
C 3 6  ASP 6  126 126 ASP ASP C . n 
C 3 7  GLY 7  127 127 GLY GLY C . n 
C 3 8  THR 8  128 128 THR THR C . n 
C 3 9  ARG 9  129 129 ARG ARG C . n 
C 3 10 PRO 10 130 130 PRO PRO C . n 
C 3 11 GLN 11 131 131 GLN GLN C . n 
C 3 12 LEU 12 132 132 LEU LEU C . n 
C 3 13 GLY 13 133 133 GLY GLY C . n 
C 3 14 ARG 14 134 134 ARG ARG C . n 
C 3 15 ASN 15 135 135 ASN ASN C . n 
C 3 16 ASP 16 136 136 ASP ASP C . n 
C 3 17 PRO 17 137 137 PRO PRO C . n 
C 3 18 CYS 18 138 138 CYS CYS C . n 
C 3 19 PRO 19 139 139 PRO PRO C . n 
C 3 20 CYS 20 140 140 CYS CYS C . n 
C 3 21 GLY 21 141 141 GLY GLY C . n 
C 3 22 SER 22 142 142 SER SER C . n 
C 3 23 GLY 23 143 143 GLY GLY C . n 
C 3 24 LYS 24 144 144 LYS LYS C . n 
C 3 25 LYS 25 145 145 LYS LYS C . n 
C 3 26 PHE 26 146 146 PHE PHE C . n 
C 3 27 LYS 27 147 147 LYS LYS C . n 
C 3 28 LYS 28 148 148 LYS LYS C . n 
C 3 29 CYS 29 149 149 CYS CYS C . n 
C 3 30 CYS 30 150 150 CYS CYS C . n 
C 3 31 GLY 31 151 151 GLY GLY C . n 
C 3 32 GLN 32 152 152 GLN GLN C . n 
# 
loop_
_pdbx_nonpoly_scheme.asym_id 
_pdbx_nonpoly_scheme.entity_id 
_pdbx_nonpoly_scheme.mon_id 
_pdbx_nonpoly_scheme.ndb_seq_num 
_pdbx_nonpoly_scheme.pdb_seq_num 
_pdbx_nonpoly_scheme.auth_seq_num 
_pdbx_nonpoly_scheme.pdb_mon_id 
_pdbx_nonpoly_scheme.auth_mon_id 
_pdbx_nonpoly_scheme.pdb_strand_id 
_pdbx_nonpoly_scheme.pdb_ins_code 
D 4 HOH 1  101 48 HOH HOH A . 
D 4 HOH 2  102 23 HOH HOH A . 
D 4 HOH 3  103 14 HOH HOH A . 
D 4 HOH 4  104 17 HOH HOH A . 
D 4 HOH 5  105 41 HOH HOH A . 
D 4 HOH 6  106 22 HOH HOH A . 
D 4 HOH 7  107 1  HOH HOH A . 
D 4 HOH 8  108 45 HOH HOH A . 
D 4 HOH 9  109 40 HOH HOH A . 
D 4 HOH 10 110 9  HOH HOH A . 
D 4 HOH 11 111 46 HOH HOH A . 
D 4 HOH 12 112 21 HOH HOH A . 
D 4 HOH 13 113 37 HOH HOH A . 
D 4 HOH 14 114 64 HOH HOH A . 
D 4 HOH 15 115 3  HOH HOH A . 
D 4 HOH 16 116 58 HOH HOH A . 
D 4 HOH 17 117 36 HOH HOH A . 
D 4 HOH 18 118 51 HOH HOH A . 
D 4 HOH 19 119 72 HOH HOH A . 
D 4 HOH 20 120 16 HOH HOH A . 
D 4 HOH 21 121 34 HOH HOH A . 
D 4 HOH 22 122 28 HOH HOH A . 
D 4 HOH 23 123 26 HOH HOH A . 
D 4 HOH 24 124 77 HOH HOH A . 
D 4 HOH 25 125 39 HOH HOH A . 
D 4 HOH 26 126 50 HOH HOH A . 
D 4 HOH 27 127 6  HOH HOH A . 
D 4 HOH 28 128 57 HOH HOH A . 
D 4 HOH 29 129 52 HOH HOH A . 
D 4 HOH 30 130 38 HOH HOH A . 
D 4 HOH 31 131 25 HOH HOH A . 
D 4 HOH 32 132 11 HOH HOH A . 
D 4 HOH 33 133 30 HOH HOH A . 
D 4 HOH 34 134 76 HOH HOH A . 
D 4 HOH 35 135 71 HOH HOH A . 
E 4 HOH 1  201 47 HOH HOH B . 
E 4 HOH 2  202 10 HOH HOH B . 
E 4 HOH 3  203 61 HOH HOH B . 
E 4 HOH 4  204 33 HOH HOH B . 
E 4 HOH 5  205 66 HOH HOH B . 
E 4 HOH 6  206 2  HOH HOH B . 
E 4 HOH 7  207 29 HOH HOH B . 
E 4 HOH 8  208 56 HOH HOH B . 
E 4 HOH 9  209 69 HOH HOH B . 
E 4 HOH 10 210 68 HOH HOH B . 
E 4 HOH 11 211 15 HOH HOH B . 
E 4 HOH 12 212 35 HOH HOH B . 
E 4 HOH 13 213 63 HOH HOH B . 
E 4 HOH 14 214 43 HOH HOH B . 
E 4 HOH 15 215 32 HOH HOH B . 
E 4 HOH 16 216 59 HOH HOH B . 
E 4 HOH 17 217 79 HOH HOH B . 
E 4 HOH 18 218 62 HOH HOH B . 
E 4 HOH 19 219 27 HOH HOH B . 
E 4 HOH 20 220 4  HOH HOH B . 
E 4 HOH 21 221 24 HOH HOH B . 
E 4 HOH 22 222 75 HOH HOH B . 
E 4 HOH 23 223 12 HOH HOH B . 
E 4 HOH 24 224 53 HOH HOH B . 
E 4 HOH 25 225 19 HOH HOH B . 
E 4 HOH 26 226 49 HOH HOH B . 
E 4 HOH 27 227 13 HOH HOH B . 
E 4 HOH 28 228 73 HOH HOH B . 
E 4 HOH 29 229 67 HOH HOH B . 
E 4 HOH 30 230 44 HOH HOH B . 
E 4 HOH 31 231 20 HOH HOH B . 
E 4 HOH 32 232 81 HOH HOH B . 
E 4 HOH 33 233 78 HOH HOH B . 
E 4 HOH 34 234 70 HOH HOH B . 
E 4 HOH 35 235 31 HOH HOH B . 
E 4 HOH 36 236 5  HOH HOH B . 
E 4 HOH 37 237 65 HOH HOH B . 
E 4 HOH 38 238 18 HOH HOH B . 
E 4 HOH 39 239 74 HOH HOH B . 
E 4 HOH 40 240 60 HOH HOH B . 
F 4 HOH 1  201 55 HOH HOH C . 
F 4 HOH 2  202 54 HOH HOH C . 
F 4 HOH 3  203 7  HOH HOH C . 
F 4 HOH 4  204 8  HOH HOH C . 
F 4 HOH 5  205 80 HOH HOH C . 
F 4 HOH 6  206 42 HOH HOH C . 
# 
loop_
_software.citation_id 
_software.classification 
_software.compiler_name 
_software.compiler_version 
_software.contact_author 
_software.contact_author_email 
_software.date 
_software.description 
_software.dependencies 
_software.hardware 
_software.language 
_software.location 
_software.mods 
_software.name 
_software.os 
_software.os_version 
_software.type 
_software.version 
_software.pdbx_ordinal 
? refinement       ? ? ? ? ? ? ? ? ? ? ? PHENIX   ? ? ? 1.21.2_5419 1 
? 'data reduction' ? ? ? ? ? ? ? ? ? ? ? HKL-2000 ? ? ? .           2 
? 'data scaling'   ? ? ? ? ? ? ? ? ? ? ? HKL-2000 ? ? ? .           3 
? phasing          ? ? ? ? ? ? ? ? ? ? ? PHASER   ? ? ? .           4 
# 
_cell.angle_alpha                  90.000 
_cell.angle_alpha_esd              ? 
_cell.angle_beta                   90.000 
_cell.angle_beta_esd               ? 
_cell.angle_gamma                  90.000 
_cell.angle_gamma_esd              ? 
_cell.entry_id                     9L6B 
_cell.details                      ? 
_cell.formula_units_Z              ? 
_cell.length_a                     58.937 
_cell.length_a_esd                 ? 
_cell.length_b                     58.937 
_cell.length_b_esd                 ? 
_cell.length_c                     124.367 
_cell.length_c_esd                 ? 
_cell.volume                       431997.476 
_cell.volume_esd                   ? 
_cell.Z_PDB                        8 
_cell.reciprocal_angle_alpha       ? 
_cell.reciprocal_angle_beta        ? 
_cell.reciprocal_angle_gamma       ? 
_cell.reciprocal_angle_alpha_esd   ? 
_cell.reciprocal_angle_beta_esd    ? 
_cell.reciprocal_angle_gamma_esd   ? 
_cell.reciprocal_length_a          ? 
_cell.reciprocal_length_b          ? 
_cell.reciprocal_length_c          ? 
_cell.reciprocal_length_a_esd      ? 
_cell.reciprocal_length_b_esd      ? 
_cell.reciprocal_length_c_esd      ? 
_cell.pdbx_unique_axis             ? 
_cell.pdbx_esd_method              ? 
# 
_symmetry.entry_id                         9L6B 
_symmetry.cell_setting                     ? 
_symmetry.Int_Tables_number                96 
_symmetry.space_group_name_Hall            'P 4nw 2abw' 
_symmetry.space_group_name_H-M             'P 43 21 2' 
_symmetry.pdbx_full_space_group_name_H-M   ? 
# 
_exptl.absorpt_coefficient_mu     ? 
_exptl.absorpt_correction_T_max   ? 
_exptl.absorpt_correction_T_min   ? 
_exptl.absorpt_correction_type    ? 
_exptl.absorpt_process_details    ? 
_exptl.entry_id                   9L6B 
_exptl.crystals_number            1 
_exptl.details                    ? 
_exptl.method                     'X-RAY DIFFRACTION' 
_exptl.method_details             ? 
# 
_exptl_crystal.colour                       ? 
_exptl_crystal.density_diffrn               ? 
_exptl_crystal.density_Matthews             3.15 
_exptl_crystal.density_method               ? 
_exptl_crystal.density_percent_sol          61.00 
_exptl_crystal.description                  ? 
_exptl_crystal.F_000                        ? 
_exptl_crystal.id                           1 
_exptl_crystal.preparation                  ? 
_exptl_crystal.size_max                     ? 
_exptl_crystal.size_mid                     ? 
_exptl_crystal.size_min                     ? 
_exptl_crystal.size_rad                     ? 
_exptl_crystal.colour_lustre                ? 
_exptl_crystal.colour_modifier              ? 
_exptl_crystal.colour_primary               ? 
_exptl_crystal.density_meas                 ? 
_exptl_crystal.density_meas_esd             ? 
_exptl_crystal.density_meas_gt              ? 
_exptl_crystal.density_meas_lt              ? 
_exptl_crystal.density_meas_temp            ? 
_exptl_crystal.density_meas_temp_esd        ? 
_exptl_crystal.density_meas_temp_gt         ? 
_exptl_crystal.density_meas_temp_lt         ? 
_exptl_crystal.pdbx_crystal_image_url       ? 
_exptl_crystal.pdbx_crystal_image_format    ? 
_exptl_crystal.pdbx_mosaicity               ? 
_exptl_crystal.pdbx_mosaicity_esd           ? 
_exptl_crystal.pdbx_mosaic_method           ? 
_exptl_crystal.pdbx_mosaic_block_size       ? 
_exptl_crystal.pdbx_mosaic_block_size_esd   ? 
# 
_exptl_crystal_grow.apparatus       ? 
_exptl_crystal_grow.atmosphere      ? 
_exptl_crystal_grow.crystal_id      1 
_exptl_crystal_grow.details         ? 
_exptl_crystal_grow.method          'VAPOR DIFFUSION, HANGING DROP' 
_exptl_crystal_grow.method_ref      ? 
_exptl_crystal_grow.pH              7.0 
_exptl_crystal_grow.pressure        ? 
_exptl_crystal_grow.pressure_esd    ? 
_exptl_crystal_grow.seeding         ? 
_exptl_crystal_grow.seeding_ref     ? 
_exptl_crystal_grow.temp_details    ? 
_exptl_crystal_grow.temp_esd        ? 
_exptl_crystal_grow.time            ? 
_exptl_crystal_grow.pdbx_details    '1.5 M Ammonium sulfate, 0.1 M BIS-TRIS propane pH 7.0' 
_exptl_crystal_grow.pdbx_pH_range   ? 
_exptl_crystal_grow.temp            291 
# 
_diffrn.ambient_environment              ? 
_diffrn.ambient_temp                     100 
_diffrn.ambient_temp_details             ? 
_diffrn.ambient_temp_esd                 ? 
_diffrn.crystal_id                       1 
_diffrn.crystal_support                  ? 
_diffrn.crystal_treatment                ? 
_diffrn.details                          ? 
_diffrn.id                               1 
_diffrn.ambient_pressure                 ? 
_diffrn.ambient_pressure_esd             ? 
_diffrn.ambient_pressure_gt              ? 
_diffrn.ambient_pressure_lt              ? 
_diffrn.ambient_temp_gt                  ? 
_diffrn.ambient_temp_lt                  ? 
_diffrn.pdbx_serial_crystal_experiment   N 
# 
_diffrn_detector.details                      ? 
_diffrn_detector.detector                     PIXEL 
_diffrn_detector.diffrn_id                    1 
_diffrn_detector.type                         'DECTRIS EIGER2 S 9M' 
_diffrn_detector.area_resol_mean              ? 
_diffrn_detector.dtime                        ? 
_diffrn_detector.pdbx_frames_total            ? 
_diffrn_detector.pdbx_collection_time_total   ? 
_diffrn_detector.pdbx_collection_date         2023-01-02 
_diffrn_detector.pdbx_frequency               ? 
_diffrn_detector.id                           ? 
_diffrn_detector.number_of_axes               ? 
# 
_diffrn_radiation.collimation                      ? 
_diffrn_radiation.diffrn_id                        1 
_diffrn_radiation.filter_edge                      ? 
_diffrn_radiation.inhomogeneity                    ? 
_diffrn_radiation.monochromator                    Si111 
_diffrn_radiation.polarisn_norm                    ? 
_diffrn_radiation.polarisn_ratio                   ? 
_diffrn_radiation.probe                            ? 
_diffrn_radiation.type                             ? 
_diffrn_radiation.xray_symbol                      ? 
_diffrn_radiation.wavelength_id                    1 
_diffrn_radiation.pdbx_monochromatic_or_laue_m_l   M 
_diffrn_radiation.pdbx_wavelength_list             ? 
_diffrn_radiation.pdbx_wavelength                  ? 
_diffrn_radiation.pdbx_diffrn_protocol             'SINGLE WAVELENGTH' 
_diffrn_radiation.pdbx_analyzer                    ? 
_diffrn_radiation.pdbx_scattering_type             x-ray 
# 
_diffrn_radiation_wavelength.id           1 
_diffrn_radiation_wavelength.wavelength   0.987 
_diffrn_radiation_wavelength.wt           1.0 
# 
_diffrn_source.current                     ? 
_diffrn_source.details                     ? 
_diffrn_source.diffrn_id                   1 
_diffrn_source.power                       ? 
_diffrn_source.size                        ? 
_diffrn_source.source                      SYNCHROTRON 
_diffrn_source.target                      ? 
_diffrn_source.type                        'SSRF BEAMLINE BL02U1' 
_diffrn_source.voltage                     ? 
_diffrn_source.take-off_angle              ? 
_diffrn_source.pdbx_wavelength_list        0.987 
_diffrn_source.pdbx_wavelength             ? 
_diffrn_source.pdbx_synchrotron_beamline   BL02U1 
_diffrn_source.pdbx_synchrotron_site       SSRF 
# 
_reflns.B_iso_Wilson_estimate                          54.12 
_reflns.entry_id                                       9L6B 
_reflns.data_reduction_details                         ? 
_reflns.data_reduction_method                          ? 
_reflns.d_resolution_high                              2.30 
_reflns.d_resolution_low                               53.26 
_reflns.details                                        ? 
_reflns.limit_h_max                                    ? 
_reflns.limit_h_min                                    ? 
_reflns.limit_k_max                                    ? 
_reflns.limit_k_min                                    ? 
_reflns.limit_l_max                                    ? 
_reflns.limit_l_min                                    ? 
_reflns.number_all                                     ? 
_reflns.number_obs                                     10353 
_reflns.observed_criterion                             ? 
_reflns.observed_criterion_F_max                       ? 
_reflns.observed_criterion_F_min                       ? 
_reflns.observed_criterion_I_max                       ? 
_reflns.observed_criterion_I_min                       ? 
_reflns.observed_criterion_sigma_F                     ? 
_reflns.observed_criterion_sigma_I                     ? 
_reflns.percent_possible_obs                           92.9 
_reflns.R_free_details                                 ? 
_reflns.Rmerge_F_all                                   ? 
_reflns.Rmerge_F_obs                                   ? 
_reflns.Friedel_coverage                               ? 
_reflns.number_gt                                      ? 
_reflns.threshold_expression                           ? 
_reflns.pdbx_redundancy                                3.7 
_reflns.pdbx_netI_over_av_sigmaI                       ? 
_reflns.pdbx_netI_over_sigmaI                          18.000 
_reflns.pdbx_res_netI_over_av_sigmaI_2                 ? 
_reflns.pdbx_res_netI_over_sigmaI_2                    ? 
_reflns.pdbx_chi_squared                               ? 
_reflns.pdbx_scaling_rejects                           ? 
_reflns.pdbx_d_res_high_opt                            ? 
_reflns.pdbx_d_res_low_opt                             ? 
_reflns.pdbx_d_res_opt_method                          ? 
_reflns.phase_calculation_details                      ? 
_reflns.pdbx_Rrim_I_all                                0.132 
_reflns.pdbx_Rpim_I_all                                0.020 
_reflns.pdbx_d_opt                                     ? 
_reflns.pdbx_number_measured_all                       ? 
_reflns.pdbx_diffrn_id                                 1 
_reflns.pdbx_ordinal                                   1 
_reflns.pdbx_CC_half                                   0.999 
_reflns.pdbx_CC_star                                   ? 
_reflns.pdbx_R_split                                   ? 
_reflns.pdbx_Rmerge_I_obs                              0.131 
_reflns.pdbx_Rmerge_I_all                              ? 
_reflns.pdbx_Rsym_value                                ? 
_reflns.pdbx_CC_split_method                           ? 
_reflns.pdbx_aniso_diffraction_limit_axis_1_ortho[1]   ? 
_reflns.pdbx_aniso_diffraction_limit_axis_1_ortho[2]   ? 
_reflns.pdbx_aniso_diffraction_limit_axis_1_ortho[3]   ? 
_reflns.pdbx_aniso_diffraction_limit_axis_2_ortho[1]   ? 
_reflns.pdbx_aniso_diffraction_limit_axis_2_ortho[2]   ? 
_reflns.pdbx_aniso_diffraction_limit_axis_2_ortho[3]   ? 
_reflns.pdbx_aniso_diffraction_limit_axis_3_ortho[1]   ? 
_reflns.pdbx_aniso_diffraction_limit_axis_3_ortho[2]   ? 
_reflns.pdbx_aniso_diffraction_limit_axis_3_ortho[3]   ? 
_reflns.pdbx_aniso_diffraction_limit_1                 ? 
_reflns.pdbx_aniso_diffraction_limit_2                 ? 
_reflns.pdbx_aniso_diffraction_limit_3                 ? 
_reflns.pdbx_aniso_B_tensor_eigenvector_1_ortho[1]     ? 
_reflns.pdbx_aniso_B_tensor_eigenvector_1_ortho[2]     ? 
_reflns.pdbx_aniso_B_tensor_eigenvector_1_ortho[3]     ? 
_reflns.pdbx_aniso_B_tensor_eigenvector_2_ortho[1]     ? 
_reflns.pdbx_aniso_B_tensor_eigenvector_2_ortho[2]     ? 
_reflns.pdbx_aniso_B_tensor_eigenvector_2_ortho[3]     ? 
_reflns.pdbx_aniso_B_tensor_eigenvector_3_ortho[1]     ? 
_reflns.pdbx_aniso_B_tensor_eigenvector_3_ortho[2]     ? 
_reflns.pdbx_aniso_B_tensor_eigenvector_3_ortho[3]     ? 
_reflns.pdbx_aniso_B_tensor_eigenvalue_1               ? 
_reflns.pdbx_aniso_B_tensor_eigenvalue_2               ? 
_reflns.pdbx_aniso_B_tensor_eigenvalue_3               ? 
_reflns.pdbx_orthogonalization_convention              ? 
_reflns.pdbx_percent_possible_ellipsoidal              ? 
_reflns.pdbx_percent_possible_spherical                ? 
_reflns.pdbx_percent_possible_ellipsoidal_anomalous    ? 
_reflns.pdbx_percent_possible_spherical_anomalous      ? 
_reflns.pdbx_redundancy_anomalous                      ? 
_reflns.pdbx_CC_half_anomalous                         ? 
_reflns.pdbx_absDiff_over_sigma_anomalous              ? 
_reflns.pdbx_percent_possible_anomalous                ? 
_reflns.pdbx_observed_signal_threshold                 ? 
_reflns.pdbx_signal_type                               ? 
_reflns.pdbx_signal_details                            ? 
_reflns.pdbx_signal_software_id                        ? 
# 
_reflns_shell.d_res_high                                    2.303 
_reflns_shell.d_res_low                                     29.469 
_reflns_shell.meanI_over_sigI_all                           ? 
_reflns_shell.meanI_over_sigI_obs                           17.800 
_reflns_shell.number_measured_all                           ? 
_reflns_shell.number_measured_obs                           ? 
_reflns_shell.number_possible                               ? 
_reflns_shell.number_unique_all                             ? 
_reflns_shell.number_unique_obs                             10294 
_reflns_shell.percent_possible_obs                          ? 
_reflns_shell.Rmerge_F_all                                  ? 
_reflns_shell.Rmerge_F_obs                                  ? 
_reflns_shell.meanI_over_sigI_gt                            ? 
_reflns_shell.meanI_over_uI_all                             ? 
_reflns_shell.meanI_over_uI_gt                              ? 
_reflns_shell.number_measured_gt                            ? 
_reflns_shell.number_unique_gt                              ? 
_reflns_shell.percent_possible_gt                           ? 
_reflns_shell.Rmerge_F_gt                                   ? 
_reflns_shell.Rmerge_I_gt                                   ? 
_reflns_shell.pdbx_redundancy                               ? 
_reflns_shell.pdbx_chi_squared                              ? 
_reflns_shell.pdbx_netI_over_sigmaI_all                     ? 
_reflns_shell.pdbx_netI_over_sigmaI_obs                     ? 
_reflns_shell.pdbx_Rrim_I_all                               ? 
_reflns_shell.pdbx_Rpim_I_all                               0.019 
_reflns_shell.pdbx_rejects                                  ? 
_reflns_shell.pdbx_ordinal                                  1 
_reflns_shell.pdbx_diffrn_id                                1 
_reflns_shell.pdbx_CC_half                                  ? 
_reflns_shell.pdbx_CC_star                                  ? 
_reflns_shell.pdbx_R_split                                  ? 
_reflns_shell.percent_possible_all                          98.9 
_reflns_shell.Rmerge_I_all                                  ? 
_reflns_shell.Rmerge_I_obs                                  ? 
_reflns_shell.pdbx_Rsym_value                               ? 
_reflns_shell.pdbx_percent_possible_ellipsoidal             ? 
_reflns_shell.pdbx_percent_possible_spherical               ? 
_reflns_shell.pdbx_percent_possible_ellipsoidal_anomalous   ? 
_reflns_shell.pdbx_percent_possible_spherical_anomalous     ? 
_reflns_shell.pdbx_redundancy_anomalous                     ? 
_reflns_shell.pdbx_CC_half_anomalous                        ? 
_reflns_shell.pdbx_absDiff_over_sigma_anomalous             ? 
_reflns_shell.pdbx_percent_possible_anomalous               ? 
# 
_refine.aniso_B[1][1]                            ? 
_refine.aniso_B[1][2]                            ? 
_refine.aniso_B[1][3]                            ? 
_refine.aniso_B[2][2]                            ? 
_refine.aniso_B[2][3]                            ? 
_refine.aniso_B[3][3]                            ? 
_refine.B_iso_max                                ? 
_refine.B_iso_mean                               64.65 
_refine.B_iso_min                                ? 
_refine.correlation_coeff_Fo_to_Fc               ? 
_refine.correlation_coeff_Fo_to_Fc_free          ? 
_refine.details                                  ? 
_refine.diff_density_max                         ? 
_refine.diff_density_max_esd                     ? 
_refine.diff_density_min                         ? 
_refine.diff_density_min_esd                     ? 
_refine.diff_density_rms                         ? 
_refine.diff_density_rms_esd                     ? 
_refine.entry_id                                 9L6B 
_refine.pdbx_refine_id                           'X-RAY DIFFRACTION' 
_refine.ls_abs_structure_details                 ? 
_refine.ls_abs_structure_Flack                   ? 
_refine.ls_abs_structure_Flack_esd               ? 
_refine.ls_abs_structure_Rogers                  ? 
_refine.ls_abs_structure_Rogers_esd              ? 
_refine.ls_d_res_high                            2.30 
_refine.ls_d_res_low                             29.47 
_refine.ls_extinction_coef                       ? 
_refine.ls_extinction_coef_esd                   ? 
_refine.ls_extinction_expression                 ? 
_refine.ls_extinction_method                     ? 
_refine.ls_goodness_of_fit_all                   ? 
_refine.ls_goodness_of_fit_all_esd               ? 
_refine.ls_goodness_of_fit_obs                   ? 
_refine.ls_goodness_of_fit_obs_esd               ? 
_refine.ls_hydrogen_treatment                    ? 
_refine.ls_matrix_type                           ? 
_refine.ls_number_constraints                    ? 
_refine.ls_number_parameters                     ? 
_refine.ls_number_reflns_all                     ? 
_refine.ls_number_reflns_obs                     10294 
_refine.ls_number_reflns_R_free                  505 
_refine.ls_number_reflns_R_work                  9789 
_refine.ls_number_restraints                     ? 
_refine.ls_percent_reflns_obs                    99.98 
_refine.ls_percent_reflns_R_free                 4.91 
_refine.ls_R_factor_all                          ? 
_refine.ls_R_factor_obs                          0.2309 
_refine.ls_R_factor_R_free                       0.2712 
_refine.ls_R_factor_R_free_error                 ? 
_refine.ls_R_factor_R_free_error_details         ? 
_refine.ls_R_factor_R_work                       0.2290 
_refine.ls_R_Fsqd_factor_obs                     ? 
_refine.ls_R_I_factor_obs                        ? 
_refine.ls_redundancy_reflns_all                 ? 
_refine.ls_redundancy_reflns_obs                 ? 
_refine.ls_restrained_S_all                      ? 
_refine.ls_restrained_S_obs                      ? 
_refine.ls_shift_over_esd_max                    ? 
_refine.ls_shift_over_esd_mean                   ? 
_refine.ls_structure_factor_coef                 ? 
_refine.ls_weighting_details                     ? 
_refine.ls_weighting_scheme                      ? 
_refine.ls_wR_factor_all                         ? 
_refine.ls_wR_factor_obs                         ? 
_refine.ls_wR_factor_R_free                      ? 
_refine.ls_wR_factor_R_work                      ? 
_refine.occupancy_max                            ? 
_refine.occupancy_min                            ? 
_refine.solvent_model_details                    'FLAT BULK SOLVENT MODEL' 
_refine.solvent_model_param_bsol                 ? 
_refine.solvent_model_param_ksol                 ? 
_refine.pdbx_R_complete                          ? 
_refine.ls_R_factor_gt                           ? 
_refine.ls_goodness_of_fit_gt                    ? 
_refine.ls_goodness_of_fit_ref                   ? 
_refine.ls_shift_over_su_max                     ? 
_refine.ls_shift_over_su_max_lt                  ? 
_refine.ls_shift_over_su_mean                    ? 
_refine.ls_shift_over_su_mean_lt                 ? 
_refine.pdbx_ls_sigma_I                          ? 
_refine.pdbx_ls_sigma_F                          1.37 
_refine.pdbx_ls_sigma_Fsqd                       ? 
_refine.pdbx_data_cutoff_high_absF               ? 
_refine.pdbx_data_cutoff_high_rms_absF           ? 
_refine.pdbx_data_cutoff_low_absF                ? 
_refine.pdbx_isotropic_thermal_model             ? 
_refine.pdbx_ls_cross_valid_method               'FREE R-VALUE' 
_refine.pdbx_method_to_determine_struct          'MOLECULAR REPLACEMENT' 
_refine.pdbx_starting_model                      ? 
_refine.pdbx_stereochemistry_target_values       'GeoStd + Monomer Library + CDL v1.2' 
_refine.pdbx_R_Free_selection_details            ? 
_refine.pdbx_stereochem_target_val_spec_case     ? 
_refine.pdbx_overall_ESU_R                       ? 
_refine.pdbx_overall_ESU_R_Free                  ? 
_refine.pdbx_solvent_vdw_probe_radii             1.1000 
_refine.pdbx_solvent_ion_probe_radii             ? 
_refine.pdbx_solvent_shrinkage_radii             0.9000 
_refine.pdbx_real_space_R                        ? 
_refine.pdbx_density_correlation                 ? 
_refine.pdbx_pd_number_of_powder_patterns        ? 
_refine.pdbx_pd_number_of_points                 ? 
_refine.pdbx_pd_meas_number_of_points            ? 
_refine.pdbx_pd_proc_ls_prof_R_factor            ? 
_refine.pdbx_pd_proc_ls_prof_wR_factor           ? 
_refine.pdbx_pd_Marquardt_correlation_coeff      ? 
_refine.pdbx_pd_Fsqrd_R_factor                   ? 
_refine.pdbx_pd_ls_matrix_band_width             ? 
_refine.pdbx_overall_phase_error                 27.7168 
_refine.pdbx_overall_SU_R_free_Cruickshank_DPI   ? 
_refine.pdbx_overall_SU_R_free_Blow_DPI          ? 
_refine.pdbx_overall_SU_R_Blow_DPI               ? 
_refine.pdbx_TLS_residual_ADP_flag               ? 
_refine.pdbx_diffrn_id                           1 
_refine.overall_SU_B                             ? 
_refine.overall_SU_ML                            0.2408 
_refine.overall_SU_R_Cruickshank_DPI             ? 
_refine.overall_SU_R_free                        ? 
_refine.overall_FOM_free_R_set                   ? 
_refine.overall_FOM_work_R_set                   ? 
_refine.pdbx_average_fsc_overall                 ? 
_refine.pdbx_average_fsc_work                    ? 
_refine.pdbx_average_fsc_free                    ? 
# 
_refine_hist.pdbx_refine_id                   'X-RAY DIFFRACTION' 
_refine_hist.cycle_id                         LAST 
_refine_hist.details                          ? 
_refine_hist.d_res_high                       2.30 
_refine_hist.d_res_low                        29.47 
_refine_hist.number_atoms_solvent             81 
_refine_hist.number_atoms_total               1276 
_refine_hist.number_reflns_all                ? 
_refine_hist.number_reflns_obs                ? 
_refine_hist.number_reflns_R_free             ? 
_refine_hist.number_reflns_R_work             ? 
_refine_hist.R_factor_all                     ? 
_refine_hist.R_factor_obs                     ? 
_refine_hist.R_factor_R_free                  ? 
_refine_hist.R_factor_R_work                  ? 
_refine_hist.pdbx_number_residues_total       ? 
_refine_hist.pdbx_B_iso_mean_ligand           ? 
_refine_hist.pdbx_B_iso_mean_solvent          ? 
_refine_hist.pdbx_number_atoms_protein        1195 
_refine_hist.pdbx_number_atoms_nucleic_acid   0 
_refine_hist.pdbx_number_atoms_ligand         0 
_refine_hist.pdbx_number_atoms_lipid          ? 
_refine_hist.pdbx_number_atoms_carb           ? 
_refine_hist.pdbx_pseudo_atom_details         ? 
# 
loop_
_refine_ls_restr.pdbx_refine_id 
_refine_ls_restr.criterion 
_refine_ls_restr.dev_ideal 
_refine_ls_restr.dev_ideal_target 
_refine_ls_restr.number 
_refine_ls_restr.rejects 
_refine_ls_restr.type 
_refine_ls_restr.weight 
_refine_ls_restr.pdbx_restraint_function 
'X-RAY DIFFRACTION' ? 0.0100  ? 1225 ? f_bond_d           ? ? 
'X-RAY DIFFRACTION' ? 1.0884  ? 1650 ? f_angle_d          ? ? 
'X-RAY DIFFRACTION' ? 0.0535  ? 164  ? f_chiral_restr     ? ? 
'X-RAY DIFFRACTION' ? 0.0091  ? 217  ? f_plane_restr      ? ? 
'X-RAY DIFFRACTION' ? 17.4616 ? 449  ? f_dihedral_angle_d ? ? 
# 
loop_
_refine_ls_shell.pdbx_refine_id 
_refine_ls_shell.d_res_high 
_refine_ls_shell.d_res_low 
_refine_ls_shell.number_reflns_all 
_refine_ls_shell.number_reflns_obs 
_refine_ls_shell.number_reflns_R_free 
_refine_ls_shell.number_reflns_R_work 
_refine_ls_shell.percent_reflns_obs 
_refine_ls_shell.percent_reflns_R_free 
_refine_ls_shell.R_factor_all 
_refine_ls_shell.R_factor_obs 
_refine_ls_shell.R_factor_R_free_error 
_refine_ls_shell.R_factor_R_work 
_refine_ls_shell.redundancy_reflns_all 
_refine_ls_shell.redundancy_reflns_obs 
_refine_ls_shell.wR_factor_all 
_refine_ls_shell.wR_factor_obs 
_refine_ls_shell.wR_factor_R_free 
_refine_ls_shell.wR_factor_R_work 
_refine_ls_shell.pdbx_R_complete 
_refine_ls_shell.pdbx_total_number_of_bins_used 
_refine_ls_shell.pdbx_phase_error 
_refine_ls_shell.pdbx_fsc_work 
_refine_ls_shell.pdbx_fsc_free 
_refine_ls_shell.R_factor_R_free 
'X-RAY DIFFRACTION' 2.30 2.53  . . 135 2351 100.00 . . . . 0.2292 . . . . . . . . . . . 0.2779 
'X-RAY DIFFRACTION' 2.53 2.90  . . 139 2386 99.92  . . . . 0.2587 . . . . . . . . . . . 0.3392 
'X-RAY DIFFRACTION' 2.90 3.65  . . 107 2463 100.00 . . . . 0.2555 . . . . . . . . . . . 0.3043 
'X-RAY DIFFRACTION' 3.65 29.47 . . 124 2589 100.00 . . . . 0.2118 . . . . . . . . . . . 0.2429 
# 
_struct.entry_id                     9L6B 
_struct.title                        'A ROS-Sensing Transcription Factor Promotes RpoS Accumulation to Resist Oxidative Stress' 
_struct.pdbx_model_details           ? 
_struct.pdbx_formula_weight          ? 
_struct.pdbx_formula_weight_method   ? 
_struct.pdbx_model_type_details      ? 
_struct.pdbx_CASP_flag               N 
# 
_struct_keywords.entry_id        9L6B 
_struct_keywords.text            'DNA binding, DNA BINDING PROTEIN' 
_struct_keywords.pdbx_keywords   'DNA BINDING PROTEIN' 
# 
loop_
_struct_asym.id 
_struct_asym.pdbx_blank_PDB_chainid_flag 
_struct_asym.pdbx_modified 
_struct_asym.entity_id 
_struct_asym.details 
A N N 1 ? 
B N N 2 ? 
C N N 3 ? 
D N N 4 ? 
E N N 4 ? 
F N N 4 ? 
# 
loop_
_struct_ref.id 
_struct_ref.db_name 
_struct_ref.db_code 
_struct_ref.pdbx_db_accession 
_struct_ref.pdbx_db_isoform 
_struct_ref.entity_id 
_struct_ref.pdbx_seq_one_letter_code 
_struct_ref.pdbx_align_begin 
1 UNP A0A0F6B249_SALT1 A0A0F6B249 ? 1 MSQPCPCGSADEYSLCCGRIVSGERVAPDPSHLMRSRYCAFVMKDADYLIKSWHPTCNAA 1   
2 UNP A0A0F6B249_SALT1 A0A0F6B249 ? 2 AFRDDIIAGFANTRWLGLTIFEHTWSEAENTGYVSFIARFSEQGKNGAIIERSRFIKENG 61  
3 UNP A0A0F6B249_SALT1 A0A0F6B249 ? 3 QWYYIDGTRPQLGRNDPCPCGSGKKFKKCCGQ                             121 
# 
loop_
_struct_ref_seq.align_id 
_struct_ref_seq.ref_id 
_struct_ref_seq.pdbx_PDB_id_code 
_struct_ref_seq.pdbx_strand_id 
_struct_ref_seq.seq_align_beg 
_struct_ref_seq.pdbx_seq_align_beg_ins_code 
_struct_ref_seq.seq_align_end 
_struct_ref_seq.pdbx_seq_align_end_ins_code 
_struct_ref_seq.pdbx_db_accession 
_struct_ref_seq.db_align_beg 
_struct_ref_seq.pdbx_db_align_beg_ins_code 
_struct_ref_seq.db_align_end 
_struct_ref_seq.pdbx_db_align_end_ins_code 
_struct_ref_seq.pdbx_auth_seq_align_beg 
_struct_ref_seq.pdbx_auth_seq_align_end 
1 1 9L6B A 1 ? 60 ? A0A0F6B249 1   ? 60  ? 1   60  
2 2 9L6B B 1 ? 60 ? A0A0F6B249 61  ? 120 ? 61  120 
3 3 9L6B C 1 ? 32 ? A0A0F6B249 121 ? 152 ? 121 152 
# 
_pdbx_struct_assembly.id                   1 
_pdbx_struct_assembly.details              author_and_software_defined_assembly 
_pdbx_struct_assembly.method_details       PISA 
_pdbx_struct_assembly.oligomeric_details   trimeric 
_pdbx_struct_assembly.oligomeric_count     3 
# 
loop_
_pdbx_struct_assembly_prop.biol_id 
_pdbx_struct_assembly_prop.type 
_pdbx_struct_assembly_prop.value 
_pdbx_struct_assembly_prop.details 
1 'ABSA (A^2)' 4130 ? 
1 MORE         -35  ? 
1 'SSA (A^2)'  8780 ? 
# 
_pdbx_struct_assembly_gen.assembly_id       1 
_pdbx_struct_assembly_gen.oper_expression   1 
_pdbx_struct_assembly_gen.asym_id_list      A,B,C,D,E,F 
# 
_pdbx_struct_assembly_auth_evidence.id                     1 
_pdbx_struct_assembly_auth_evidence.assembly_id            1 
_pdbx_struct_assembly_auth_evidence.experimental_support   none 
_pdbx_struct_assembly_auth_evidence.details                ? 
# 
_pdbx_struct_oper_list.id                   1 
_pdbx_struct_oper_list.type                 'identity operation' 
_pdbx_struct_oper_list.name                 1_555 
_pdbx_struct_oper_list.symmetry_operation   x,y,z 
_pdbx_struct_oper_list.matrix[1][1]         1.0000000000 
_pdbx_struct_oper_list.matrix[1][2]         0.0000000000 
_pdbx_struct_oper_list.matrix[1][3]         0.0000000000 
_pdbx_struct_oper_list.vector[1]            0.0000000000 
_pdbx_struct_oper_list.matrix[2][1]         0.0000000000 
_pdbx_struct_oper_list.matrix[2][2]         1.0000000000 
_pdbx_struct_oper_list.matrix[2][3]         0.0000000000 
_pdbx_struct_oper_list.vector[2]            0.0000000000 
_pdbx_struct_oper_list.matrix[3][1]         0.0000000000 
_pdbx_struct_oper_list.matrix[3][2]         0.0000000000 
_pdbx_struct_oper_list.matrix[3][3]         1.0000000000 
_pdbx_struct_oper_list.vector[3]            0.0000000000 
# 
loop_
_struct_conf.conf_type_id 
_struct_conf.id 
_struct_conf.pdbx_PDB_helix_id 
_struct_conf.beg_label_comp_id 
_struct_conf.beg_label_asym_id 
_struct_conf.beg_label_seq_id 
_struct_conf.pdbx_beg_PDB_ins_code 
_struct_conf.end_label_comp_id 
_struct_conf.end_label_asym_id 
_struct_conf.end_label_seq_id 
_struct_conf.pdbx_end_PDB_ins_code 
_struct_conf.beg_auth_comp_id 
_struct_conf.beg_auth_asym_id 
_struct_conf.beg_auth_seq_id 
_struct_conf.end_auth_comp_id 
_struct_conf.end_auth_asym_id 
_struct_conf.end_auth_seq_id 
_struct_conf.pdbx_PDB_helix_class 
_struct_conf.details 
_struct_conf.pdbx_PDB_helix_length 
HELX_P HELX_P1 AA1 GLU A 12 ? LEU A 15 ? GLU A 12 LEU A 15 5 ? 4  
HELX_P HELX_P2 AA2 CYS A 16 ? SER A 22 ? CYS A 16 SER A 22 1 ? 7  
HELX_P HELX_P3 AA3 ASP A 29 ? MET A 43 ? ASP A 29 MET A 43 1 ? 15 
HELX_P HELX_P4 AA4 ASP A 45 ? TRP A 53 ? ASP A 45 TRP A 53 1 ? 9  
HELX_P HELX_P5 AA5 HIS A 54 ? ASN A 58 ? HIS A 54 ASN A 58 5 ? 5  
HELX_P HELX_P6 AA6 PHE B 2  ? ALA B 11 ? PHE B 62 ALA B 71 1 ? 10 
# 
_struct_conf_type.id          HELX_P 
_struct_conf_type.criteria    ? 
_struct_conf_type.reference   ? 
# 
loop_
_struct_conn.id 
_struct_conn.conn_type_id 
_struct_conn.pdbx_leaving_atom_flag 
_struct_conn.pdbx_PDB_id 
_struct_conn.ptnr1_label_asym_id 
_struct_conn.ptnr1_label_comp_id 
_struct_conn.ptnr1_label_seq_id 
_struct_conn.ptnr1_label_atom_id 
_struct_conn.pdbx_ptnr1_label_alt_id 
_struct_conn.pdbx_ptnr1_PDB_ins_code 
_struct_conn.pdbx_ptnr1_standard_comp_id 
_struct_conn.ptnr1_symmetry 
_struct_conn.ptnr2_label_asym_id 
_struct_conn.ptnr2_label_comp_id 
_struct_conn.ptnr2_label_seq_id 
_struct_conn.ptnr2_label_atom_id 
_struct_conn.pdbx_ptnr2_label_alt_id 
_struct_conn.pdbx_ptnr2_PDB_ins_code 
_struct_conn.ptnr1_auth_asym_id 
_struct_conn.ptnr1_auth_comp_id 
_struct_conn.ptnr1_auth_seq_id 
_struct_conn.ptnr2_auth_asym_id 
_struct_conn.ptnr2_auth_comp_id 
_struct_conn.ptnr2_auth_seq_id 
_struct_conn.ptnr2_symmetry 
_struct_conn.pdbx_ptnr3_label_atom_id 
_struct_conn.pdbx_ptnr3_label_seq_id 
_struct_conn.pdbx_ptnr3_label_comp_id 
_struct_conn.pdbx_ptnr3_label_asym_id 
_struct_conn.pdbx_ptnr3_label_alt_id 
_struct_conn.pdbx_ptnr3_PDB_ins_code 
_struct_conn.details 
_struct_conn.pdbx_dist_value 
_struct_conn.pdbx_value_order 
_struct_conn.pdbx_role 
disulf1 disulf ? ? A CYS 5  SG ? ? ? 1_555 A CYS 7  SG ? ? A CYS 5   A CYS 7   1_555 ? ? ? ? ? ? ? 2.068 ? ? 
disulf2 disulf ? ? A CYS 7  SG ? ? ? 1_555 A CYS 16 SG ? ? A CYS 7   A CYS 16  1_555 ? ? ? ? ? ? ? 2.068 ? ? 
disulf3 disulf ? ? A CYS 7  SG ? ? ? 1_555 A CYS 17 SG ? ? A CYS 7   A CYS 17  1_555 ? ? ? ? ? ? ? 2.044 ? ? 
disulf4 disulf ? ? C CYS 18 SG ? ? ? 1_555 C CYS 20 SG ? ? C CYS 138 C CYS 140 1_555 ? ? ? ? ? ? ? 2.046 ? ? 
disulf5 disulf ? ? C CYS 18 SG ? ? ? 1_555 C CYS 29 SG ? ? C CYS 138 C CYS 149 1_555 ? ? ? ? ? ? ? 2.040 ? ? 
disulf6 disulf ? ? C CYS 20 SG ? ? ? 1_555 C CYS 29 SG ? ? C CYS 140 C CYS 149 1_555 ? ? ? ? ? ? ? 2.011 ? ? 
# 
_struct_conn_type.id          disulf 
_struct_conn_type.criteria    ? 
_struct_conn_type.reference   ? 
# 
loop_
_pdbx_modification_feature.ordinal 
_pdbx_modification_feature.label_comp_id 
_pdbx_modification_feature.label_asym_id 
_pdbx_modification_feature.label_seq_id 
_pdbx_modification_feature.label_alt_id 
_pdbx_modification_feature.modified_residue_label_comp_id 
_pdbx_modification_feature.modified_residue_label_asym_id 
_pdbx_modification_feature.modified_residue_label_seq_id 
_pdbx_modification_feature.modified_residue_label_alt_id 
_pdbx_modification_feature.auth_comp_id 
_pdbx_modification_feature.auth_asym_id 
_pdbx_modification_feature.auth_seq_id 
_pdbx_modification_feature.PDB_ins_code 
_pdbx_modification_feature.symmetry 
_pdbx_modification_feature.modified_residue_auth_comp_id 
_pdbx_modification_feature.modified_residue_auth_asym_id 
_pdbx_modification_feature.modified_residue_auth_seq_id 
_pdbx_modification_feature.modified_residue_PDB_ins_code 
_pdbx_modification_feature.modified_residue_symmetry 
_pdbx_modification_feature.comp_id_linking_atom 
_pdbx_modification_feature.modified_residue_id_linking_atom 
_pdbx_modification_feature.modified_residue_id 
_pdbx_modification_feature.ref_pcm_id 
_pdbx_modification_feature.ref_comp_id 
_pdbx_modification_feature.type 
_pdbx_modification_feature.category 
1 CYS A 5  ? CYS A 7  ? CYS A 5   ? 1_555 CYS A 7   ? 1_555 SG SG . . . None 'Disulfide bridge' 
2 CYS A 7  ? CYS A 16 ? CYS A 7   ? 1_555 CYS A 16  ? 1_555 SG SG . . . None 'Disulfide bridge' 
3 CYS A 7  ? CYS A 17 ? CYS A 7   ? 1_555 CYS A 17  ? 1_555 SG SG . . . None 'Disulfide bridge' 
4 CYS C 18 ? CYS C 20 ? CYS C 138 ? 1_555 CYS C 140 ? 1_555 SG SG . . . None 'Disulfide bridge' 
5 CYS C 18 ? CYS C 29 ? CYS C 138 ? 1_555 CYS C 149 ? 1_555 SG SG . . . None 'Disulfide bridge' 
6 CYS C 20 ? CYS C 29 ? CYS C 140 ? 1_555 CYS C 149 ? 1_555 SG SG . . . None 'Disulfide bridge' 
# 
_struct_sheet.id               AA1 
_struct_sheet.type             ? 
_struct_sheet.number_strands   4 
_struct_sheet.details          ? 
# 
loop_
_struct_sheet_order.sheet_id 
_struct_sheet_order.range_id_1 
_struct_sheet_order.range_id_2 
_struct_sheet_order.offset 
_struct_sheet_order.sense 
AA1 1 2 ? anti-parallel 
AA1 2 3 ? anti-parallel 
AA1 3 4 ? anti-parallel 
# 
loop_
_struct_sheet_range.sheet_id 
_struct_sheet_range.id 
_struct_sheet_range.beg_label_comp_id 
_struct_sheet_range.beg_label_asym_id 
_struct_sheet_range.beg_label_seq_id 
_struct_sheet_range.pdbx_beg_PDB_ins_code 
_struct_sheet_range.end_label_comp_id 
_struct_sheet_range.end_label_asym_id 
_struct_sheet_range.end_label_seq_id 
_struct_sheet_range.pdbx_end_PDB_ins_code 
_struct_sheet_range.beg_auth_comp_id 
_struct_sheet_range.beg_auth_asym_id 
_struct_sheet_range.beg_auth_seq_id 
_struct_sheet_range.end_auth_comp_id 
_struct_sheet_range.end_auth_asym_id 
_struct_sheet_range.end_auth_seq_id 
AA1 1 ARG B 14 ? SER B 26 ? ARG B 74  SER B 86  
AA1 2 THR B 31 ? GLU B 42 ? THR B 91  GLU B 102 
AA1 3 LYS B 45 ? LYS B 57 ? LYS B 105 LYS B 117 
AA1 4 TRP C 2  ? THR C 8  ? TRP C 122 THR C 128 
# 
loop_
_pdbx_struct_sheet_hbond.sheet_id 
_pdbx_struct_sheet_hbond.range_id_1 
_pdbx_struct_sheet_hbond.range_id_2 
_pdbx_struct_sheet_hbond.range_1_label_atom_id 
_pdbx_struct_sheet_hbond.range_1_label_comp_id 
_pdbx_struct_sheet_hbond.range_1_label_asym_id 
_pdbx_struct_sheet_hbond.range_1_label_seq_id 
_pdbx_struct_sheet_hbond.range_1_PDB_ins_code 
_pdbx_struct_sheet_hbond.range_1_auth_atom_id 
_pdbx_struct_sheet_hbond.range_1_auth_comp_id 
_pdbx_struct_sheet_hbond.range_1_auth_asym_id 
_pdbx_struct_sheet_hbond.range_1_auth_seq_id 
_pdbx_struct_sheet_hbond.range_2_label_atom_id 
_pdbx_struct_sheet_hbond.range_2_label_comp_id 
_pdbx_struct_sheet_hbond.range_2_label_asym_id 
_pdbx_struct_sheet_hbond.range_2_label_seq_id 
_pdbx_struct_sheet_hbond.range_2_PDB_ins_code 
_pdbx_struct_sheet_hbond.range_2_auth_atom_id 
_pdbx_struct_sheet_hbond.range_2_auth_comp_id 
_pdbx_struct_sheet_hbond.range_2_auth_asym_id 
_pdbx_struct_sheet_hbond.range_2_auth_seq_id 
AA1 1 2 N LEU B 16 ? N LEU B 76  O ARG B 39 ? O ARG B 99  
AA1 2 3 N GLY B 32 ? N GLY B 92  O PHE B 55 ? O PHE B 115 
AA1 3 4 N ARG B 54 ? N ARG B 114 O ASP C 6  ? O ASP C 126 
# 
_pdbx_entry_details.entry_id                   9L6B 
_pdbx_entry_details.compound_details           ? 
_pdbx_entry_details.source_details             ? 
_pdbx_entry_details.nonpolymer_details         ? 
_pdbx_entry_details.sequence_details           ? 
_pdbx_entry_details.has_ligand_of_interest     ? 
_pdbx_entry_details.has_protein_modification   Y 
# 
_pdbx_validate_rmsd_bond.id                        1 
_pdbx_validate_rmsd_bond.PDB_model_num             1 
_pdbx_validate_rmsd_bond.auth_atom_id_1            CB 
_pdbx_validate_rmsd_bond.auth_asym_id_1            A 
_pdbx_validate_rmsd_bond.auth_comp_id_1            CYS 
_pdbx_validate_rmsd_bond.auth_seq_id_1             7 
_pdbx_validate_rmsd_bond.PDB_ins_code_1            ? 
_pdbx_validate_rmsd_bond.label_alt_id_1            ? 
_pdbx_validate_rmsd_bond.auth_atom_id_2            SG 
_pdbx_validate_rmsd_bond.auth_asym_id_2            A 
_pdbx_validate_rmsd_bond.auth_comp_id_2            CYS 
_pdbx_validate_rmsd_bond.auth_seq_id_2             7 
_pdbx_validate_rmsd_bond.PDB_ins_code_2            ? 
_pdbx_validate_rmsd_bond.label_alt_id_2            ? 
_pdbx_validate_rmsd_bond.bond_value                2.004 
_pdbx_validate_rmsd_bond.bond_target_value         1.818 
_pdbx_validate_rmsd_bond.bond_deviation            0.186 
_pdbx_validate_rmsd_bond.bond_standard_deviation   0.017 
_pdbx_validate_rmsd_bond.linker_flag               N 
# 
_pdbx_validate_rmsd_angle.id                         1 
_pdbx_validate_rmsd_angle.PDB_model_num              1 
_pdbx_validate_rmsd_angle.auth_atom_id_1             CA 
_pdbx_validate_rmsd_angle.auth_asym_id_1             A 
_pdbx_validate_rmsd_angle.auth_comp_id_1             CYS 
_pdbx_validate_rmsd_angle.auth_seq_id_1              7 
_pdbx_validate_rmsd_angle.PDB_ins_code_1             ? 
_pdbx_validate_rmsd_angle.label_alt_id_1             ? 
_pdbx_validate_rmsd_angle.auth_atom_id_2             CB 
_pdbx_validate_rmsd_angle.auth_asym_id_2             A 
_pdbx_validate_rmsd_angle.auth_comp_id_2             CYS 
_pdbx_validate_rmsd_angle.auth_seq_id_2              7 
_pdbx_validate_rmsd_angle.PDB_ins_code_2             ? 
_pdbx_validate_rmsd_angle.label_alt_id_2             ? 
_pdbx_validate_rmsd_angle.auth_atom_id_3             SG 
_pdbx_validate_rmsd_angle.auth_asym_id_3             A 
_pdbx_validate_rmsd_angle.auth_comp_id_3             CYS 
_pdbx_validate_rmsd_angle.auth_seq_id_3              7 
_pdbx_validate_rmsd_angle.PDB_ins_code_3             ? 
_pdbx_validate_rmsd_angle.label_alt_id_3             ? 
_pdbx_validate_rmsd_angle.angle_value                126.40 
_pdbx_validate_rmsd_angle.angle_target_value         114.20 
_pdbx_validate_rmsd_angle.angle_deviation            12.20 
_pdbx_validate_rmsd_angle.angle_standard_deviation   1.10 
_pdbx_validate_rmsd_angle.linker_flag                N 
# 
loop_
_pdbx_validate_torsion.id 
_pdbx_validate_torsion.PDB_model_num 
_pdbx_validate_torsion.auth_comp_id 
_pdbx_validate_torsion.auth_asym_id 
_pdbx_validate_torsion.auth_seq_id 
_pdbx_validate_torsion.PDB_ins_code 
_pdbx_validate_torsion.label_alt_id 
_pdbx_validate_torsion.phi 
_pdbx_validate_torsion.psi 
1 1 SER A 2   ? ? -136.65 -159.65 
2 1 CYS A 16  ? ? -107.41 -106.62 
3 1 ASN B 119 ? ? 70.02   165.09  
4 1 ILE C 125 ? ? -130.73 -57.44  
5 1 CYS C 149 ? ? -75.34  -74.14  
# 
_pdbx_validate_peptide_omega.id               1 
_pdbx_validate_peptide_omega.PDB_model_num    1 
_pdbx_validate_peptide_omega.auth_comp_id_1   SER 
_pdbx_validate_peptide_omega.auth_asym_id_1   A 
_pdbx_validate_peptide_omega.auth_seq_id_1    2 
_pdbx_validate_peptide_omega.PDB_ins_code_1   ? 
_pdbx_validate_peptide_omega.label_alt_id_1   ? 
_pdbx_validate_peptide_omega.auth_comp_id_2   GLN 
_pdbx_validate_peptide_omega.auth_asym_id_2   A 
_pdbx_validate_peptide_omega.auth_seq_id_2    3 
_pdbx_validate_peptide_omega.PDB_ins_code_2   ? 
_pdbx_validate_peptide_omega.label_alt_id_2   ? 
_pdbx_validate_peptide_omega.omega            -146.90 
# 
_pdbx_struct_special_symmetry.id              1 
_pdbx_struct_special_symmetry.PDB_model_num   1 
_pdbx_struct_special_symmetry.auth_asym_id    A 
_pdbx_struct_special_symmetry.auth_comp_id    HOH 
_pdbx_struct_special_symmetry.auth_seq_id     116 
_pdbx_struct_special_symmetry.PDB_ins_code    ? 
_pdbx_struct_special_symmetry.label_asym_id   D 
_pdbx_struct_special_symmetry.label_comp_id   HOH 
_pdbx_struct_special_symmetry.label_seq_id    . 
# 
loop_
_space_group_symop.id 
_space_group_symop.operation_xyz 
1 x,y,z               
2 -y+1/2,x+1/2,z+3/4  
3 y+1/2,-x+1/2,z+1/4  
4 x+1/2,-y+1/2,-z+1/4 
5 -x+1/2,y+1/2,-z+3/4 
6 -x,-y,z+1/2         
7 y,x,-z              
8 -y,-x,-z+1/2        
# 
loop_
_chem_comp_atom.comp_id 
_chem_comp_atom.atom_id 
_chem_comp_atom.type_symbol 
_chem_comp_atom.pdbx_aromatic_flag 
_chem_comp_atom.pdbx_stereo_config 
_chem_comp_atom.pdbx_ordinal 
ALA N    N N N 1   
ALA CA   C N S 2   
ALA C    C N N 3   
ALA O    O N N 4   
ALA CB   C N N 5   
ALA OXT  O N N 6   
ALA H    H N N 7   
ALA H2   H N N 8   
ALA HA   H N N 9   
ALA HB1  H N N 10  
ALA HB2  H N N 11  
ALA HB3  H N N 12  
ALA HXT  H N N 13  
ARG N    N N N 14  
ARG CA   C N S 15  
ARG C    C N N 16  
ARG O    O N N 17  
ARG CB   C N N 18  
ARG CG   C N N 19  
ARG CD   C N N 20  
ARG NE   N N N 21  
ARG CZ   C N N 22  
ARG NH1  N N N 23  
ARG NH2  N N N 24  
ARG OXT  O N N 25  
ARG H    H N N 26  
ARG H2   H N N 27  
ARG HA   H N N 28  
ARG HB2  H N N 29  
ARG HB3  H N N 30  
ARG HG2  H N N 31  
ARG HG3  H N N 32  
ARG HD2  H N N 33  
ARG HD3  H N N 34  
ARG HE   H N N 35  
ARG HH11 H N N 36  
ARG HH12 H N N 37  
ARG HH21 H N N 38  
ARG HH22 H N N 39  
ARG HXT  H N N 40  
ASN N    N N N 41  
ASN CA   C N S 42  
ASN C    C N N 43  
ASN O    O N N 44  
ASN CB   C N N 45  
ASN CG   C N N 46  
ASN OD1  O N N 47  
ASN ND2  N N N 48  
ASN OXT  O N N 49  
ASN H    H N N 50  
ASN H2   H N N 51  
ASN HA   H N N 52  
ASN HB2  H N N 53  
ASN HB3  H N N 54  
ASN HD21 H N N 55  
ASN HD22 H N N 56  
ASN HXT  H N N 57  
ASP N    N N N 58  
ASP CA   C N S 59  
ASP C    C N N 60  
ASP O    O N N 61  
ASP CB   C N N 62  
ASP CG   C N N 63  
ASP OD1  O N N 64  
ASP OD2  O N N 65  
ASP OXT  O N N 66  
ASP H    H N N 67  
ASP H2   H N N 68  
ASP HA   H N N 69  
ASP HB2  H N N 70  
ASP HB3  H N N 71  
ASP HD2  H N N 72  
ASP HXT  H N N 73  
CYS N    N N N 74  
CYS CA   C N R 75  
CYS C    C N N 76  
CYS O    O N N 77  
CYS CB   C N N 78  
CYS SG   S N N 79  
CYS OXT  O N N 80  
CYS H    H N N 81  
CYS H2   H N N 82  
CYS HA   H N N 83  
CYS HB2  H N N 84  
CYS HB3  H N N 85  
CYS HG   H N N 86  
CYS HXT  H N N 87  
GLN N    N N N 88  
GLN CA   C N S 89  
GLN C    C N N 90  
GLN O    O N N 91  
GLN CB   C N N 92  
GLN CG   C N N 93  
GLN CD   C N N 94  
GLN OE1  O N N 95  
GLN NE2  N N N 96  
GLN OXT  O N N 97  
GLN H    H N N 98  
GLN H2   H N N 99  
GLN HA   H N N 100 
GLN HB2  H N N 101 
GLN HB3  H N N 102 
GLN HG2  H N N 103 
GLN HG3  H N N 104 
GLN HE21 H N N 105 
GLN HE22 H N N 106 
GLN HXT  H N N 107 
GLU N    N N N 108 
GLU CA   C N S 109 
GLU C    C N N 110 
GLU O    O N N 111 
GLU CB   C N N 112 
GLU CG   C N N 113 
GLU CD   C N N 114 
GLU OE1  O N N 115 
GLU OE2  O N N 116 
GLU OXT  O N N 117 
GLU H    H N N 118 
GLU H2   H N N 119 
GLU HA   H N N 120 
GLU HB2  H N N 121 
GLU HB3  H N N 122 
GLU HG2  H N N 123 
GLU HG3  H N N 124 
GLU HE2  H N N 125 
GLU HXT  H N N 126 
GLY N    N N N 127 
GLY CA   C N N 128 
GLY C    C N N 129 
GLY O    O N N 130 
GLY OXT  O N N 131 
GLY H    H N N 132 
GLY H2   H N N 133 
GLY HA2  H N N 134 
GLY HA3  H N N 135 
GLY HXT  H N N 136 
HIS N    N N N 137 
HIS CA   C N S 138 
HIS C    C N N 139 
HIS O    O N N 140 
HIS CB   C N N 141 
HIS CG   C Y N 142 
HIS ND1  N Y N 143 
HIS CD2  C Y N 144 
HIS CE1  C Y N 145 
HIS NE2  N Y N 146 
HIS OXT  O N N 147 
HIS H    H N N 148 
HIS H2   H N N 149 
HIS HA   H N N 150 
HIS HB2  H N N 151 
HIS HB3  H N N 152 
HIS HD1  H N N 153 
HIS HD2  H N N 154 
HIS HE1  H N N 155 
HIS HE2  H N N 156 
HIS HXT  H N N 157 
HOH O    O N N 158 
HOH H1   H N N 159 
HOH H2   H N N 160 
ILE N    N N N 161 
ILE CA   C N S 162 
ILE C    C N N 163 
ILE O    O N N 164 
ILE CB   C N S 165 
ILE CG1  C N N 166 
ILE CG2  C N N 167 
ILE CD1  C N N 168 
ILE OXT  O N N 169 
ILE H    H N N 170 
ILE H2   H N N 171 
ILE HA   H N N 172 
ILE HB   H N N 173 
ILE HG12 H N N 174 
ILE HG13 H N N 175 
ILE HG21 H N N 176 
ILE HG22 H N N 177 
ILE HG23 H N N 178 
ILE HD11 H N N 179 
ILE HD12 H N N 180 
ILE HD13 H N N 181 
ILE HXT  H N N 182 
LEU N    N N N 183 
LEU CA   C N S 184 
LEU C    C N N 185 
LEU O    O N N 186 
LEU CB   C N N 187 
LEU CG   C N N 188 
LEU CD1  C N N 189 
LEU CD2  C N N 190 
LEU OXT  O N N 191 
LEU H    H N N 192 
LEU H2   H N N 193 
LEU HA   H N N 194 
LEU HB2  H N N 195 
LEU HB3  H N N 196 
LEU HG   H N N 197 
LEU HD11 H N N 198 
LEU HD12 H N N 199 
LEU HD13 H N N 200 
LEU HD21 H N N 201 
LEU HD22 H N N 202 
LEU HD23 H N N 203 
LEU HXT  H N N 204 
LYS N    N N N 205 
LYS CA   C N S 206 
LYS C    C N N 207 
LYS O    O N N 208 
LYS CB   C N N 209 
LYS CG   C N N 210 
LYS CD   C N N 211 
LYS CE   C N N 212 
LYS NZ   N N N 213 
LYS OXT  O N N 214 
LYS H    H N N 215 
LYS H2   H N N 216 
LYS HA   H N N 217 
LYS HB2  H N N 218 
LYS HB3  H N N 219 
LYS HG2  H N N 220 
LYS HG3  H N N 221 
LYS HD2  H N N 222 
LYS HD3  H N N 223 
LYS HE2  H N N 224 
LYS HE3  H N N 225 
LYS HZ1  H N N 226 
LYS HZ2  H N N 227 
LYS HZ3  H N N 228 
LYS HXT  H N N 229 
MET N    N N N 230 
MET CA   C N S 231 
MET C    C N N 232 
MET O    O N N 233 
MET CB   C N N 234 
MET CG   C N N 235 
MET SD   S N N 236 
MET CE   C N N 237 
MET OXT  O N N 238 
MET H    H N N 239 
MET H2   H N N 240 
MET HA   H N N 241 
MET HB2  H N N 242 
MET HB3  H N N 243 
MET HG2  H N N 244 
MET HG3  H N N 245 
MET HE1  H N N 246 
MET HE2  H N N 247 
MET HE3  H N N 248 
MET HXT  H N N 249 
PHE N    N N N 250 
PHE CA   C N S 251 
PHE C    C N N 252 
PHE O    O N N 253 
PHE CB   C N N 254 
PHE CG   C Y N 255 
PHE CD1  C Y N 256 
PHE CD2  C Y N 257 
PHE CE1  C Y N 258 
PHE CE2  C Y N 259 
PHE CZ   C Y N 260 
PHE OXT  O N N 261 
PHE H    H N N 262 
PHE H2   H N N 263 
PHE HA   H N N 264 
PHE HB2  H N N 265 
PHE HB3  H N N 266 
PHE HD1  H N N 267 
PHE HD2  H N N 268 
PHE HE1  H N N 269 
PHE HE2  H N N 270 
PHE HZ   H N N 271 
PHE HXT  H N N 272 
PRO N    N N N 273 
PRO CA   C N S 274 
PRO C    C N N 275 
PRO O    O N N 276 
PRO CB   C N N 277 
PRO CG   C N N 278 
PRO CD   C N N 279 
PRO OXT  O N N 280 
PRO H    H N N 281 
PRO HA   H N N 282 
PRO HB2  H N N 283 
PRO HB3  H N N 284 
PRO HG2  H N N 285 
PRO HG3  H N N 286 
PRO HD2  H N N 287 
PRO HD3  H N N 288 
PRO HXT  H N N 289 
SER N    N N N 290 
SER CA   C N S 291 
SER C    C N N 292 
SER O    O N N 293 
SER CB   C N N 294 
SER OG   O N N 295 
SER OXT  O N N 296 
SER H    H N N 297 
SER H2   H N N 298 
SER HA   H N N 299 
SER HB2  H N N 300 
SER HB3  H N N 301 
SER HG   H N N 302 
SER HXT  H N N 303 
THR N    N N N 304 
THR CA   C N S 305 
THR C    C N N 306 
THR O    O N N 307 
THR CB   C N R 308 
THR OG1  O N N 309 
THR CG2  C N N 310 
THR OXT  O N N 311 
THR H    H N N 312 
THR H2   H N N 313 
THR HA   H N N 314 
THR HB   H N N 315 
THR HG1  H N N 316 
THR HG21 H N N 317 
THR HG22 H N N 318 
THR HG23 H N N 319 
THR HXT  H N N 320 
TRP N    N N N 321 
TRP CA   C N S 322 
TRP C    C N N 323 
TRP O    O N N 324 
TRP CB   C N N 325 
TRP CG   C Y N 326 
TRP CD1  C Y N 327 
TRP CD2  C Y N 328 
TRP NE1  N Y N 329 
TRP CE2  C Y N 330 
TRP CE3  C Y N 331 
TRP CZ2  C Y N 332 
TRP CZ3  C Y N 333 
TRP CH2  C Y N 334 
TRP OXT  O N N 335 
TRP H    H N N 336 
TRP H2   H N N 337 
TRP HA   H N N 338 
TRP HB2  H N N 339 
TRP HB3  H N N 340 
TRP HD1  H N N 341 
TRP HE1  H N N 342 
TRP HE3  H N N 343 
TRP HZ2  H N N 344 
TRP HZ3  H N N 345 
TRP HH2  H N N 346 
TRP HXT  H N N 347 
TYR N    N N N 348 
TYR CA   C N S 349 
TYR C    C N N 350 
TYR O    O N N 351 
TYR CB   C N N 352 
TYR CG   C Y N 353 
TYR CD1  C Y N 354 
TYR CD2  C Y N 355 
TYR CE1  C Y N 356 
TYR CE2  C Y N 357 
TYR CZ   C Y N 358 
TYR OH   O N N 359 
TYR OXT  O N N 360 
TYR H    H N N 361 
TYR H2   H N N 362 
TYR HA   H N N 363 
TYR HB2  H N N 364 
TYR HB3  H N N 365 
TYR HD1  H N N 366 
TYR HD2  H N N 367 
TYR HE1  H N N 368 
TYR HE2  H N N 369 
TYR HH   H N N 370 
TYR HXT  H N N 371 
VAL N    N N N 372 
VAL CA   C N S 373 
VAL C    C N N 374 
VAL O    O N N 375 
VAL CB   C N N 376 
VAL CG1  C N N 377 
VAL CG2  C N N 378 
VAL OXT  O N N 379 
VAL H    H N N 380 
VAL H2   H N N 381 
VAL HA   H N N 382 
VAL HB   H N N 383 
VAL HG11 H N N 384 
VAL HG12 H N N 385 
VAL HG13 H N N 386 
VAL HG21 H N N 387 
VAL HG22 H N N 388 
VAL HG23 H N N 389 
VAL HXT  H N N 390 
# 
loop_
_chem_comp_bond.comp_id 
_chem_comp_bond.atom_id_1 
_chem_comp_bond.atom_id_2 
_chem_comp_bond.value_order 
_chem_comp_bond.pdbx_aromatic_flag 
_chem_comp_bond.pdbx_stereo_config 
_chem_comp_bond.pdbx_ordinal 
ALA N   CA   sing N N 1   
ALA N   H    sing N N 2   
ALA N   H2   sing N N 3   
ALA CA  C    sing N N 4   
ALA CA  CB   sing N N 5   
ALA CA  HA   sing N N 6   
ALA C   O    doub N N 7   
ALA C   OXT  sing N N 8   
ALA CB  HB1  sing N N 9   
ALA CB  HB2  sing N N 10  
ALA CB  HB3  sing N N 11  
ALA OXT HXT  sing N N 12  
ARG N   CA   sing N N 13  
ARG N   H    sing N N 14  
ARG N   H2   sing N N 15  
ARG CA  C    sing N N 16  
ARG CA  CB   sing N N 17  
ARG CA  HA   sing N N 18  
ARG C   O    doub N N 19  
ARG C   OXT  sing N N 20  
ARG CB  CG   sing N N 21  
ARG CB  HB2  sing N N 22  
ARG CB  HB3  sing N N 23  
ARG CG  CD   sing N N 24  
ARG CG  HG2  sing N N 25  
ARG CG  HG3  sing N N 26  
ARG CD  NE   sing N N 27  
ARG CD  HD2  sing N N 28  
ARG CD  HD3  sing N N 29  
ARG NE  CZ   sing N N 30  
ARG NE  HE   sing N N 31  
ARG CZ  NH1  sing N N 32  
ARG CZ  NH2  doub N N 33  
ARG NH1 HH11 sing N N 34  
ARG NH1 HH12 sing N N 35  
ARG NH2 HH21 sing N N 36  
ARG NH2 HH22 sing N N 37  
ARG OXT HXT  sing N N 38  
ASN N   CA   sing N N 39  
ASN N   H    sing N N 40  
ASN N   H2   sing N N 41  
ASN CA  C    sing N N 42  
ASN CA  CB   sing N N 43  
ASN CA  HA   sing N N 44  
ASN C   O    doub N N 45  
ASN C   OXT  sing N N 46  
ASN CB  CG   sing N N 47  
ASN CB  HB2  sing N N 48  
ASN CB  HB3  sing N N 49  
ASN CG  OD1  doub N N 50  
ASN CG  ND2  sing N N 51  
ASN ND2 HD21 sing N N 52  
ASN ND2 HD22 sing N N 53  
ASN OXT HXT  sing N N 54  
ASP N   CA   sing N N 55  
ASP N   H    sing N N 56  
ASP N   H2   sing N N 57  
ASP CA  C    sing N N 58  
ASP CA  CB   sing N N 59  
ASP CA  HA   sing N N 60  
ASP C   O    doub N N 61  
ASP C   OXT  sing N N 62  
ASP CB  CG   sing N N 63  
ASP CB  HB2  sing N N 64  
ASP CB  HB3  sing N N 65  
ASP CG  OD1  doub N N 66  
ASP CG  OD2  sing N N 67  
ASP OD2 HD2  sing N N 68  
ASP OXT HXT  sing N N 69  
CYS N   CA   sing N N 70  
CYS N   H    sing N N 71  
CYS N   H2   sing N N 72  
CYS CA  C    sing N N 73  
CYS CA  CB   sing N N 74  
CYS CA  HA   sing N N 75  
CYS C   O    doub N N 76  
CYS C   OXT  sing N N 77  
CYS CB  SG   sing N N 78  
CYS CB  HB2  sing N N 79  
CYS CB  HB3  sing N N 80  
CYS SG  HG   sing N N 81  
CYS OXT HXT  sing N N 82  
GLN N   CA   sing N N 83  
GLN N   H    sing N N 84  
GLN N   H2   sing N N 85  
GLN CA  C    sing N N 86  
GLN CA  CB   sing N N 87  
GLN CA  HA   sing N N 88  
GLN C   O    doub N N 89  
GLN C   OXT  sing N N 90  
GLN CB  CG   sing N N 91  
GLN CB  HB2  sing N N 92  
GLN CB  HB3  sing N N 93  
GLN CG  CD   sing N N 94  
GLN CG  HG2  sing N N 95  
GLN CG  HG3  sing N N 96  
GLN CD  OE1  doub N N 97  
GLN CD  NE2  sing N N 98  
GLN NE2 HE21 sing N N 99  
GLN NE2 HE22 sing N N 100 
GLN OXT HXT  sing N N 101 
GLU N   CA   sing N N 102 
GLU N   H    sing N N 103 
GLU N   H2   sing N N 104 
GLU CA  C    sing N N 105 
GLU CA  CB   sing N N 106 
GLU CA  HA   sing N N 107 
GLU C   O    doub N N 108 
GLU C   OXT  sing N N 109 
GLU CB  CG   sing N N 110 
GLU CB  HB2  sing N N 111 
GLU CB  HB3  sing N N 112 
GLU CG  CD   sing N N 113 
GLU CG  HG2  sing N N 114 
GLU CG  HG3  sing N N 115 
GLU CD  OE1  doub N N 116 
GLU CD  OE2  sing N N 117 
GLU OE2 HE2  sing N N 118 
GLU OXT HXT  sing N N 119 
GLY N   CA   sing N N 120 
GLY N   H    sing N N 121 
GLY N   H2   sing N N 122 
GLY CA  C    sing N N 123 
GLY CA  HA2  sing N N 124 
GLY CA  HA3  sing N N 125 
GLY C   O    doub N N 126 
GLY C   OXT  sing N N 127 
GLY OXT HXT  sing N N 128 
HIS N   CA   sing N N 129 
HIS N   H    sing N N 130 
HIS N   H2   sing N N 131 
HIS CA  C    sing N N 132 
HIS CA  CB   sing N N 133 
HIS CA  HA   sing N N 134 
HIS C   O    doub N N 135 
HIS C   OXT  sing N N 136 
HIS CB  CG   sing N N 137 
HIS CB  HB2  sing N N 138 
HIS CB  HB3  sing N N 139 
HIS CG  ND1  sing Y N 140 
HIS CG  CD2  doub Y N 141 
HIS ND1 CE1  doub Y N 142 
HIS ND1 HD1  sing N N 143 
HIS CD2 NE2  sing Y N 144 
HIS CD2 HD2  sing N N 145 
HIS CE1 NE2  sing Y N 146 
HIS CE1 HE1  sing N N 147 
HIS NE2 HE2  sing N N 148 
HIS OXT HXT  sing N N 149 
HOH O   H1   sing N N 150 
HOH O   H2   sing N N 151 
ILE N   CA   sing N N 152 
ILE N   H    sing N N 153 
ILE N   H2   sing N N 154 
ILE CA  C    sing N N 155 
ILE CA  CB   sing N N 156 
ILE CA  HA   sing N N 157 
ILE C   O    doub N N 158 
ILE C   OXT  sing N N 159 
ILE CB  CG1  sing N N 160 
ILE CB  CG2  sing N N 161 
ILE CB  HB   sing N N 162 
ILE CG1 CD1  sing N N 163 
ILE CG1 HG12 sing N N 164 
ILE CG1 HG13 sing N N 165 
ILE CG2 HG21 sing N N 166 
ILE CG2 HG22 sing N N 167 
ILE CG2 HG23 sing N N 168 
ILE CD1 HD11 sing N N 169 
ILE CD1 HD12 sing N N 170 
ILE CD1 HD13 sing N N 171 
ILE OXT HXT  sing N N 172 
LEU N   CA   sing N N 173 
LEU N   H    sing N N 174 
LEU N   H2   sing N N 175 
LEU CA  C    sing N N 176 
LEU CA  CB   sing N N 177 
LEU CA  HA   sing N N 178 
LEU C   O    doub N N 179 
LEU C   OXT  sing N N 180 
LEU CB  CG   sing N N 181 
LEU CB  HB2  sing N N 182 
LEU CB  HB3  sing N N 183 
LEU CG  CD1  sing N N 184 
LEU CG  CD2  sing N N 185 
LEU CG  HG   sing N N 186 
LEU CD1 HD11 sing N N 187 
LEU CD1 HD12 sing N N 188 
LEU CD1 HD13 sing N N 189 
LEU CD2 HD21 sing N N 190 
LEU CD2 HD22 sing N N 191 
LEU CD2 HD23 sing N N 192 
LEU OXT HXT  sing N N 193 
LYS N   CA   sing N N 194 
LYS N   H    sing N N 195 
LYS N   H2   sing N N 196 
LYS CA  C    sing N N 197 
LYS CA  CB   sing N N 198 
LYS CA  HA   sing N N 199 
LYS C   O    doub N N 200 
LYS C   OXT  sing N N 201 
LYS CB  CG   sing N N 202 
LYS CB  HB2  sing N N 203 
LYS CB  HB3  sing N N 204 
LYS CG  CD   sing N N 205 
LYS CG  HG2  sing N N 206 
LYS CG  HG3  sing N N 207 
LYS CD  CE   sing N N 208 
LYS CD  HD2  sing N N 209 
LYS CD  HD3  sing N N 210 
LYS CE  NZ   sing N N 211 
LYS CE  HE2  sing N N 212 
LYS CE  HE3  sing N N 213 
LYS NZ  HZ1  sing N N 214 
LYS NZ  HZ2  sing N N 215 
LYS NZ  HZ3  sing N N 216 
LYS OXT HXT  sing N N 217 
MET N   CA   sing N N 218 
MET N   H    sing N N 219 
MET N   H2   sing N N 220 
MET CA  C    sing N N 221 
MET CA  CB   sing N N 222 
MET CA  HA   sing N N 223 
MET C   O    doub N N 224 
MET C   OXT  sing N N 225 
MET CB  CG   sing N N 226 
MET CB  HB2  sing N N 227 
MET CB  HB3  sing N N 228 
MET CG  SD   sing N N 229 
MET CG  HG2  sing N N 230 
MET CG  HG3  sing N N 231 
MET SD  CE   sing N N 232 
MET CE  HE1  sing N N 233 
MET CE  HE2  sing N N 234 
MET CE  HE3  sing N N 235 
MET OXT HXT  sing N N 236 
PHE N   CA   sing N N 237 
PHE N   H    sing N N 238 
PHE N   H2   sing N N 239 
PHE CA  C    sing N N 240 
PHE CA  CB   sing N N 241 
PHE CA  HA   sing N N 242 
PHE C   O    doub N N 243 
PHE C   OXT  sing N N 244 
PHE CB  CG   sing N N 245 
PHE CB  HB2  sing N N 246 
PHE CB  HB3  sing N N 247 
PHE CG  CD1  doub Y N 248 
PHE CG  CD2  sing Y N 249 
PHE CD1 CE1  sing Y N 250 
PHE CD1 HD1  sing N N 251 
PHE CD2 CE2  doub Y N 252 
PHE CD2 HD2  sing N N 253 
PHE CE1 CZ   doub Y N 254 
PHE CE1 HE1  sing N N 255 
PHE CE2 CZ   sing Y N 256 
PHE CE2 HE2  sing N N 257 
PHE CZ  HZ   sing N N 258 
PHE OXT HXT  sing N N 259 
PRO N   CA   sing N N 260 
PRO N   CD   sing N N 261 
PRO N   H    sing N N 262 
PRO CA  C    sing N N 263 
PRO CA  CB   sing N N 264 
PRO CA  HA   sing N N 265 
PRO C   O    doub N N 266 
PRO C   OXT  sing N N 267 
PRO CB  CG   sing N N 268 
PRO CB  HB2  sing N N 269 
PRO CB  HB3  sing N N 270 
PRO CG  CD   sing N N 271 
PRO CG  HG2  sing N N 272 
PRO CG  HG3  sing N N 273 
PRO CD  HD2  sing N N 274 
PRO CD  HD3  sing N N 275 
PRO OXT HXT  sing N N 276 
SER N   CA   sing N N 277 
SER N   H    sing N N 278 
SER N   H2   sing N N 279 
SER CA  C    sing N N 280 
SER CA  CB   sing N N 281 
SER CA  HA   sing N N 282 
SER C   O    doub N N 283 
SER C   OXT  sing N N 284 
SER CB  OG   sing N N 285 
SER CB  HB2  sing N N 286 
SER CB  HB3  sing N N 287 
SER OG  HG   sing N N 288 
SER OXT HXT  sing N N 289 
THR N   CA   sing N N 290 
THR N   H    sing N N 291 
THR N   H2   sing N N 292 
THR CA  C    sing N N 293 
THR CA  CB   sing N N 294 
THR CA  HA   sing N N 295 
THR C   O    doub N N 296 
THR C   OXT  sing N N 297 
THR CB  OG1  sing N N 298 
THR CB  CG2  sing N N 299 
THR CB  HB   sing N N 300 
THR OG1 HG1  sing N N 301 
THR CG2 HG21 sing N N 302 
THR CG2 HG22 sing N N 303 
THR CG2 HG23 sing N N 304 
THR OXT HXT  sing N N 305 
TRP N   CA   sing N N 306 
TRP N   H    sing N N 307 
TRP N   H2   sing N N 308 
TRP CA  C    sing N N 309 
TRP CA  CB   sing N N 310 
TRP CA  HA   sing N N 311 
TRP C   O    doub N N 312 
TRP C   OXT  sing N N 313 
TRP CB  CG   sing N N 314 
TRP CB  HB2  sing N N 315 
TRP CB  HB3  sing N N 316 
TRP CG  CD1  doub Y N 317 
TRP CG  CD2  sing Y N 318 
TRP CD1 NE1  sing Y N 319 
TRP CD1 HD1  sing N N 320 
TRP CD2 CE2  doub Y N 321 
TRP CD2 CE3  sing Y N 322 
TRP NE1 CE2  sing Y N 323 
TRP NE1 HE1  sing N N 324 
TRP CE2 CZ2  sing Y N 325 
TRP CE3 CZ3  doub Y N 326 
TRP CE3 HE3  sing N N 327 
TRP CZ2 CH2  doub Y N 328 
TRP CZ2 HZ2  sing N N 329 
TRP CZ3 CH2  sing Y N 330 
TRP CZ3 HZ3  sing N N 331 
TRP CH2 HH2  sing N N 332 
TRP OXT HXT  sing N N 333 
TYR N   CA   sing N N 334 
TYR N   H    sing N N 335 
TYR N   H2   sing N N 336 
TYR CA  C    sing N N 337 
TYR CA  CB   sing N N 338 
TYR CA  HA   sing N N 339 
TYR C   O    doub N N 340 
TYR C   OXT  sing N N 341 
TYR CB  CG   sing N N 342 
TYR CB  HB2  sing N N 343 
TYR CB  HB3  sing N N 344 
TYR CG  CD1  doub Y N 345 
TYR CG  CD2  sing Y N 346 
TYR CD1 CE1  sing Y N 347 
TYR CD1 HD1  sing N N 348 
TYR CD2 CE2  doub Y N 349 
TYR CD2 HD2  sing N N 350 
TYR CE1 CZ   doub Y N 351 
TYR CE1 HE1  sing N N 352 
TYR CE2 CZ   sing Y N 353 
TYR CE2 HE2  sing N N 354 
TYR CZ  OH   sing N N 355 
TYR OH  HH   sing N N 356 
TYR OXT HXT  sing N N 357 
VAL N   CA   sing N N 358 
VAL N   H    sing N N 359 
VAL N   H2   sing N N 360 
VAL CA  C    sing N N 361 
VAL CA  CB   sing N N 362 
VAL CA  HA   sing N N 363 
VAL C   O    doub N N 364 
VAL C   OXT  sing N N 365 
VAL CB  CG1  sing N N 366 
VAL CB  CG2  sing N N 367 
VAL CB  HB   sing N N 368 
VAL CG1 HG11 sing N N 369 
VAL CG1 HG12 sing N N 370 
VAL CG1 HG13 sing N N 371 
VAL CG2 HG21 sing N N 372 
VAL CG2 HG22 sing N N 373 
VAL CG2 HG23 sing N N 374 
VAL OXT HXT  sing N N 375 
# 
_pdbx_audit_support.funding_organization   'Other government' 
_pdbx_audit_support.country                China 
_pdbx_audit_support.grant_number           ? 
_pdbx_audit_support.ordinal                1 
# 
_pdbx_initial_refinement_model.id               1 
_pdbx_initial_refinement_model.entity_id_list   ? 
_pdbx_initial_refinement_model.type             'experimental model' 
_pdbx_initial_refinement_model.source_name      PDB 
_pdbx_initial_refinement_model.accession_code   2jq5 
_pdbx_initial_refinement_model.details          ? 
# 
_space_group.name_H-M_alt     'P 43 21 2' 
_space_group.name_Hall        'P 4nw 2abw' 
_space_group.IT_number        96 
_space_group.crystal_system   tetragonal 
_space_group.id               1 
# 
_atom_sites.entry_id                    9L6B 
_atom_sites.Cartn_transf_matrix[1][1]   ? 
_atom_sites.Cartn_transf_matrix[1][2]   ? 
_atom_sites.Cartn_transf_matrix[1][3]   ? 
_atom_sites.Cartn_transf_matrix[2][1]   ? 
_atom_sites.Cartn_transf_matrix[2][2]   ? 
_atom_sites.Cartn_transf_matrix[2][3]   ? 
_atom_sites.Cartn_transf_matrix[3][1]   ? 
_atom_sites.Cartn_transf_matrix[3][2]   ? 
_atom_sites.Cartn_transf_matrix[3][3]   ? 
_atom_sites.Cartn_transf_vector[1]      ? 
_atom_sites.Cartn_transf_vector[2]      ? 
_atom_sites.Cartn_transf_vector[3]      ? 
_atom_sites.Cartn_transform_axes        ? 
_atom_sites.fract_transf_matrix[1][1]   0.01457506 
_atom_sites.fract_transf_matrix[1][2]   -0.00389422 
_atom_sites.fract_transf_matrix[1][3]   -0.00776413 
_atom_sites.fract_transf_matrix[2][1]   0.00279325 
_atom_sites.fract_transf_matrix[2][2]   -0.01225927 
_atom_sites.fract_transf_matrix[2][3]   0.01139241 
_atom_sites.fract_transf_matrix[3][1]   -0.00389781 
_atom_sites.fract_transf_matrix[3][2]   -0.00524371 
_atom_sites.fract_transf_matrix[3][3]   -0.00468703 
_atom_sites.fract_transf_vector[1]      0.159313 
_atom_sites.fract_transf_vector[2]      -0.186026 
_atom_sites.fract_transf_vector[3]      0.141010 
_atom_sites.solution_primary            ? 
_atom_sites.solution_secondary          ? 
_atom_sites.solution_hydrogens          ? 
_atom_sites.special_details             ? 
# 
loop_
_atom_type.symbol 
_atom_type.scat_dispersion_real 
_atom_type.scat_dispersion_imag 
_atom_type.scat_Cromer_Mann_a1 
_atom_type.scat_Cromer_Mann_a2 
_atom_type.scat_Cromer_Mann_a3 
_atom_type.scat_Cromer_Mann_a4 
_atom_type.scat_Cromer_Mann_b1 
_atom_type.scat_Cromer_Mann_b2 
_atom_type.scat_Cromer_Mann_b3 
_atom_type.scat_Cromer_Mann_b4 
_atom_type.scat_Cromer_Mann_c 
_atom_type.scat_source 
_atom_type.scat_dispersion_source 
C ? ? 3.54356 2.42580 ? ? 25.62398 1.50364  ? ? 0.0 
;2-Gaussian fit: Grosse-Kunstleve RW, Sauter NK, Adams PD: Newsletter of the IUCr Commission on Crystallographic Computing 2004, 3, 22-31.
;
? 
N ? ? 4.01032 2.96436 ? ? 19.97189 1.75589  ? ? 0.0 
;2-Gaussian fit: Grosse-Kunstleve RW, Sauter NK, Adams PD: Newsletter of the IUCr Commission on Crystallographic Computing 2004, 3, 22-31.
;
? 
O ? ? 4.49882 3.47563 ? ? 15.80542 1.70748  ? ? 0.0 
;2-Gaussian fit: Grosse-Kunstleve RW, Sauter NK, Adams PD: Newsletter of the IUCr Commission on Crystallographic Computing 2004, 3, 22-31.
;
? 
S ? ? 9.55732 6.39887 ? ? 1.23737  29.19336 ? ? 0.0 
;2-Gaussian fit: Grosse-Kunstleve RW, Sauter NK, Adams PD: Newsletter of the IUCr Commission on Crystallographic Computing 2004, 3, 22-31.
;
? 
# 
loop_
_atom_site.group_PDB 
_atom_site.id 
_atom_site.type_symbol 
_atom_site.label_atom_id 
_atom_site.label_alt_id 
_atom_site.label_comp_id 
_atom_site.label_asym_id 
_atom_site.label_entity_id 
_atom_site.label_seq_id 
_atom_site.pdbx_PDB_ins_code 
_atom_site.Cartn_x 
_atom_site.Cartn_y 
_atom_site.Cartn_z 
_atom_site.occupancy 
_atom_site.B_iso_or_equiv 
_atom_site.pdbx_formal_charge 
_atom_site.auth_seq_id 
_atom_site.auth_comp_id 
_atom_site.auth_asym_id 
_atom_site.auth_atom_id 
_atom_site.pdbx_PDB_model_num 
ATOM   1    N N   . MET A 1 1  ? 18.39838  0.76119   -19.99752 1.000 64.36495  ? 1   MET A N   1 
ATOM   2    C CA  . MET A 1 1  ? 17.94268  -0.07844  -18.89905 1.000 61.07151  ? 1   MET A CA  1 
ATOM   3    C C   . MET A 1 1  ? 16.62606  0.52681   -18.45119 1.000 62.14231  ? 1   MET A C   1 
ATOM   4    O O   . MET A 1 1  ? 16.30792  1.64627   -18.83883 1.000 72.04449  ? 1   MET A O   1 
ATOM   5    C CB  . MET A 1 1  ? 18.98040  -0.14818  -17.77396 1.000 59.16218  ? 1   MET A CB  1 
ATOM   6    C CG  . MET A 1 1  ? 20.02876  -1.22110  -17.98956 1.000 64.88904  ? 1   MET A CG  1 
ATOM   7    S SD  . MET A 1 1  ? 19.38108  -2.88688  -18.32810 1.000 73.29988  ? 1   MET A SD  1 
ATOM   8    C CE  . MET A 1 1  ? 18.15580  -3.13844  -17.03173 1.000 50.24011  ? 1   MET A CE  1 
ATOM   9    N N   . SER A 1 2  ? 15.80899  -0.17720  -17.68424 1.000 51.10012  ? 2   SER A N   1 
ATOM   10   C CA  . SER A 1 2  ? 14.48049  0.36349   -17.46314 1.000 62.89358  ? 2   SER A CA  1 
ATOM   11   C C   . SER A 1 2  ? 14.09029  0.22181   -15.99508 1.000 67.46385  ? 2   SER A C   1 
ATOM   12   O O   . SER A 1 2  ? 14.93422  0.07052   -15.10209 1.000 55.74848  ? 2   SER A O   1 
ATOM   13   C CB  . SER A 1 2  ? 13.48075  -0.28118  -18.43023 1.000 72.76202  ? 2   SER A CB  1 
ATOM   14   O OG  . SER A 1 2  ? 12.95795  0.70300   -19.31589 1.000 78.25186  ? 2   SER A OG  1 
ATOM   15   N N   . GLN A 1 3  ? 12.78003  0.28155   -15.75469 1.000 64.02191  ? 3   GLN A N   1 
ATOM   16   C CA  . GLN A 1 3  ? 12.21377  0.85232   -14.53567 1.000 58.09431  ? 3   GLN A CA  1 
ATOM   17   C C   . GLN A 1 3  ? 11.16780  -0.09514  -13.96773 1.000 54.03932  ? 3   GLN A C   1 
ATOM   18   O O   . GLN A 1 3  ? 9.96251   0.14565   -14.07118 1.000 49.57923  ? 3   GLN A O   1 
ATOM   19   C CB  . GLN A 1 3  ? 11.62031  2.23196   -14.84018 1.000 61.43745  ? 3   GLN A CB  1 
ATOM   20   C CG  . GLN A 1 3  ? 10.87873  2.92207   -13.68093 1.000 58.99772  ? 3   GLN A CG  1 
ATOM   21   C CD  . GLN A 1 3  ? 10.39572  4.31361   -14.04773 1.000 62.29505  ? 3   GLN A CD  1 
ATOM   22   O OE1 . GLN A 1 3  ? 10.02553  5.10513   -13.18007 1.000 68.08298  ? 3   GLN A OE1 1 
ATOM   23   N NE2 . GLN A 1 3  ? 10.39122  4.61736   -15.33680 1.000 70.96636  ? 3   GLN A NE2 1 
ATOM   24   N N   . PRO A 1 4  ? 11.59833  -1.20045  -13.38207 1.000 52.49402  ? 4   PRO A N   1 
ATOM   25   C CA  . PRO A 1 4  ? 10.65138  -2.08841  -12.70803 1.000 49.94478  ? 4   PRO A CA  1 
ATOM   26   C C   . PRO A 1 4  ? 9.86519   -1.36541  -11.63586 1.000 50.33422  ? 4   PRO A C   1 
ATOM   27   O O   . PRO A 1 4  ? 10.41446  -0.54540  -10.89067 1.000 49.83415  ? 4   PRO A O   1 
ATOM   28   C CB  . PRO A 1 4  ? 11.55463  -3.15417  -12.09748 1.000 53.12381  ? 4   PRO A CB  1 
ATOM   29   C CG  . PRO A 1 4  ? 12.93765  -2.53265  -12.10180 1.000 53.47176  ? 4   PRO A CG  1 
ATOM   30   C CD  . PRO A 1 4  ? 12.95507  -1.75395  -13.36185 1.000 56.76258  ? 4   PRO A CD  1 
ATOM   31   N N   . CYS A 1 5  ? 8.57140   -1.70953  -11.54302 1.000 46.53766  ? 5   CYS A N   1 
ATOM   32   C CA  . CYS A 1 5  ? 7.64346   -0.98745  -10.69139 1.000 47.71737  ? 5   CYS A CA  1 
ATOM   33   C C   . CYS A 1 5  ? 8.10461   -1.08082  -9.23319  1.000 43.83444  ? 5   CYS A C   1 
ATOM   34   O O   . CYS A 1 5  ? 8.40440   -2.18463  -8.76174  1.000 43.29261  ? 5   CYS A O   1 
ATOM   35   C CB  . CYS A 1 5  ? 6.21381   -1.55041  -10.81489 1.000 46.12765  ? 5   CYS A CB  1 
ATOM   36   S SG  . CYS A 1 5  ? 4.95614   -0.52268  -9.96184  1.000 49.49156  ? 5   CYS A SG  1 
ATOM   37   N N   . PRO A 1 6  ? 8.12517   0.01739   -8.49527  1.000 43.67736  ? 6   PRO A N   1 
ATOM   38   C CA  . PRO A 1 6  ? 8.26577   -0.12185  -7.03559  1.000 45.96335  ? 6   PRO A CA  1 
ATOM   39   C C   . PRO A 1 6  ? 7.15608   -0.98286  -6.40127  1.000 55.59532  ? 6   PRO A C   1 
ATOM   40   O O   . PRO A 1 6  ? 7.35428   -1.35918  -5.22885  1.000 56.30798  ? 6   PRO A O   1 
ATOM   41   C CB  . PRO A 1 6  ? 8.22658   1.32374   -6.53372  1.000 48.68059  ? 6   PRO A CB  1 
ATOM   42   C CG  . PRO A 1 6  ? 8.64718   2.15695   -7.71130  1.000 46.21556  ? 6   PRO A CG  1 
ATOM   43   C CD  . PRO A 1 6  ? 8.06008   1.43118   -8.90425  1.000 47.35387  ? 6   PRO A CD  1 
ATOM   44   N N   . CYS A 1 7  ? 6.05452   -1.32852  -7.14575  1.000 44.20270  ? 7   CYS A N   1 
ATOM   45   C CA  . CYS A 1 7  ? 5.01437   -2.31545  -6.78635  1.000 53.94336  ? 7   CYS A CA  1 
ATOM   46   C C   . CYS A 1 7  ? 5.81531   -3.44749  -6.14126  1.000 50.65052  ? 7   CYS A C   1 
ATOM   47   O O   . CYS A 1 7  ? 5.46524   -3.96432  -5.07631  1.000 50.50252  ? 7   CYS A O   1 
ATOM   48   C CB  . CYS A 1 7  ? 4.09491   -2.85079  -8.01662  1.000 30.51972  ? 7   CYS A CB  1 
ATOM   49   S SG  . CYS A 1 7  ? 3.35004   -1.74542  -9.51327  1.000 28.21576  ? 7   CYS A SG  1 
ATOM   50   N N   . GLY A 1 8  ? 6.95158   -3.78284  -6.74372  1.000 50.41284  ? 8   GLY A N   1 
ATOM   51   C CA  . GLY A 1 8  ? 7.58407   -5.06569  -6.52517  1.000 50.19001  ? 8   GLY A CA  1 
ATOM   52   C C   . GLY A 1 8  ? 7.10192   -6.14016  -7.47696  1.000 50.75900  ? 8   GLY A C   1 
ATOM   53   O O   . GLY A 1 8  ? 7.45520   -7.31557  -7.30053  1.000 51.34707  ? 8   GLY A O   1 
ATOM   54   N N   . SER A 1 9  ? 6.31997   -5.77303  -8.49307  1.000 48.00398  ? 9   SER A N   1 
ATOM   55   C CA  . SER A 1 9  ? 5.65721   -6.75961  -9.34656  1.000 51.31086  ? 9   SER A CA  1 
ATOM   56   C C   . SER A 1 9  ? 6.54553   -7.28664  -10.46252 1.000 58.75549  ? 9   SER A C   1 
ATOM   57   O O   . SER A 1 9  ? 6.12636   -8.21971  -11.15999 1.000 54.47185  ? 9   SER A O   1 
ATOM   58   C CB  . SER A 1 9  ? 4.42121   -6.15119  -9.98366  1.000 44.73120  ? 9   SER A CB  1 
ATOM   59   O OG  . SER A 1 9  ? 4.84732   -5.09546  -10.83015 1.000 48.44954  ? 9   SER A OG  1 
ATOM   60   N N   . ALA A 1 10 ? 7.73176   -6.69677  -10.66785 1.000 51.99193  ? 10  ALA A N   1 
ATOM   61   C CA  . ALA A 1 10 ? 8.65186   -7.05896  -11.74734 1.000 55.15102  ? 10  ALA A CA  1 
ATOM   62   C C   . ALA A 1 10 ? 8.13679   -6.66224  -13.12720 1.000 57.69206  ? 10  ALA A C   1 
ATOM   63   O O   . ALA A 1 10 ? 8.64349   -7.15359  -14.14169 1.000 58.71967  ? 10  ALA A O   1 
ATOM   64   C CB  . ALA A 1 10 ? 8.98457   -8.55841  -11.74344 1.000 54.35622  ? 10  ALA A CB  1 
ATOM   65   N N   . ASP A 1 11 ? 7.13365   -5.79615  -13.20459 1.000 56.98532  ? 11  ASP A N   1 
ATOM   66   C CA  . ASP A 1 11 ? 6.74986   -5.17665  -14.46373 1.000 48.41388  ? 11  ASP A CA  1 
ATOM   67   C C   . ASP A 1 11 ? 7.33276   -3.77583  -14.54967 1.000 54.42733  ? 11  ASP A C   1 
ATOM   68   O O   . ASP A 1 11 ? 7.62780   -3.14341  -13.53386 1.000 50.11505  ? 11  ASP A O   1 
ATOM   69   C CB  . ASP A 1 11 ? 5.23128   -5.09396  -14.58966 1.000 54.41418  ? 11  ASP A CB  1 
ATOM   70   C CG  . ASP A 1 11 ? 4.60227   -6.41833  -15.01403 1.000 54.94436  ? 11  ASP A CG  1 
ATOM   71   O OD1 . ASP A 1 11 ? 5.34274   -7.29857  -15.49567 1.000 49.93598  ? 11  ASP A OD1 1 
ATOM   72   O OD2 . ASP A 1 11 ? 3.37166   -6.56403  -14.84942 1.000 54.21004  ? 11  ASP A OD2 1 
ATOM   73   N N   . GLU A 1 12 ? 7.47769   -3.28118  -15.77624 1.000 52.65418  ? 12  GLU A N   1 
ATOM   74   C CA  . GLU A 1 12 ? 7.80120   -1.86958  -15.95885 1.000 51.74369  ? 12  GLU A CA  1 
ATOM   75   C C   . GLU A 1 12 ? 6.80150   -0.99759  -15.21126 1.000 54.44368  ? 12  GLU A C   1 
ATOM   76   O O   . GLU A 1 12 ? 5.59256   -1.24740  -15.24937 1.000 52.20175  ? 12  GLU A O   1 
ATOM   77   C CB  . GLU A 1 12 ? 7.78789   -1.50105  -17.44612 1.000 52.37994  ? 12  GLU A CB  1 
ATOM   78   C CG  . GLU A 1 12 ? 8.99738   -2.01356  -18.22030 1.000 52.91376  ? 12  GLU A CG  1 
ATOM   79   C CD  . GLU A 1 12 ? 10.28622  -1.35585  -17.74115 1.000 61.97630  ? 12  GLU A CD  1 
ATOM   80   O OE1 . GLU A 1 12 ? 10.36509  -0.09648  -17.75924 1.000 56.45780  ? 12  GLU A OE1 1 
ATOM   81   O OE2 . GLU A 1 12 ? 11.20613  -2.10225  -17.33737 1.000 61.81568  ? 12  GLU A OE2 1 
ATOM   82   N N   . TYR A 1 13 ? 7.31386   0.05352   -14.55887 1.000 51.09727  ? 13  TYR A N   1 
ATOM   83   C CA  . TYR A 1 13 ? 6.45103   0.95192   -13.80429 1.000 52.03905  ? 13  TYR A CA  1 
ATOM   84   C C   . TYR A 1 13 ? 5.33028   1.49866   -14.67633 1.000 56.41604  ? 13  TYR A C   1 
ATOM   85   O O   . TYR A 1 13 ? 4.16591   1.51254   -14.26282 1.000 54.23812  ? 13  TYR A O   1 
ATOM   86   C CB  . TYR A 1 13 ? 7.26042   2.10410   -13.20855 1.000 49.12409  ? 13  TYR A CB  1 
ATOM   87   C CG  . TYR A 1 13 ? 6.37287   3.23572   -12.74002 1.000 55.89290  ? 13  TYR A CG  1 
ATOM   88   C CD1 . TYR A 1 13 ? 5.69512   3.15132   -11.52122 1.000 53.45110  ? 13  TYR A CD1 1 
ATOM   89   C CD2 . TYR A 1 13 ? 6.19390   4.38355   -13.51440 1.000 55.71591  ? 13  TYR A CD2 1 
ATOM   90   C CE1 . TYR A 1 13 ? 4.86577   4.16893   -11.08569 1.000 54.88978  ? 13  TYR A CE1 1 
ATOM   91   C CE2 . TYR A 1 13 ? 5.35806   5.41707   -13.08037 1.000 57.42452  ? 13  TYR A CE2 1 
ATOM   92   C CZ  . TYR A 1 13 ? 4.69784   5.29561   -11.85983 1.000 61.90109  ? 13  TYR A CZ  1 
ATOM   93   O OH  . TYR A 1 13 ? 3.86955   6.30328   -11.39668 1.000 66.92362  ? 13  TYR A OH  1 
ATOM   94   N N   . SER A 1 14 ? 5.66274   1.93766   -15.89707 1.000 55.24856  ? 14  SER A N   1 
ATOM   95   C CA  . SER A 1 14 ? 4.66633   2.49378   -16.80976 1.000 58.36595  ? 14  SER A CA  1 
ATOM   96   C C   . SER A 1 14 ? 3.58406   1.48962   -17.18722 1.000 56.40836  ? 14  SER A C   1 
ATOM   97   O O   . SER A 1 14 ? 2.51728   1.90283   -17.64269 1.000 58.90630  ? 14  SER A O   1 
ATOM   98   C CB  . SER A 1 14 ? 5.33675   2.99330   -18.09042 1.000 51.32941  ? 14  SER A CB  1 
ATOM   99   O OG  . SER A 1 14 ? 5.85924   1.88538   -18.80011 1.000 55.75214  ? 14  SER A OG  1 
ATOM   100  N N   . LEU A 1 15 ? 3.83778   0.19207   -17.03979 1.000 54.19633  ? 15  LEU A N   1 
ATOM   101  C CA  . LEU A 1 15 ? 2.83690   -0.83423  -17.31133 1.000 54.90039  ? 15  LEU A CA  1 
ATOM   102  C C   . LEU A 1 15 ? 2.25036   -1.47527  -16.05276 1.000 59.19991  ? 15  LEU A C   1 
ATOM   103  O O   . LEU A 1 15 ? 1.34552   -2.30340  -16.17317 1.000 60.81553  ? 15  LEU A O   1 
ATOM   104  C CB  . LEU A 1 15 ? 3.43299   -1.92840  -18.20120 1.000 53.73331  ? 15  LEU A CB  1 
ATOM   105  C CG  . LEU A 1 15 ? 4.10259   -1.45554  -19.49919 1.000 60.26580  ? 15  LEU A CG  1 
ATOM   106  C CD1 . LEU A 1 15 ? 4.62140   -2.64450  -20.29223 1.000 59.54868  ? 15  LEU A CD1 1 
ATOM   107  C CD2 . LEU A 1 15 ? 3.13862   -0.61836  -20.33900 1.000 58.51857  ? 15  LEU A CD2 1 
ATOM   108  N N   . CYS A 1 16 ? 2.73761   -1.12905  -14.85435 1.000 53.53789  ? 16  CYS A N   1 
ATOM   109  C CA  . CYS A 1 16 ? 2.18795   -1.64273  -13.59721 1.000 54.78670  ? 16  CYS A CA  1 
ATOM   110  C C   . CYS A 1 16 ? 1.42460   -0.51102  -12.92405 1.000 55.64094  ? 16  CYS A C   1 
ATOM   111  O O   . CYS A 1 16 ? 0.36577   -0.09570  -13.39408 1.000 52.98027  ? 16  CYS A O   1 
ATOM   112  C CB  . CYS A 1 16 ? 3.30657   -2.19160  -12.66889 1.000 50.74126  ? 16  CYS A CB  1 
ATOM   113  S SG  . CYS A 1 16 ? 2.83904   -3.01900  -11.06028 1.000 51.12265  ? 16  CYS A SG  1 
ATOM   114  N N   . CYS A 1 17 ? 1.99692   0.04030   -11.85911 1.000 54.28304  ? 17  CYS A N   1 
ATOM   115  C CA  . CYS A 1 17 ? 1.30714   1.06049   -11.08383 1.000 57.33442  ? 17  CYS A CA  1 
ATOM   116  C C   . CYS A 1 17 ? 1.21060   2.40524   -11.81257 1.000 55.06699  ? 17  CYS A C   1 
ATOM   117  O O   . CYS A 1 17 ? 0.31529   3.20123   -11.50589 1.000 50.10856  ? 17  CYS A O   1 
ATOM   118  C CB  . CYS A 1 17 ? 2.02034   1.17491   -9.73455  1.000 48.18918  ? 17  CYS A CB  1 
ATOM   119  S SG  . CYS A 1 17 ? 1.95371   -0.41164  -8.84212  1.000 46.31878  ? 17  CYS A SG  1 
ATOM   120  N N   . GLY A 1 18 ? 2.06649   2.65334   -12.80581 1.000 53.38443  ? 18  GLY A N   1 
ATOM   121  C CA  . GLY A 1 18 ? 2.09779   3.96214   -13.44932 1.000 54.14611  ? 18  GLY A CA  1 
ATOM   122  C C   . GLY A 1 18 ? 0.86654   4.27663   -14.27888 1.000 57.73833  ? 18  GLY A C   1 
ATOM   123  O O   . GLY A 1 18 ? 0.44066   5.43273   -14.35221 1.000 61.16664  ? 18  GLY A O   1 
ATOM   124  N N   . ARG A 1 19 ? 0.29485   3.26431   -14.93078 1.000 57.83322  ? 19  ARG A N   1 
ATOM   125  C CA  . ARG A 1 19 ? -0.95920  3.44709   -15.65727 1.000 58.96447  ? 19  ARG A CA  1 
ATOM   126  C C   . ARG A 1 19 ? -2.09341  3.88837   -14.74178 1.000 56.86716  ? 19  ARG A C   1 
ATOM   127  O O   . ARG A 1 19 ? -3.00916  4.59982   -15.17388 1.000 57.23224  ? 19  ARG A O   1 
ATOM   128  C CB  . ARG A 1 19 ? -1.36276  2.14534   -16.34718 1.000 56.89101  ? 19  ARG A CB  1 
ATOM   129  C CG  . ARG A 1 19 ? -0.49955  1.76632   -17.48507 1.000 63.78293  ? 19  ARG A CG  1 
ATOM   130  C CD  . ARG A 1 19 ? -1.16844  0.70576   -18.30686 1.000 63.93391  ? 19  ARG A CD  1 
ATOM   131  N NE  . ARG A 1 19 ? -1.16772  -0.59809  -17.65987 1.000 65.36694  ? 19  ARG A NE  1 
ATOM   132  C CZ  . ARG A 1 19 ? -2.04606  -1.55059  -17.94980 1.000 65.22870  ? 19  ARG A CZ  1 
ATOM   133  N NH1 . ARG A 1 19 ? -3.05547  -1.32309  -18.76991 1.000 56.25535  ? 19  ARG A NH1 1 
ATOM   134  N NH2 . ARG A 1 19 ? -1.91608  -2.75230  -17.39133 1.000 61.15463  ? 19  ARG A NH2 1 
ATOM   135  N N   . ILE A 1 20 ? -2.08875  3.41811   -13.49598 1.000 56.41056  ? 20  ILE A N   1 
ATOM   136  C CA  . ILE A 1 20 ? -3.15299  3.76937   -12.56632 1.000 55.27372  ? 20  ILE A CA  1 
ATOM   137  C C   . ILE A 1 20 ? -2.91696  5.16124   -12.00022 1.000 53.14757  ? 20  ILE A C   1 
ATOM   138  O O   . ILE A 1 20 ? -3.83717  5.97903   -11.91089 1.000 53.19213  ? 20  ILE A O   1 
ATOM   139  C CB  . ILE A 1 20 ? -3.25571  2.70482   -11.46011 1.000 53.55514  ? 20  ILE A CB  1 
ATOM   140  C CG1 . ILE A 1 20 ? -3.72348  1.38200   -12.08453 1.000 55.11944  ? 20  ILE A CG1 1 
ATOM   141  C CG2 . ILE A 1 20 ? -4.19754  3.17308   -10.36464 1.000 49.43911  ? 20  ILE A CG2 1 
ATOM   142  C CD1 . ILE A 1 20 ? -3.75008  0.19147   -11.14597 1.000 53.49063  ? 20  ILE A CD1 1 
ATOM   143  N N   . VAL A 1 21 ? -1.67918  5.45747   -11.61874 1.000 52.58321  ? 21  VAL A N   1 
ATOM   144  C CA  . VAL A 1 21 ? -1.39352  6.76761   -11.04606 1.000 54.22537  ? 21  VAL A CA  1 
ATOM   145  C C   . VAL A 1 21 ? -1.69125  7.86584   -12.06188 1.000 60.32630  ? 21  VAL A C   1 
ATOM   146  O O   . VAL A 1 21 ? -2.23696  8.92136   -11.71716 1.000 61.32273  ? 21  VAL A O   1 
ATOM   147  C CB  . VAL A 1 21 ? 0.05762   6.80670   -10.55003 1.000 54.67418  ? 21  VAL A CB  1 
ATOM   148  C CG1 . VAL A 1 21 ? 0.36979   8.15945   -9.95408  1.000 55.10747  ? 21  VAL A CG1 1 
ATOM   149  C CG2 . VAL A 1 21 ? 0.27761   5.67856   -9.53335  1.000 49.42906  ? 21  VAL A CG2 1 
ATOM   150  N N   . SER A 1 22 ? -1.40375  7.60589   -13.34060 1.000 60.99839  ? 22  SER A N   1 
ATOM   151  C CA  . SER A 1 22 ? -1.59559  8.59949   -14.38801 1.000 61.06591  ? 22  SER A CA  1 
ATOM   152  C C   . SER A 1 22 ? -3.06146  8.84802   -14.71205 1.000 64.72297  ? 22  SER A C   1 
ATOM   153  O O   . SER A 1 22 ? -3.36106  9.80593   -15.42807 1.000 68.75194  ? 22  SER A O   1 
ATOM   154  C CB  . SER A 1 22 ? -0.86657  8.15899   -15.65925 1.000 59.89043  ? 22  SER A CB  1 
ATOM   155  O OG  . SER A 1 22 ? -1.61332  7.19374   -16.37940 1.000 62.54414  ? 22  SER A OG  1 
ATOM   156  N N   . GLY A 1 23 ? -3.97675  8.01865   -14.21604 1.000 62.71882  ? 23  GLY A N   1 
ATOM   157  C CA  . GLY A 1 23 ? -5.37800  8.15083   -14.55007 1.000 57.54664  ? 23  GLY A CA  1 
ATOM   158  C C   . GLY A 1 23 ? -5.78925  7.41449   -15.79846 1.000 59.72140  ? 23  GLY A C   1 
ATOM   159  O O   . GLY A 1 23 ? -6.97460  7.42903   -16.14724 1.000 58.81284  ? 23  GLY A O   1 
ATOM   160  N N   . GLU A 1 24 ? -4.84697  6.75146   -16.46663 1.000 61.34175  ? 24  GLU A N   1 
ATOM   161  C CA  . GLU A 1 24 ? -5.12841  6.08798   -17.73271 1.000 60.40683  ? 24  GLU A CA  1 
ATOM   162  C C   . GLU A 1 24 ? -5.86333  4.76647   -17.54309 1.000 60.42691  ? 24  GLU A C   1 
ATOM   163  O O   . GLU A 1 24 ? -6.59407  4.33327   -18.44192 1.000 68.43703  ? 24  GLU A O   1 
ATOM   164  C CB  . GLU A 1 24 ? -3.81451  5.87209   -18.48403 1.000 64.59416  ? 24  GLU A CB  1 
ATOM   165  C CG  . GLU A 1 24 ? -3.89597  4.89999   -19.65638 1.000 68.19955  ? 24  GLU A CG  1 
ATOM   166  C CD  . GLU A 1 24 ? -2.57553  4.18261   -19.91418 1.000 75.71076  ? 24  GLU A CD  1 
ATOM   167  O OE1 . GLU A 1 24 ? -2.61078  2.98684   -20.29941 1.000 78.23354  ? 24  GLU A OE1 1 
ATOM   168  O OE2 . GLU A 1 24 ? -1.50539  4.80979   -19.71411 1.000 75.95106  ? 24  GLU A OE2 1 
ATOM   169  N N   . ARG A 1 25 ? -5.69644  4.10918   -16.39921 1.000 57.14725  ? 25  ARG A N   1 
ATOM   170  C CA  . ARG A 1 25 ? -6.36422  2.83819   -16.14211 1.000 60.42263  ? 25  ARG A CA  1 
ATOM   171  C C   . ARG A 1 25 ? -7.00666  2.86202   -14.75976 1.000 59.20381  ? 25  ARG A C   1 
ATOM   172  O O   . ARG A 1 25 ? -6.35510  3.21195   -13.77452 1.000 55.32128  ? 25  ARG A O   1 
ATOM   173  C CB  . ARG A 1 25 ? -5.37834  1.66568   -16.25077 1.000 58.66827  ? 25  ARG A CB  1 
ATOM   174  C CG  . ARG A 1 25 ? -6.02812  0.27405   -16.24093 1.000 57.98071  ? 25  ARG A CG  1 
ATOM   175  C CD  . ARG A 1 25 ? -5.07118  -0.74680  -15.60698 1.000 60.03118  ? 25  ARG A CD  1 
ATOM   176  N NE  . ARG A 1 25 ? -5.63231  -2.09031  -15.53633 1.000 64.16524  ? 25  ARG A NE  1 
ATOM   177  C CZ  . ARG A 1 25 ? -4.95583  -3.18407  -15.18989 1.000 65.27817  ? 25  ARG A CZ  1 
ATOM   178  N NH1 . ARG A 1 25 ? -3.67951  -3.13201  -14.83187 1.000 56.51104  ? 25  ARG A NH1 1 
ATOM   179  N NH2 . ARG A 1 25 ? -5.57316  -4.36561  -15.21739 1.000 61.09500  ? 25  ARG A NH2 1 
ATOM   180  N N   . VAL A 1 26 ? -8.28332  2.48626   -14.68910 1.000 60.24856  ? 26  VAL A N   1 
ATOM   181  C CA  . VAL A 1 26 ? -8.94149  2.30897   -13.40081 1.000 55.87336  ? 26  VAL A CA  1 
ATOM   182  C C   . VAL A 1 26 ? -8.38762  1.06281   -12.71940 1.000 54.27109  ? 26  VAL A C   1 
ATOM   183  O O   . VAL A 1 26 ? -8.22995  0.01037   -13.35047 1.000 49.88053  ? 26  VAL A O   1 
ATOM   184  C CB  . VAL A 1 26 ? -10.46135 2.21286   -13.58972 1.000 58.34417  ? 26  VAL A CB  1 
ATOM   185  C CG1 . VAL A 1 26 ? -11.13238 1.69879   -12.32317 1.000 58.68995  ? 26  VAL A CG1 1 
ATOM   186  C CG2 . VAL A 1 26 ? -11.02377 3.57374   -13.97584 1.000 58.18913  ? 26  VAL A CG2 1 
ATOM   187  N N   . ALA A 1 27 ? -8.09637  1.17525   -11.43098 1.000 49.84878  ? 27  ALA A N   1 
ATOM   188  C CA  . ALA A 1 27 ? -7.54748  0.05225   -10.68483 1.000 48.25688  ? 27  ALA A CA  1 
ATOM   189  C C   . ALA A 1 27 ? -8.57907  -1.05585  -10.57577 1.000 51.80503  ? 27  ALA A C   1 
ATOM   190  O O   . ALA A 1 27 ? -9.64635  -0.83513  -9.99263  1.000 54.34034  ? 27  ALA A O   1 
ATOM   191  C CB  . ALA A 1 27 ? -7.11032  0.49751   -9.29968  1.000 47.76075  ? 27  ALA A CB  1 
ATOM   192  N N   . PRO A 1 28 ? -8.30801  -2.25989  -11.08852 1.000 50.80304  ? 28  PRO A N   1 
ATOM   193  C CA  . PRO A 1 28 ? -9.35716  -3.29122  -11.15563 1.000 49.75328  ? 28  PRO A CA  1 
ATOM   194  C C   . PRO A 1 28 ? -9.72221  -3.91043  -9.82383  1.000 49.92714  ? 28  PRO A C   1 
ATOM   195  O O   . PRO A 1 28 ? -10.81029 -4.48072  -9.73049  1.000 46.58647  ? 28  PRO A O   1 
ATOM   196  C CB  . PRO A 1 28 ? -8.76369  -4.34817  -12.09515 1.000 51.22340  ? 28  PRO A CB  1 
ATOM   197  C CG  . PRO A 1 28 ? -7.27829  -4.15205  -12.00182 1.000 52.60776  ? 28  PRO A CG  1 
ATOM   198  C CD  . PRO A 1 28 ? -7.06070  -2.68068  -11.75347 1.000 51.86507  ? 28  PRO A CD  1 
ATOM   199  N N   . ASP A 1 29 ? -8.88132  -3.84266  -8.79254  1.000 47.09397  ? 29  ASP A N   1 
ATOM   200  C CA  . ASP A 1 29 ? -9.22020  -4.50398  -7.54020  1.000 47.96851  ? 29  ASP A CA  1 
ATOM   201  C C   . ASP A 1 29 ? -8.46152  -3.81394  -6.41238  1.000 43.24170  ? 29  ASP A C   1 
ATOM   202  O O   . ASP A 1 29 ? -7.61037  -2.95898  -6.67004  1.000 49.29398  ? 29  ASP A O   1 
ATOM   203  C CB  . ASP A 1 29 ? -8.91425  -6.01686  -7.60455  1.000 44.76352  ? 29  ASP A CB  1 
ATOM   204  C CG  . ASP A 1 29 ? -7.45411  -6.31922  -7.87130  1.000 50.23210  ? 29  ASP A CG  1 
ATOM   205  O OD1 . ASP A 1 29 ? -6.56931  -5.62859  -7.32145  1.000 49.30775  ? 29  ASP A OD1 1 
ATOM   206  O OD2 . ASP A 1 29 ? -7.19886  -7.30509  -8.59773  1.000 56.44634  ? 29  ASP A OD2 1 
ATOM   207  N N   . PRO A 1 30 ? -8.74430  -4.15384  -5.15245  1.000 43.94108  ? 30  PRO A N   1 
ATOM   208  C CA  . PRO A 1 30 ? -8.02242  -3.46305  -4.05816  1.000 43.66244  ? 30  PRO A CA  1 
ATOM   209  C C   . PRO A 1 30 ? -6.52322  -3.73558  -4.04936  1.000 44.43408  ? 30  PRO A C   1 
ATOM   210  O O   . PRO A 1 30 ? -5.74522  -2.84594  -3.68416  1.000 41.31202  ? 30  PRO A O   1 
ATOM   211  C CB  . PRO A 1 30 ? -8.70871  -3.97094  -2.77538  1.000 40.22897  ? 30  PRO A CB  1 
ATOM   212  C CG  . PRO A 1 30 ? -9.70819  -4.99974  -3.18949  1.000 46.59670  ? 30  PRO A CG  1 
ATOM   213  C CD  . PRO A 1 30 ? -9.91920  -4.90912  -4.67056  1.000 43.14462  ? 30  PRO A CD  1 
ATOM   214  N N   . SER A 1 31 ? -6.08786  -4.92711  -4.45742  1.000 46.24187  ? 31  SER A N   1 
ATOM   215  C CA  . SER A 1 31 ? -4.65715  -5.21199  -4.50123  1.000 46.51303  ? 31  SER A CA  1 
ATOM   216  C C   . SER A 1 31 ? -3.92496  -4.24074  -5.42101  1.000 45.30153  ? 31  SER A C   1 
ATOM   217  O O   . SER A 1 31 ? -2.89421  -3.67799  -5.05197  1.000 48.40731  ? 31  SER A O   1 
ATOM   218  C CB  . SER A 1 31 ? -4.43666  -6.64600  -4.96088  1.000 47.66554  ? 31  SER A CB  1 
ATOM   219  O OG  . SER A 1 31 ? -3.06652  -6.94163  -4.97333  1.000 55.21938  ? 31  SER A OG  1 
ATOM   220  N N   . HIS A 1 32 ? -4.44812  -4.02661  -6.62721  1.000 44.30595  ? 32  HIS A N   1 
ATOM   221  C CA  . HIS A 1 32 ? -3.82850  -3.06488  -7.52645  1.000 44.44709  ? 32  HIS A CA  1 
ATOM   222  C C   . HIS A 1 32 ? -3.86819  -1.66038  -6.94733  1.000 44.51572  ? 32  HIS A C   1 
ATOM   223  O O   . HIS A 1 32 ? -2.93918  -0.87588  -7.15963  1.000 47.22088  ? 32  HIS A O   1 
ATOM   224  C CB  . HIS A 1 32 ? -4.51123  -3.09096  -8.89895  1.000 47.94297  ? 32  HIS A CB  1 
ATOM   225  C CG  . HIS A 1 32 ? -4.29616  -4.36593  -9.66823  1.000 56.95891  ? 32  HIS A CG  1 
ATOM   226  N ND1 . HIS A 1 32 ? -3.95530  -4.38088  -11.00587 1.000 57.89924  ? 32  HIS A ND1 1 
ATOM   227  C CD2 . HIS A 1 32 ? -4.38122  -5.66776  -9.28940  1.000 55.27459  ? 32  HIS A CD2 1 
ATOM   228  C CE1 . HIS A 1 32 ? -3.82739  -5.63405  -11.41314 1.000 57.38298  ? 32  HIS A CE1 1 
ATOM   229  N NE2 . HIS A 1 32 ? -4.07595  -6.43436  -10.38949 1.000 55.60564  ? 32  HIS A NE2 1 
ATOM   230  N N   . LEU A 1 33 ? -4.94742  -1.30167  -6.24064  1.000 45.53500  ? 33  LEU A N   1 
ATOM   231  C CA  . LEU A 1 33 ? -5.01450  0.04218   -5.66778  1.000 43.23329  ? 33  LEU A CA  1 
ATOM   232  C C   . LEU A 1 33 ? -3.96268  0.21283   -4.58705  1.000 42.43499  ? 33  LEU A C   1 
ATOM   233  O O   . LEU A 1 33 ? -3.28126  1.24350   -4.52898  1.000 42.98770  ? 33  LEU A O   1 
ATOM   234  C CB  . LEU A 1 33 ? -6.40599  0.32951   -5.08099  1.000 44.12192  ? 33  LEU A CB  1 
ATOM   235  C CG  . LEU A 1 33 ? -6.65632  1.81400   -4.77818  1.000 46.22823  ? 33  LEU A CG  1 
ATOM   236  C CD1 . LEU A 1 33 ? -6.90017  2.57629   -6.09946  1.000 49.70042  ? 33  LEU A CD1 1 
ATOM   237  C CD2 . LEU A 1 33 ? -7.82019  2.05021   -3.80779  1.000 50.15502  ? 33  LEU A CD2 1 
ATOM   238  N N   . MET A 1 34 ? -3.84551  -0.78432  -3.71337  1.000 41.13591  ? 34  MET A N   1 
ATOM   239  C CA  . MET A 1 34 ? -2.83823  -0.76994  -2.66079  1.000 47.43688  ? 34  MET A CA  1 
ATOM   240  C C   . MET A 1 34 ? -1.45017  -0.58404  -3.24702  1.000 45.07124  ? 34  MET A C   1 
ATOM   241  O O   . MET A 1 34 ? -0.70203  0.29549   -2.82367  1.000 40.44156  ? 34  MET A O   1 
ATOM   242  C CB  . MET A 1 34 ? -2.90619  -2.07093  -1.85954  1.000 40.55506  ? 34  MET A CB  1 
ATOM   243  C CG  . MET A 1 34 ? -1.83122  -2.15988  -0.78007  1.000 46.21422  ? 34  MET A CG  1 
ATOM   244  S SD  . MET A 1 34 ? -2.05802  -0.81028  0.41114   1.000 55.89693  ? 34  MET A SD  1 
ATOM   245  C CE  . MET A 1 34 ? -0.33327  -0.39313  0.73691   1.000 50.46834  ? 34  MET A CE  1 
ATOM   246  N N   . ARG A 1 35 ? -1.10434  -1.39528  -4.24568  1.000 48.73471  ? 35  ARG A N   1 
ATOM   247  C CA  . ARG A 1 35 ? 0.18781   -1.24262  -4.90263  1.000 49.32171  ? 35  ARG A CA  1 
ATOM   248  C C   . ARG A 1 35 ? 0.37799   0.16804   -5.40836  1.000 47.63752  ? 35  ARG A C   1 
ATOM   249  O O   . ARG A 1 35 ? 1.44048   0.76452   -5.20598  1.000 44.47659  ? 35  ARG A O   1 
ATOM   250  C CB  . ARG A 1 35 ? 0.31829   -2.23274  -6.06208  1.000 39.65497  ? 35  ARG A CB  1 
ATOM   251  C CG  . ARG A 1 35 ? 0.79806   -3.57196  -5.60857  1.000 43.12880  ? 35  ARG A CG  1 
ATOM   252  C CD  . ARG A 1 35 ? 0.82402   -4.55535  -6.78108  1.000 47.31193  ? 35  ARG A CD  1 
ATOM   253  N NE  . ARG A 1 35 ? 0.79768   -5.93427  -6.31665  1.000 51.00748  ? 35  ARG A NE  1 
ATOM   254  C CZ  . ARG A 1 35 ? 1.87102   -6.70105  -6.14270  1.000 58.21624  ? 35  ARG A CZ  1 
ATOM   255  N NH1 . ARG A 1 35 ? 3.10143   -6.23279  -6.33451  1.000 55.56501  ? 35  ARG A NH1 1 
ATOM   256  N NH2 . ARG A 1 35 ? 1.70838   -7.97141  -5.76100  1.000 57.88429  ? 35  ARG A NH2 1 
ATOM   257  N N   . SER A 1 36 ? -0.64549  0.72819   -6.06066  1.000 44.10748  ? 36  SER A N   1 
ATOM   258  C CA  . SER A 1 36 ? -0.48044  2.04343   -6.67567  1.000 48.09296  ? 36  SER A CA  1 
ATOM   259  C C   . SER A 1 36 ? -0.35114  3.14884   -5.63322  1.000 45.95743  ? 36  SER A C   1 
ATOM   260  O O   . SER A 1 36 ? 0.30923   4.16075   -5.88750  1.000 45.64466  ? 36  SER A O   1 
ATOM   261  C CB  . SER A 1 36 ? -1.64473  2.34036   -7.61534  1.000 39.79206  ? 36  SER A CB  1 
ATOM   262  O OG  . SER A 1 36 ? -2.81437  2.64266   -6.86467  1.000 46.77213  ? 36  SER A OG  1 
ATOM   263  N N   . ARG A 1 37 ? -0.98234  3.00364   -4.46699  1.000 44.48923  ? 37  ARG A N   1 
ATOM   264  C CA  . ARG A 1 37 ? -0.78265  4.01228   -3.42511  1.000 46.36049  ? 37  ARG A CA  1 
ATOM   265  C C   . ARG A 1 37 ? 0.59088   3.87491   -2.78369  1.000 49.27176  ? 37  ARG A C   1 
ATOM   266  O O   . ARG A 1 37 ? 1.19267   4.87706   -2.39501  1.000 49.82532  ? 37  ARG A O   1 
ATOM   267  C CB  . ARG A 1 37 ? -1.86814  3.91207   -2.34345  1.000 46.62038  ? 37  ARG A CB  1 
ATOM   268  C CG  . ARG A 1 37 ? -3.30319  4.25784   -2.80643  1.000 44.20327  ? 37  ARG A CG  1 
ATOM   269  C CD  . ARG A 1 37 ? -4.33206  4.00642   -1.69444  1.000 46.58182  ? 37  ARG A CD  1 
ATOM   270  N NE  . ARG A 1 37 ? -4.06461  4.73476   -0.45716  1.000 43.75875  ? 37  ARG A NE  1 
ATOM   271  C CZ  . ARG A 1 37 ? -4.43306  5.98840   -0.23988  1.000 47.20367  ? 37  ARG A CZ  1 
ATOM   272  N NH1 . ARG A 1 37 ? -5.04856  6.69881   -1.16992  1.000 45.94121  ? 37  ARG A NH1 1 
ATOM   273  N NH2 . ARG A 1 37 ? -4.16787  6.55094   0.93774   1.000 47.33152  ? 37  ARG A NH2 1 
ATOM   274  N N   . TYR A 1 38 ? 1.09477   2.64693   -2.63761  1.000 48.49055  ? 38  TYR A N   1 
ATOM   275  C CA  . TYR A 1 38 ? 2.46174   2.48731   -2.16398  1.000 48.36292  ? 38  TYR A CA  1 
ATOM   276  C C   . TYR A 1 38 ? 3.43729   3.18155   -3.10977  1.000 52.29138  ? 38  TYR A C   1 
ATOM   277  O O   . TYR A 1 38 ? 4.35603   3.87789   -2.66536  1.000 46.80348  ? 38  TYR A O   1 
ATOM   278  C CB  . TYR A 1 38 ? 2.79524   1.00222   -2.01817  1.000 46.61552  ? 38  TYR A CB  1 
ATOM   279  C CG  . TYR A 1 38 ? 4.26343   0.76275   -1.70257  1.000 53.10740  ? 38  TYR A CG  1 
ATOM   280  C CD1 . TYR A 1 38 ? 4.73947   0.83519   -0.38908  1.000 48.97916  ? 38  TYR A CD1 1 
ATOM   281  C CD2 . TYR A 1 38 ? 5.17968   0.49009   -2.71711  1.000 52.74228  ? 38  TYR A CD2 1 
ATOM   282  C CE1 . TYR A 1 38 ? 6.08047   0.63442   -0.09977  1.000 53.61272  ? 38  TYR A CE1 1 
ATOM   283  C CE2 . TYR A 1 38 ? 6.53792   0.27943   -2.42973  1.000 47.97228  ? 38  TYR A CE2 1 
ATOM   284  C CZ  . TYR A 1 38 ? 6.97943   0.35489   -1.12327  1.000 52.70138  ? 38  TYR A CZ  1 
ATOM   285  O OH  . TYR A 1 38 ? 8.31850   0.15415   -0.82535  1.000 52.93162  ? 38  TYR A OH  1 
ATOM   286  N N   . CYS A 1 39 ? 3.22745   3.03153   -4.42241  1.000 48.66638  ? 39  CYS A N   1 
ATOM   287  C CA  . CYS A 1 39 ? 4.04681   3.74842   -5.39328  1.000 49.19582  ? 39  CYS A CA  1 
ATOM   288  C C   . CYS A 1 39 ? 3.97130   5.24456   -5.17751  1.000 53.54351  ? 39  CYS A C   1 
ATOM   289  O O   . CYS A 1 39 ? 5.00143   5.91695   -5.12349  1.000 54.65440  ? 39  CYS A O   1 
ATOM   290  C CB  . CYS A 1 39 ? 3.62464   3.41140   -6.81716  1.000 51.22139  ? 39  CYS A CB  1 
ATOM   291  S SG  . CYS A 1 39 ? 4.27746   1.82630   -7.33319  1.000 55.48838  ? 39  CYS A SG  1 
ATOM   292  N N   . ALA A 1 40 ? 2.75642   5.78783   -5.06135  1.000 51.51807  ? 40  ALA A N   1 
ATOM   293  C CA  . ALA A 1 40 ? 2.60380   7.22319   -4.83683  1.000 51.32650  ? 40  ALA A CA  1 
ATOM   294  C C   . ALA A 1 40 ? 3.31098   7.68672   -3.56744  1.000 53.17974  ? 40  ALA A C   1 
ATOM   295  O O   . ALA A 1 40 ? 3.76941   8.82933   -3.50305  1.000 54.00899  ? 40  ALA A O   1 
ATOM   296  C CB  . ALA A 1 40 ? 1.12290   7.60352   -4.78472  1.000 47.70229  ? 40  ALA A CB  1 
ATOM   297  N N   . PHE A 1 41 ? 3.41865   6.83492   -2.54803  1.000 52.47369  ? 41  PHE A N   1 
ATOM   298  C CA  . PHE A 1 41 ? 4.22347   7.21254   -1.38758  1.000 52.22567  ? 41  PHE A CA  1 
ATOM   299  C C   . PHE A 1 41 ? 5.70601   7.25071   -1.74304  1.000 55.12472  ? 41  PHE A C   1 
ATOM   300  O O   . PHE A 1 41 ? 6.42551   8.18968   -1.37353  1.000 58.02179  ? 41  PHE A O   1 
ATOM   301  C CB  . PHE A 1 41 ? 3.98296   6.24509   -0.23258  1.000 48.63516  ? 41  PHE A CB  1 
ATOM   302  C CG  . PHE A 1 41 ? 2.81713   6.60843   0.62167   1.000 56.05020  ? 41  PHE A CG  1 
ATOM   303  C CD1 . PHE A 1 41 ? 2.85881   7.73590   1.42958   1.000 56.33556  ? 41  PHE A CD1 1 
ATOM   304  C CD2 . PHE A 1 41 ? 1.68346   5.81862   0.63611   1.000 58.65275  ? 41  PHE A CD2 1 
ATOM   305  C CE1 . PHE A 1 41 ? 1.77944   8.07445   2.22087   1.000 59.84575  ? 41  PHE A CE1 1 
ATOM   306  C CE2 . PHE A 1 41 ? 0.59488   6.15174   1.42789   1.000 58.24892  ? 41  PHE A CE2 1 
ATOM   307  C CZ  . PHE A 1 41 ? 0.64175   7.27579   2.22129   1.000 55.54110  ? 41  PHE A CZ  1 
ATOM   308  N N   . VAL A 1 42 ? 6.17937   6.21047   -2.42674  1.000 51.86803  ? 42  VAL A N   1 
ATOM   309  C CA  . VAL A 1 42 ? 7.55222   6.16323   -2.92305  1.000 54.16336  ? 42  VAL A CA  1 
ATOM   310  C C   . VAL A 1 42 ? 7.84465   7.36974   -3.80976  1.000 55.73947  ? 42  VAL A C   1 
ATOM   311  O O   . VAL A 1 42 ? 8.85531   8.05775   -3.63590  1.000 58.42312  ? 42  VAL A O   1 
ATOM   312  C CB  . VAL A 1 42 ? 7.78071   4.83914   -3.67626  1.000 54.27520  ? 42  VAL A CB  1 
ATOM   313  C CG1 . VAL A 1 42 ? 9.06129   4.88967   -4.50643  1.000 55.77641  ? 42  VAL A CG1 1 
ATOM   314  C CG2 . VAL A 1 42 ? 7.78532   3.65986   -2.70677  1.000 46.58790  ? 42  VAL A CG2 1 
ATOM   315  N N   . MET A 1 43 ? 6.95483   7.65761   -4.75798  1.000 53.52201  ? 43  MET A N   1 
ATOM   316  C CA  . MET A 1 43 ? 7.16373   8.72094   -5.73113  1.000 56.85831  ? 43  MET A CA  1 
ATOM   317  C C   . MET A 1 43 ? 6.72032   10.08629  -5.22794  1.000 55.82430  ? 43  MET A C   1 
ATOM   318  O O   . MET A 1 43 ? 6.73672   11.04952  -6.00365  1.000 57.39171  ? 43  MET A O   1 
ATOM   319  C CB  . MET A 1 43 ? 6.43680   8.39611   -7.04012  1.000 59.70627  ? 43  MET A CB  1 
ATOM   320  C CG  . MET A 1 43 ? 6.44264   6.91940   -7.42823  1.000 62.59802  ? 43  MET A CG  1 
ATOM   321  S SD  . MET A 1 43 ? 7.53073   6.37855   -8.74614  1.000 81.65024  ? 43  MET A SD  1 
ATOM   322  C CE  . MET A 1 43 ? 6.76969   7.13180   -10.17717 1.000 73.18695  ? 43  MET A CE  1 
ATOM   323  N N   . LYS A 1 44 ? 6.30780   10.18210  -3.96273  1.000 57.94990  ? 44  LYS A N   1 
ATOM   324  C CA  . LYS A 1 44 ? 5.90824   11.44189  -3.33666  1.000 55.37581  ? 44  LYS A CA  1 
ATOM   325  C C   . LYS A 1 44 ? 4.87232   12.19385  -4.17265  1.000 55.94176  ? 44  LYS A C   1 
ATOM   326  O O   . LYS A 1 44 ? 4.92632   13.41705  -4.32326  1.000 59.74584  ? 44  LYS A O   1 
ATOM   327  C CB  . LYS A 1 44 ? 7.13167   12.31714  -3.05880  1.000 60.06898  ? 44  LYS A CB  1 
ATOM   328  C CG  . LYS A 1 44 ? 8.19517   11.65405  -2.16919  1.000 59.25090  ? 44  LYS A CG  1 
ATOM   329  C CD  . LYS A 1 44 ? 9.34049   12.64000  -1.90034  1.000 63.56771  ? 44  LYS A CD  1 
ATOM   330  C CE  . LYS A 1 44 ? 10.41429  12.05383  -1.00288  1.000 63.19317  ? 44  LYS A CE  1 
ATOM   331  N NZ  . LYS A 1 44 ? 11.37357  11.23625  -1.78082  1.000 69.57521  ? 44  LYS A NZ  1 
ATOM   332  N N   . ASP A 1 45 ? 3.89101   11.44846  -4.68910  1.000 53.00880  ? 45  ASP A N   1 
ATOM   333  C CA  . ASP A 1 45 ? 2.77648   11.99885  -5.46832  1.000 55.72749  ? 45  ASP A CA  1 
ATOM   334  C C   . ASP A 1 45 ? 1.56868   12.19057  -4.54531  1.000 62.68265  ? 45  ASP A C   1 
ATOM   335  O O   . ASP A 1 45 ? 0.68983   11.32692  -4.45810  1.000 55.82310  ? 45  ASP A O   1 
ATOM   336  C CB  . ASP A 1 45 ? 2.44722   11.07013  -6.63624  1.000 58.57842  ? 45  ASP A CB  1 
ATOM   337  C CG  . ASP A 1 45 ? 1.35628   11.62193  -7.55152  1.000 59.08950  ? 45  ASP A CG  1 
ATOM   338  O OD1 . ASP A 1 45 ? 0.71684   12.62856  -7.18147  1.000 58.76883  ? 45  ASP A OD1 1 
ATOM   339  O OD2 . ASP A 1 45 ? 1.14843   11.05427  -8.65763  1.000 56.47743  ? 45  ASP A OD2 1 
ATOM   340  N N   . ALA A 1 46 ? 1.50256   13.35791  -3.88497  1.000 58.35465  ? 46  ALA A N   1 
ATOM   341  C CA  . ALA A 1 46 ? 0.41608   13.62093  -2.94448  1.000 55.06266  ? 46  ALA A CA  1 
ATOM   342  C C   . ALA A 1 46 ? -0.93925  13.68319  -3.63335  1.000 55.54619  ? 46  ALA A C   1 
ATOM   343  O O   . ALA A 1 46 ? -1.94584  13.29916  -3.03723  1.000 56.53382  ? 46  ALA A O   1 
ATOM   344  C CB  . ALA A 1 46 ? 0.67110   14.92224  -2.18617  1.000 60.19903  ? 46  ALA A CB  1 
ATOM   345  N N   . ASP A 1 47 ? -0.99519  14.14560  -4.88246  1.000 59.09295  ? 47  ASP A N   1 
ATOM   346  C CA  . ASP A 1 47 ? -2.29092  14.29366  -5.54148  1.000 57.87242  ? 47  ASP A CA  1 
ATOM   347  C C   . ASP A 1 47 ? -2.93329  12.94255  -5.83548  1.000 56.69798  ? 47  ASP A C   1 
ATOM   348  O O   . ASP A 1 47 ? -4.15704  12.80645  -5.74139  1.000 53.26514  ? 47  ASP A O   1 
ATOM   349  C CB  . ASP A 1 47 ? -2.14047  15.11614  -6.81843  1.000 61.63164  ? 47  ASP A CB  1 
ATOM   350  C CG  . ASP A 1 47 ? -1.72942  16.56032  -6.53503  1.000 68.28034  ? 47  ASP A CG  1 
ATOM   351  O OD1 . ASP A 1 47 ? -2.20888  17.14667  -5.53234  1.000 71.18043  ? 47  ASP A OD1 1 
ATOM   352  O OD2 . ASP A 1 47 ? -0.91746  17.10915  -7.30339  1.000 68.30374  ? 47  ASP A OD2 1 
ATOM   353  N N   . TYR A 1 48 ? -2.13981  11.92612  -6.18900  1.000 54.39033  ? 48  TYR A N   1 
ATOM   354  C CA  . TYR A 1 48 ? -2.74884  10.61953  -6.41626  1.000 53.24710  ? 48  TYR A CA  1 
ATOM   355  C C   . TYR A 1 48 ? -3.24993  10.01711  -5.11141  1.000 52.69024  ? 48  TYR A C   1 
ATOM   356  O O   . TYR A 1 48 ? -4.27625  9.33153   -5.09730  1.000 51.42713  ? 48  TYR A O   1 
ATOM   357  C CB  . TYR A 1 48 ? -1.78981  9.63267   -7.10150  1.000 50.26145  ? 48  TYR A CB  1 
ATOM   358  C CG  . TYR A 1 48 ? -2.47809  8.28603   -7.23483  1.000 47.97740  ? 48  TYR A CG  1 
ATOM   359  C CD1 . TYR A 1 48 ? -3.55864  8.13771   -8.08762  1.000 49.93898  ? 48  TYR A CD1 1 
ATOM   360  C CD2 . TYR A 1 48 ? -2.11838  7.19982   -6.43718  1.000 46.04754  ? 48  TYR A CD2 1 
ATOM   361  C CE1 . TYR A 1 48 ? -4.24007  6.92779   -8.18575  1.000 52.01245  ? 48  TYR A CE1 1 
ATOM   362  C CE2 . TYR A 1 48 ? -2.80115  5.97614   -6.52810  1.000 48.06530  ? 48  TYR A CE2 1 
ATOM   363  C CZ  . TYR A 1 48 ? -3.86061  5.85799   -7.40759  1.000 49.41376  ? 48  TYR A CZ  1 
ATOM   364  O OH  . TYR A 1 48 ? -4.55460  4.67457   -7.52133  1.000 50.11126  ? 48  TYR A OH  1 
ATOM   365  N N   . LEU A 1 49 ? -2.52709  10.23185  -4.01125  1.000 52.80639  ? 49  LEU A N   1 
ATOM   366  C CA  . LEU A 1 49 ? -3.00022  9.73487   -2.72348  1.000 52.62617  ? 49  LEU A CA  1 
ATOM   367  C C   . LEU A 1 49 ? -4.31729  10.38118  -2.34017  1.000 51.83782  ? 49  LEU A C   1 
ATOM   368  O O   . LEU A 1 49 ? -5.24189  9.70795   -1.86416  1.000 50.37029  ? 49  LEU A O   1 
ATOM   369  C CB  . LEU A 1 49 ? -1.95992  9.99723   -1.64942  1.000 48.98634  ? 49  LEU A CB  1 
ATOM   370  C CG  . LEU A 1 49 ? -0.68183  9.21662   -1.90670  1.000 51.59429  ? 49  LEU A CG  1 
ATOM   371  C CD1 . LEU A 1 49 ? 0.40497   9.66127   -0.94106  1.000 53.54124  ? 49  LEU A CD1 1 
ATOM   372  C CD2 . LEU A 1 49 ? -0.97534  7.74813   -1.75024  1.000 44.54463  ? 49  LEU A CD2 1 
ATOM   373  N N   . ILE A 1 50 ? -4.41769  11.68984  -2.53303  1.000 51.96756  ? 50  ILE A N   1 
ATOM   374  C CA  . ILE A 1 50 ? -5.67286  12.37274  -2.25888  1.000 52.95829  ? 50  ILE A CA  1 
ATOM   375  C C   . ILE A 1 50 ? -6.78322  11.77418  -3.10502  1.000 52.80201  ? 50  ILE A C   1 
ATOM   376  O O   . ILE A 1 50 ? -7.84351  11.40733  -2.59176  1.000 52.95466  ? 50  ILE A O   1 
ATOM   377  C CB  . ILE A 1 50 ? -5.51764  13.88114  -2.50223  1.000 53.14106  ? 50  ILE A CB  1 
ATOM   378  C CG1 . ILE A 1 50 ? -4.65254  14.48070  -1.40377  1.000 59.61031  ? 50  ILE A CG1 1 
ATOM   379  C CG2 . ILE A 1 50 ? -6.87775  14.54844  -2.59058  1.000 56.32799  ? 50  ILE A CG2 1 
ATOM   380  C CD1 . ILE A 1 50 ? -3.99295  15.77657  -1.79436  1.000 64.88356  ? 50  ILE A CD1 1 
ATOM   381  N N   . LYS A 1 51 ? -6.52859  11.60593  -4.40792  1.000 52.44482  ? 51  LYS A N   1 
ATOM   382  C CA  . LYS A 1 51 ? -7.55265  11.13432  -5.33463  1.000 51.12381  ? 51  LYS A CA  1 
ATOM   383  C C   . LYS A 1 51 ? -7.98757  9.68910   -5.07258  1.000 53.13397  ? 51  LYS A C   1 
ATOM   384  O O   . LYS A 1 51 ? -9.10872  9.31391   -5.45199  1.000 48.95413  ? 51  LYS A O   1 
ATOM   385  C CB  . LYS A 1 51 ? -7.05201  11.25857  -6.78263  1.000 53.71704  ? 51  LYS A CB  1 
ATOM   386  C CG  . LYS A 1 51 ? -8.13858  11.13934  -7.85189  1.000 53.12268  ? 51  LYS A CG  1 
ATOM   387  C CD  . LYS A 1 51 ? -7.75703  10.16098  -8.96507  1.000 64.50182  ? 51  LYS A CD  1 
ATOM   388  C CE  . LYS A 1 51 ? -7.79138  8.68914   -8.48813  1.000 65.49831  ? 51  LYS A CE  1 
ATOM   389  N NZ  . LYS A 1 51 ? -7.70436  7.67526   -9.63685  1.000 63.84670  ? 51  LYS A NZ  1 
ATOM   390  N N   . SER A 1 52 ? -7.13851  8.86114   -4.46242  1.000 47.48661  ? 52  SER A N   1 
ATOM   391  C CA  . SER A 1 52 ? -7.51262  7.48292   -4.17625  1.000 52.17984  ? 52  SER A CA  1 
ATOM   392  C C   . SER A 1 52 ? -7.97603  7.27838   -2.74065  1.000 49.81264  ? 52  SER A C   1 
ATOM   393  O O   . SER A 1 52 ? -8.29963  6.14631   -2.36925  1.000 48.36935  ? 52  SER A O   1 
ATOM   394  C CB  . SER A 1 52 ? -6.35253  6.52452   -4.50423  1.000 49.80153  ? 52  SER A CB  1 
ATOM   395  O OG  . SER A 1 52 ? -5.13082  6.96197   -3.94313  1.000 45.13299  ? 52  SER A OG  1 
ATOM   396  N N   . TRP A 1 53 ? -8.03048  8.34237   -1.93938  1.000 49.89645  ? 53  TRP A N   1 
ATOM   397  C CA  . TRP A 1 53 ? -8.63799  8.28955   -0.61430  1.000 48.82978  ? 53  TRP A CA  1 
ATOM   398  C C   . TRP A 1 53 ? -10.15807 8.43296   -0.72803  1.000 45.74591  ? 53  TRP A C   1 
ATOM   399  O O   . TRP A 1 53 ? -10.65908 9.30074   -1.45415  1.000 45.10502  ? 53  TRP A O   1 
ATOM   400  C CB  . TRP A 1 53 ? -8.07128  9.40814   0.27901   1.000 46.33546  ? 53  TRP A CB  1 
ATOM   401  C CG  . TRP A 1 53 ? -7.65078  8.92968   1.61402   1.000 48.04461  ? 53  TRP A CG  1 
ATOM   402  C CD1 . TRP A 1 53 ? -8.43185  8.29852   2.53197   1.000 48.65370  ? 53  TRP A CD1 1 
ATOM   403  C CD2 . TRP A 1 53 ? -6.34334  9.03049   2.19719   1.000 52.28932  ? 53  TRP A CD2 1 
ATOM   404  N NE1 . TRP A 1 53 ? -7.69125  7.98980   3.64968   1.000 48.30018  ? 53  TRP A NE1 1 
ATOM   405  C CE2 . TRP A 1 53 ? -6.40865  8.43253   3.47116   1.000 50.58933  ? 53  TRP A CE2 1 
ATOM   406  C CE3 . TRP A 1 53 ? -5.12739  9.57796   1.77001   1.000 49.27901  ? 53  TRP A CE3 1 
ATOM   407  C CZ2 . TRP A 1 53 ? -5.30560  8.35291   4.31806   1.000 50.43061  ? 53  TRP A CZ2 1 
ATOM   408  C CZ3 . TRP A 1 53 ? -4.03767  9.49644   2.60667   1.000 46.05291  ? 53  TRP A CZ3 1 
ATOM   409  C CH2 . TRP A 1 53 ? -4.12895  8.88619   3.86672   1.000 50.05592  ? 53  TRP A CH2 1 
ATOM   410  N N   . HIS A 1 54 ? -10.88387 7.59905   0.01503   1.000 42.27163  ? 54  HIS A N   1 
ATOM   411  C CA  . HIS A 1 54 ? -12.34442 7.65293   0.01577   1.000 46.63158  ? 54  HIS A CA  1 
ATOM   412  C C   . HIS A 1 54 ? -12.82919 9.07994   0.26038   1.000 48.95623  ? 54  HIS A C   1 
ATOM   413  O O   . HIS A 1 54 ? -12.30601 9.76242   1.14951   1.000 49.53679  ? 54  HIS A O   1 
ATOM   414  C CB  . HIS A 1 54 ? -12.92633 6.72440   1.09214   1.000 43.71872  ? 54  HIS A CB  1 
ATOM   415  C CG  . HIS A 1 54 ? -14.40618 6.52962   0.96526   1.000 51.39330  ? 54  HIS A CG  1 
ATOM   416  N ND1 . HIS A 1 54 ? -15.32132 7.46855   1.39575   1.000 45.10898  ? 54  HIS A ND1 1 
ATOM   417  C CD2 . HIS A 1 54 ? -15.12721 5.52680   0.40227   1.000 48.38619  ? 54  HIS A CD2 1 
ATOM   418  C CE1 . HIS A 1 54 ? -16.54252 7.03859   1.12922   1.000 51.47237  ? 54  HIS A CE1 1 
ATOM   419  N NE2 . HIS A 1 54 ? -16.45129 5.86587   0.52267   1.000 52.64266  ? 54  HIS A NE2 1 
ATOM   420  N N   . PRO A 1 55 ? -13.83475 9.55600   -0.48466  1.000 52.24904  ? 55  PRO A N   1 
ATOM   421  C CA  . PRO A 1 55 ? -14.19660 10.98081  -0.41020  1.000 48.34761  ? 55  PRO A CA  1 
ATOM   422  C C   . PRO A 1 55 ? -14.61936 11.44868  0.97482   1.000 49.53222  ? 55  PRO A C   1 
ATOM   423  O O   . PRO A 1 55 ? -14.38010 12.61176  1.31051   1.000 50.58658  ? 55  PRO A O   1 
ATOM   424  C CB  . PRO A 1 55 ? -15.35823 11.10856  -1.41063  1.000 46.42968  ? 55  PRO A CB  1 
ATOM   425  C CG  . PRO A 1 55 ? -15.36672 9.86986   -2.18825  1.000 49.47422  ? 55  PRO A CG  1 
ATOM   426  C CD  . PRO A 1 55 ? -14.74244 8.80652   -1.36709  1.000 51.12832  ? 55  PRO A CD  1 
ATOM   427  N N   . THR A 1 56 ? -15.22447 10.59158  1.79891   1.000 49.66046  ? 56  THR A N   1 
ATOM   428  C CA  . THR A 1 56 ? -15.66988 11.05944  3.10883   1.000 53.33588  ? 56  THR A CA  1 
ATOM   429  C C   . THR A 1 56 ? -14.51367 11.44519  4.02067   1.000 52.60443  ? 56  THR A C   1 
ATOM   430  O O   . THR A 1 56 ? -14.71662 12.19675  4.98183   1.000 52.65763  ? 56  THR A O   1 
ATOM   431  C CB  . THR A 1 56 ? -16.54520 10.01284  3.80259   1.000 48.06133  ? 56  THR A CB  1 
ATOM   432  O OG1 . THR A 1 56 ? -17.21839 10.64617  4.88932   1.000 47.07560  ? 56  THR A OG1 1 
ATOM   433  C CG2 . THR A 1 56 ? -15.72753 8.84615   4.35550   1.000 43.99197  ? 56  THR A CG2 1 
ATOM   434  N N   . CYS A 1 57 ? -13.29940 10.98765  3.72563   1.000 56.30719  ? 57  CYS A N   1 
ATOM   435  C CA  . CYS A 1 57 ? -12.16694 11.32645  4.57491   1.000 49.28567  ? 57  CYS A CA  1 
ATOM   436  C C   . CYS A 1 57 ? -11.66429 12.74086  4.34284   1.000 49.92656  ? 57  CYS A C   1 
ATOM   437  O O   . CYS A 1 57 ? -10.88997 13.25317  5.16323   1.000 50.24826  ? 57  CYS A O   1 
ATOM   438  C CB  . CYS A 1 57 ? -11.04799 10.32428  4.34787   1.000 49.29919  ? 57  CYS A CB  1 
ATOM   439  S SG  . CYS A 1 57 ? -11.44593 8.67271   4.92718   1.000 52.47579  ? 57  CYS A SG  1 
ATOM   440  N N   . ASN A 1 58 ? -12.06014 13.36513  3.23668   1.000 46.83896  ? 58  ASN A N   1 
ATOM   441  C CA  . ASN A 1 58 ? -11.76653 14.76955  2.98122   1.000 48.22717  ? 58  ASN A CA  1 
ATOM   442  C C   . ASN A 1 58 ? -10.25279 15.00344  2.84731   1.000 57.35567  ? 58  ASN A C   1 
ATOM   443  O O   . ASN A 1 58 ? -9.68254  15.93972  3.42156   1.000 55.13563  ? 58  ASN A O   1 
ATOM   444  C CB  . ASN A 1 58 ? -12.39122 15.63287  4.08494   1.000 45.00870  ? 58  ASN A CB  1 
ATOM   445  C CG  . ASN A 1 58 ? -12.26936 17.11004  3.81205   1.000 54.66696  ? 58  ASN A CG  1 
ATOM   446  O OD1 . ASN A 1 58 ? -12.15819 17.53931  2.65454   1.000 54.02158  ? 58  ASN A OD1 1 
ATOM   447  N ND2 . ASN A 1 58 ? -12.28360 17.90793  4.88108   1.000 52.63431  ? 58  ASN A ND2 1 
ATOM   448  N N   . ALA A 1 59 ? -9.60223  14.15723  2.03414   1.000 54.24062  ? 59  ALA A N   1 
ATOM   449  C CA  . ALA A 1 59 ? -8.13729  14.12753  1.99263   1.000 57.59130  ? 59  ALA A CA  1 
ATOM   450  C C   . ALA A 1 59 ? -7.52429  15.43752  1.48230   1.000 59.79472  ? 59  ALA A C   1 
ATOM   451  O O   . ALA A 1 59 ? -6.39664  15.77913  1.86114   1.000 55.13663  ? 59  ALA A O   1 
ATOM   452  C CB  . ALA A 1 59 ? -7.67556  12.95116  1.12453   1.000 51.89126  ? 59  ALA A CB  1 
ATOM   453  N N   . ALA A 1 60 ? -8.23777  16.16902  0.62439   1.000 56.96960  ? 60  ALA A N   1 
ATOM   454  C CA  . ALA A 1 60 ? -7.72802  17.37093  -0.05634  1.000 61.17382  ? 60  ALA A CA  1 
ATOM   455  C C   . ALA A 1 60 ? -7.11769  18.43823  0.85729   1.000 62.34134  ? 60  ALA A C   1 
ATOM   456  O O   . ALA A 1 60 ? -7.27950  18.39740  2.07035   1.000 66.25500  ? 60  ALA A O   1 
ATOM   457  C CB  . ALA A 1 60 ? -8.84883  17.99821  -0.87966  1.000 61.74949  ? 60  ALA A CB  1 
ATOM   458  N N   . ALA B 2 1  ? -6.82381  19.84106  4.04407   1.000 71.73780  ? 61  ALA B N   1 
ATOM   459  C CA  . ALA B 2 1  ? -7.06393  18.98487  5.19447   1.000 72.06041  ? 61  ALA B CA  1 
ATOM   460  C C   . ALA B 2 1  ? -5.84538  18.09643  5.44325   1.000 73.58064  ? 61  ALA B C   1 
ATOM   461  O O   . ALA B 2 1  ? -5.05286  18.39773  6.34174   1.000 84.56772  ? 61  ALA B O   1 
ATOM   462  C CB  . ALA B 2 1  ? -8.31978  18.16185  4.99868   1.000 69.16921  ? 61  ALA B CB  1 
ATOM   463  N N   . PHE B 2 2  ? -5.67231  17.01466  4.67718   1.000 65.37028  ? 62  PHE B N   1 
ATOM   464  C CA  . PHE B 2 2  ? -4.46011  16.21578  4.83746   1.000 64.97042  ? 62  PHE B CA  1 
ATOM   465  C C   . PHE B 2 2  ? -3.32146  16.71159  4.00002   1.000 63.48255  ? 62  PHE B C   1 
ATOM   466  O O   . PHE B 2 2  ? -2.19881  16.25571  4.21370   1.000 64.45648  ? 62  PHE B O   1 
ATOM   467  C CB  . PHE B 2 2  ? -4.51759  14.76868  4.33145   1.000 65.52000  ? 62  PHE B CB  1 
ATOM   468  C CG  . PHE B 2 2  ? -5.60862  13.94287  4.83031   1.000 66.74642  ? 62  PHE B CG  1 
ATOM   469  C CD1 . PHE B 2 2  ? -6.56972  14.42587  5.69461   1.000 66.65790  ? 62  PHE B CD1 1 
ATOM   470  C CD2 . PHE B 2 2  ? -5.68667  12.63200  4.38283   1.000 63.77012  ? 62  PHE B CD2 1 
ATOM   471  C CE1 . PHE B 2 2  ? -7.57109  13.61392  6.10177   1.000 65.61309  ? 62  PHE B CE1 1 
ATOM   472  C CE2 . PHE B 2 2  ? -6.68395  11.82578  4.79637   1.000 60.66442  ? 62  PHE B CE2 1 
ATOM   473  C CZ  . PHE B 2 2  ? -7.64064  12.31417  5.64963   1.000 63.14415  ? 62  PHE B CZ  1 
ATOM   474  N N   . ARG B 2 3  ? -3.60789  17.48468  2.95566   1.000 58.20911  ? 63  ARG B N   1 
ATOM   475  C CA  . ARG B 2 3  ? -2.65076  17.57896  1.86708   1.000 59.81951  ? 63  ARG B CA  1 
ATOM   476  C C   . ARG B 2 3  ? -1.25126  17.89391  2.37543   1.000 67.36193  ? 63  ARG B C   1 
ATOM   477  O O   . ARG B 2 3  ? -0.28014  17.24506  1.97077   1.000 62.43091  ? 63  ARG B O   1 
ATOM   478  C CB  . ARG B 2 3  ? -3.08895  18.61454  0.85784   1.000 62.08020  ? 63  ARG B CB  1 
ATOM   479  C CG  . ARG B 2 3  ? -2.23590  18.49230  -0.34284  1.000 69.31034  ? 63  ARG B CG  1 
ATOM   480  C CD  . ARG B 2 3  ? -1.92076  19.81594  -0.91871  1.000 75.22084  ? 63  ARG B CD  1 
ATOM   481  N NE  . ARG B 2 3  ? -1.08690  19.63675  -2.09335  1.000 74.96431  ? 63  ARG B NE  1 
ATOM   482  C CZ  . ARG B 2 3  ? -1.53571  19.18315  -3.25036  1.000 75.31308  ? 63  ARG B CZ  1 
ATOM   483  N NH1 . ARG B 2 3  ? -2.80629  18.84550  -3.41220  1.000 73.20506  ? 63  ARG B NH1 1 
ATOM   484  N NH2 . ARG B 2 3  ? -0.68814  19.06175  -4.26872  1.000 78.05707  ? 63  ARG B NH2 1 
ATOM   485  N N   . ASP B 2 4  ? -1.13556  18.83328  3.32317   1.000 67.74094  ? 64  ASP B N   1 
ATOM   486  C CA  . ASP B 2 4  ? 0.17983   19.16384  3.86233   1.000 65.20266  ? 64  ASP B CA  1 
ATOM   487  C C   . ASP B 2 4  ? 0.67560   18.11792  4.86060   1.000 64.47749  ? 64  ASP B C   1 
ATOM   488  O O   . ASP B 2 4  ? 1.88546   17.88719  4.94534   1.000 67.38573  ? 64  ASP B O   1 
ATOM   489  C CB  . ASP B 2 4  ? 0.15081   20.56068  4.48707   1.000 64.49411  ? 64  ASP B CB  1 
ATOM   490  C CG  . ASP B 2 4  ? -0.36119  21.63141  3.51125   1.000 72.62905  ? 64  ASP B CG  1 
ATOM   491  O OD1 . ASP B 2 4  ? -1.22357  22.44768  3.92300   1.000 71.46949  ? 64  ASP B OD1 1 
ATOM   492  O OD2 . ASP B 2 4  ? 0.07599   21.64787  2.33103   1.000 69.32895  ? 64  ASP B OD2 1 
ATOM   493  N N   . ASP B 2 5  ? -0.22268  17.47722  5.62003   1.000 64.23536  ? 65  ASP B N   1 
ATOM   494  C CA  . ASP B 2 5  ? 0.15537   16.26119  6.34509   1.000 65.87995  ? 65  ASP B CA  1 
ATOM   495  C C   . ASP B 2 5  ? 0.83809   15.26106  5.41954   1.000 66.83155  ? 65  ASP B C   1 
ATOM   496  O O   . ASP B 2 5  ? 1.81411   14.60897  5.80536   1.000 68.64727  ? 65  ASP B O   1 
ATOM   497  C CB  . ASP B 2 5  ? -1.07128  15.57791  6.96694   1.000 72.19211  ? 65  ASP B CB  1 
ATOM   498  C CG  . ASP B 2 5  ? -1.59986  16.28487  8.19510   1.000 79.97356  ? 65  ASP B CG  1 
ATOM   499  O OD1 . ASP B 2 5  ? -1.74799  17.53080  8.16330   1.000 73.72571  ? 65  ASP B OD1 1 
ATOM   500  O OD2 . ASP B 2 5  ? -1.90765  15.56970  9.18134   1.000 83.98041  ? 65  ASP B OD2 1 
ATOM   501  N N   . ILE B 2 6  ? 0.30992   15.10481  4.20045   1.000 64.98625  ? 66  ILE B N   1 
ATOM   502  C CA  . ILE B 2 6  ? 0.81557   14.08754  3.28348   1.000 67.81355  ? 66  ILE B CA  1 
ATOM   503  C C   . ILE B 2 6  ? 2.19788   14.47279  2.77398   1.000 62.32159  ? 66  ILE B C   1 
ATOM   504  O O   . ILE B 2 6  ? 3.14419   13.68145  2.84651   1.000 59.95560  ? 66  ILE B O   1 
ATOM   505  C CB  . ILE B 2 6  ? -0.16548  13.87138  2.11499   1.000 62.72590  ? 66  ILE B CB  1 
ATOM   506  C CG1 . ILE B 2 6  ? -1.49790  13.29843  2.59886   1.000 62.18633  ? 66  ILE B CG1 1 
ATOM   507  C CG2 . ILE B 2 6  ? 0.45156   12.96888  1.06503   1.000 60.77833  ? 66  ILE B CG2 1 
ATOM   508  C CD1 . ILE B 2 6  ? -2.56160  13.27753  1.50823   1.000 55.18083  ? 66  ILE B CD1 1 
ATOM   509  N N   . ILE B 2 7  ? 2.32898   15.68675  2.22873   1.000 64.68912  ? 67  ILE B N   1 
ATOM   510  C CA  . ILE B 2 7  ? 3.64135   16.15728  1.78653   1.000 65.79563  ? 67  ILE B CA  1 
ATOM   511  C C   . ILE B 2 7  ? 4.64633   16.05884  2.92308   1.000 64.10180  ? 67  ILE B C   1 
ATOM   512  O O   . ILE B 2 7  ? 5.76480   15.56768  2.73696   1.000 69.63179  ? 67  ILE B O   1 
ATOM   513  C CB  . ILE B 2 7  ? 3.54436   17.58835  1.22851   1.000 67.21205  ? 67  ILE B CB  1 
ATOM   514  C CG1 . ILE B 2 7  ? 2.50770   17.63671  0.10400   1.000 67.78513  ? 67  ILE B CG1 1 
ATOM   515  C CG2 . ILE B 2 7  ? 4.88034   18.02472  0.67384   1.000 63.28772  ? 67  ILE B CG2 1 
ATOM   516  C CD1 . ILE B 2 7  ? 2.16303   19.03753  -0.35535  1.000 70.84129  ? 67  ILE B CD1 1 
ATOM   517  N N   . ALA B 2 8  ? 4.23688   16.44630  4.13472   1.000 65.25909  ? 68  ALA B N   1 
ATOM   518  C CA  . ALA B 2 8  ? 5.17245   16.48108  5.25616   1.000 64.74827  ? 68  ALA B CA  1 
ATOM   519  C C   . ALA B 2 8  ? 5.68194   15.08926  5.59776   1.000 67.82182  ? 68  ALA B C   1 
ATOM   520  O O   . ALA B 2 8  ? 6.83277   14.92867  6.02181   1.000 64.20642  ? 68  ALA B O   1 
ATOM   521  C CB  . ALA B 2 8  ? 4.51247   17.12464  6.47989   1.000 62.93438  ? 68  ALA B CB  1 
ATOM   522  N N   . GLY B 2 9  ? 4.84287   14.06518  5.41101   1.000 70.16722  ? 69  GLY B N   1 
ATOM   523  C CA  . GLY B 2 9  ? 5.25886   12.69107  5.66382   1.000 65.59780  ? 69  GLY B CA  1 
ATOM   524  C C   . GLY B 2 9  ? 6.26819   12.15252  4.66534   1.000 62.63109  ? 69  GLY B C   1 
ATOM   525  O O   . GLY B 2 9  ? 6.89624   11.11780  4.92367   1.000 61.65718  ? 69  GLY B O   1 
ATOM   526  N N   . PHE B 2 10 ? 6.44111   12.83358  3.53315   1.000 63.21779  ? 70  PHE B N   1 
ATOM   527  C CA  . PHE B 2 10 ? 7.42861   12.39951  2.54914   1.000 63.16967  ? 70  PHE B CA  1 
ATOM   528  C C   . PHE B 2 10 ? 8.85327   12.58629  3.06657   1.000 66.13382  ? 70  PHE B C   1 
ATOM   529  O O   . PHE B 2 10 ? 9.69841   11.69767  2.91444   1.000 66.25371  ? 70  PHE B O   1 
ATOM   530  C CB  . PHE B 2 10 ? 7.21652   13.16305  1.24689   1.000 58.76970  ? 70  PHE B CB  1 
ATOM   531  C CG  . PHE B 2 10 ? 5.91725   12.83400  0.56170   1.000 63.47744  ? 70  PHE B CG  1 
ATOM   532  C CD1 . PHE B 2 10 ? 5.29077   11.61994  0.79396   1.000 59.60647  ? 70  PHE B CD1 1 
ATOM   533  C CD2 . PHE B 2 10 ? 5.31987   13.73384  -0.30813  1.000 61.26671  ? 70  PHE B CD2 1 
ATOM   534  C CE1 . PHE B 2 10 ? 4.10211   11.29896  0.17116   1.000 58.41709  ? 70  PHE B CE1 1 
ATOM   535  C CE2 . PHE B 2 10 ? 4.12598   13.41697  -0.93945  1.000 61.80915  ? 70  PHE B CE2 1 
ATOM   536  C CZ  . PHE B 2 10 ? 3.51649   12.19017  -0.69857  1.000 59.64359  ? 70  PHE B CZ  1 
ATOM   537  N N   . ALA B 2 11 ? 9.12978   13.72149  3.70940   1.000 65.03039  ? 71  ALA B N   1 
ATOM   538  C CA  . ALA B 2 11 ? 10.48407  14.01559  4.16147   1.000 67.32393  ? 71  ALA B CA  1 
ATOM   539  C C   . ALA B 2 11 ? 10.99773  13.02474  5.19787   1.000 70.08771  ? 71  ALA B C   1 
ATOM   540  O O   . ALA B 2 11 ? 12.21246  12.91625  5.38656   1.000 75.15293  ? 71  ALA B O   1 
ATOM   541  C CB  . ALA B 2 11 ? 10.54193  15.42877  4.73628   1.000 64.34428  ? 71  ALA B CB  1 
ATOM   542  N N   . ASN B 2 12 ? 10.11849  12.28687  5.86408   1.000 67.65122  ? 72  ASN B N   1 
ATOM   543  C CA  . ASN B 2 12 ? 10.52913  11.54204  7.04253   1.000 65.62123  ? 72  ASN B CA  1 
ATOM   544  C C   . ASN B 2 12 ? 10.74692  10.05608  6.80589   1.000 65.81515  ? 72  ASN B C   1 
ATOM   545  O O   . ASN B 2 12 ? 11.27652  9.38059   7.69497   1.000 66.22587  ? 72  ASN B O   1 
ATOM   546  C CB  . ASN B 2 12 ? 9.49146   11.71843  8.15000   1.000 68.07042  ? 72  ASN B CB  1 
ATOM   547  C CG  . ASN B 2 12 ? 8.97231   13.13722  8.22479   1.000 78.07026  ? 72  ASN B CG  1 
ATOM   548  O OD1 . ASN B 2 12 ? 7.79462   13.38627  7.94273   1.000 82.69361  ? 72  ASN B OD1 1 
ATOM   549  N ND2 . ASN B 2 12 ? 9.84669   14.08272  8.59048   1.000 72.30416  ? 72  ASN B ND2 1 
ATOM   550  N N   . THR B 2 13 ? 10.36253  9.51594   5.65690   1.000 64.23848  ? 73  THR B N   1 
ATOM   551  C CA  . THR B 2 13 ? 10.41008  8.07223   5.50574   1.000 61.62793  ? 73  THR B CA  1 
ATOM   552  C C   . THR B 2 13 ? 11.03849  7.69614   4.17136   1.000 57.80713  ? 73  THR B C   1 
ATOM   553  O O   . THR B 2 13 ? 10.85105  8.37096   3.15482   1.000 57.08322  ? 73  THR B O   1 
ATOM   554  C CB  . THR B 2 13 ? 8.99700   7.47241   5.67135   1.000 62.13894  ? 73  THR B CB  1 
ATOM   555  O OG1 . THR B 2 13 ? 8.42916   7.94977   6.89895   1.000 64.99768  ? 73  THR B OG1 1 
ATOM   556  C CG2 . THR B 2 13 ? 9.04814   5.96943   5.75371   1.000 58.80682  ? 73  THR B CG2 1 
ATOM   557  N N   . ARG B 2 14 ? 11.82218  6.62976   4.19637   1.000 55.33629  ? 74  ARG B N   1 
ATOM   558  C CA  . ARG B 2 14 ? 12.41484  6.05942   2.99932   1.000 56.34046  ? 74  ARG B CA  1 
ATOM   559  C C   . ARG B 2 14 ? 11.87022  4.64384   2.86501   1.000 57.97264  ? 74  ARG B C   1 
ATOM   560  O O   . ARG B 2 14 ? 12.09245  3.80882   3.74820   1.000 54.01128  ? 74  ARG B O   1 
ATOM   561  C CB  . ARG B 2 14 ? 13.94579  6.07688   3.08474   1.000 55.28937  ? 74  ARG B CB  1 
ATOM   562  C CG  . ARG B 2 14 ? 14.52295  7.44499   3.47272   1.000 56.69179  ? 74  ARG B CG  1 
ATOM   563  C CD  . ARG B 2 14 ? 16.06427  7.46348   3.46278   1.000 57.38680  ? 74  ARG B CD  1 
ATOM   564  N NE  . ARG B 2 14 ? 16.58410  7.17239   2.13086   1.000 58.09618  ? 74  ARG B NE  1 
ATOM   565  C CZ  . ARG B 2 14 ? 16.61693  8.03640   1.12344   1.000 54.26747  ? 74  ARG B CZ  1 
ATOM   566  N NH1 . ARG B 2 14 ? 16.22612  9.28751   1.26980   1.000 52.30138  ? 74  ARG B NH1 1 
ATOM   567  N NH2 . ARG B 2 14 ? 17.04714  7.62963   -0.06715  1.000 57.64217  ? 74  ARG B NH2 1 
ATOM   568  N N   . TRP B 2 15 ? 11.12493  4.38440   1.78668   1.000 51.85401  ? 75  TRP B N   1 
ATOM   569  C CA  . TRP B 2 15 ? 10.42902  3.11044   1.63992   1.000 52.72703  ? 75  TRP B CA  1 
ATOM   570  C C   . TRP B 2 15 ? 11.32990  2.08522   0.96960   1.000 50.58521  ? 75  TRP B C   1 
ATOM   571  O O   . TRP B 2 15 ? 12.05313  2.40158   0.02157   1.000 52.72043  ? 75  TRP B O   1 
ATOM   572  C CB  . TRP B 2 15 ? 9.14435   3.28526   0.83581   1.000 50.97769  ? 75  TRP B CB  1 
ATOM   573  C CG  . TRP B 2 15 ? 8.16089   4.16709   1.51645   1.000 51.35375  ? 75  TRP B CG  1 
ATOM   574  C CD1 . TRP B 2 15 ? 7.89489   5.47403   1.23285   1.000 49.04181  ? 75  TRP B CD1 1 
ATOM   575  C CD2 . TRP B 2 15 ? 7.32432   3.81247   2.62579   1.000 45.12988  ? 75  TRP B CD2 1 
ATOM   576  N NE1 . TRP B 2 15 ? 6.93177   5.94733   2.09178   1.000 50.53696  ? 75  TRP B NE1 1 
ATOM   577  C CE2 . TRP B 2 15 ? 6.57185   4.94498   2.95682   1.000 42.69716  ? 75  TRP B CE2 1 
ATOM   578  C CE3 . TRP B 2 15 ? 7.13845   2.63702   3.36375   1.000 50.02827  ? 75  TRP B CE3 1 
ATOM   579  C CZ2 . TRP B 2 15 ? 5.63616   4.94201   3.99094   1.000 48.64404  ? 75  TRP B CZ2 1 
ATOM   580  C CZ3 . TRP B 2 15 ? 6.21664   2.63643   4.39930   1.000 48.99909  ? 75  TRP B CZ3 1 
ATOM   581  C CH2 . TRP B 2 15 ? 5.47752   3.78110   4.70190   1.000 47.11730  ? 75  TRP B CH2 1 
ATOM   582  N N   . LEU B 2 16 ? 11.26591  0.84697   1.45715   1.000 49.24544  ? 76  LEU B N   1 
ATOM   583  C CA  . LEU B 2 16 ? 12.20190  -0.18274  1.04372   1.000 53.88685  ? 76  LEU B CA  1 
ATOM   584  C C   . LEU B 2 16 ? 11.55240  -1.43535  0.46567   1.000 57.37446  ? 76  LEU B C   1 
ATOM   585  O O   . LEU B 2 16 ? 12.28406  -2.33899  0.03037   1.000 52.45902  ? 76  LEU B O   1 
ATOM   586  C CB  . LEU B 2 16 ? 13.09663  -0.57046  2.22847   1.000 51.65378  ? 76  LEU B CB  1 
ATOM   587  C CG  . LEU B 2 16 ? 13.77621  0.62962   2.90739   1.000 53.71682  ? 76  LEU B CG  1 
ATOM   588  C CD1 . LEU B 2 16 ? 14.66865  0.19569   4.07635   1.000 49.08519  ? 76  LEU B CD1 1 
ATOM   589  C CD2 . LEU B 2 16 ? 14.56321  1.46795   1.90099   1.000 48.77848  ? 76  LEU B CD2 1 
ATOM   590  N N   . GLY B 2 17 ? 10.22611  -1.53228  0.44363   1.000 51.84916  ? 77  GLY B N   1 
ATOM   591  C CA  . GLY B 2 17 ? 9.59856   -2.66085  -0.21689  1.000 54.04678  ? 77  GLY B CA  1 
ATOM   592  C C   . GLY B 2 17 ? 8.20787   -2.94851  0.29891   1.000 55.37420  ? 77  GLY B C   1 
ATOM   593  O O   . GLY B 2 17 ? 7.82348   -2.56662  1.40652   1.000 53.47354  ? 77  GLY B O   1 
ATOM   594  N N   . LEU B 2 18 ? 7.44929   -3.65930  -0.53549  1.000 54.78545  ? 78  LEU B N   1 
ATOM   595  C CA  . LEU B 2 18 ? 6.05563   -4.00459  -0.29060  1.000 51.94444  ? 78  LEU B CA  1 
ATOM   596  C C   . LEU B 2 18 ? 5.84315   -5.48291  -0.56995  1.000 50.55758  ? 78  LEU B C   1 
ATOM   597  O O   . LEU B 2 18 ? 6.15061   -5.96551  -1.66351  1.000 50.73973  ? 78  LEU B O   1 
ATOM   598  C CB  . LEU B 2 18 ? 5.11805   -3.17624  -1.16574  1.000 52.51727  ? 78  LEU B CB  1 
ATOM   599  C CG  . LEU B 2 18 ? 3.62735   -3.52008  -1.00178  1.000 54.66234  ? 78  LEU B CG  1 
ATOM   600  C CD1 . LEU B 2 18 ? 3.12662   -3.11322  0.38526   1.000 50.55870  ? 78  LEU B CD1 1 
ATOM   601  C CD2 . LEU B 2 18 ? 2.77725   -2.88718  -2.09740  1.000 46.46026  ? 78  LEU B CD2 1 
ATOM   602  N N   . THR B 2 19 ? 5.31193   -6.19577  0.41535   1.000 52.91422  ? 79  THR B N   1 
ATOM   603  C CA  . THR B 2 19 ? 4.98442   -7.60927  0.27994   1.000 55.20366  ? 79  THR B CA  1 
ATOM   604  C C   . THR B 2 19 ? 3.51609   -7.80573  0.63334   1.000 50.77818  ? 79  THR B C   1 
ATOM   605  O O   . THR B 2 19 ? 3.09834   -7.52314  1.76055   1.000 52.22666  ? 79  THR B O   1 
ATOM   606  C CB  . THR B 2 19 ? 5.88148   -8.45890  1.18687   1.000 57.00170  ? 79  THR B CB  1 
ATOM   607  O OG1 . THR B 2 19 ? 7.23976   -8.05957  0.99391   1.000 64.09164  ? 79  THR B OG1 1 
ATOM   608  C CG2 . THR B 2 19 ? 5.75259   -9.92958  0.86044   1.000 57.11208  ? 79  THR B CG2 1 
ATOM   609  N N   . ILE B 2 20 ? 2.73583   -8.29080  -0.31240  1.000 55.05221  ? 80  ILE B N   1 
ATOM   610  C CA  . ILE B 2 20 ? 1.32248   -8.55290  -0.08003  1.000 48.72886  ? 80  ILE B CA  1 
ATOM   611  C C   . ILE B 2 20 ? 1.17070   -10.03292 0.22027   1.000 46.80740  ? 80  ILE B C   1 
ATOM   612  O O   . ILE B 2 20 ? 1.70275   -10.88107 -0.50478  1.000 47.27819  ? 80  ILE B O   1 
ATOM   613  C CB  . ILE B 2 20 ? 0.48602   -8.09463  -1.28010  1.000 46.89046  ? 80  ILE B CB  1 
ATOM   614  C CG1 . ILE B 2 20 ? 0.42179   -6.55953  -1.25397  1.000 45.01092  ? 80  ILE B CG1 1 
ATOM   615  C CG2 . ILE B 2 20 ? -0.89180  -8.73200  -1.26176  1.000 45.52858  ? 80  ILE B CG2 1 
ATOM   616  C CD1 . ILE B 2 20 ? -0.26525  -5.91235  -2.45092  1.000 47.53519  ? 80  ILE B CD1 1 
ATOM   617  N N   . PHE B 2 21 ? 0.52458   -10.35251 1.33495   1.000 48.39536  ? 81  PHE B N   1 
ATOM   618  C CA  . PHE B 2 21 ? 0.40319   -11.74599 1.72315   1.000 50.26920  ? 81  PHE B CA  1 
ATOM   619  C C   . PHE B 2 21 ? -1.03078  -12.19751 1.93886   1.000 45.86361  ? 81  PHE B C   1 
ATOM   620  O O   . PHE B 2 21 ? -1.22928  -13.35755 2.28803   1.000 46.04135  ? 81  PHE B O   1 
ATOM   621  C CB  . PHE B 2 21 ? 1.24440   -12.04192 2.98193   1.000 52.76201  ? 81  PHE B CB  1 
ATOM   622  C CG  . PHE B 2 21 ? 0.87334   -11.22132 4.19725   1.000 53.61910  ? 81  PHE B CG  1 
ATOM   623  C CD1 . PHE B 2 21 ? 1.41716   -9.97212  4.39856   1.000 53.56178  ? 81  PHE B CD1 1 
ATOM   624  C CD2 . PHE B 2 21 ? 0.00183   -11.72054 5.14808   1.000 53.65681  ? 81  PHE B CD2 1 
ATOM   625  C CE1 . PHE B 2 21 ? 1.08758   -9.22970  5.52479   1.000 59.09534  ? 81  PHE B CE1 1 
ATOM   626  C CE2 . PHE B 2 21 ? -0.33283  -10.98383 6.27153   1.000 59.96789  ? 81  PHE B CE2 1 
ATOM   627  C CZ  . PHE B 2 21 ? 0.20934   -9.74013  6.46456   1.000 56.95923  ? 81  PHE B CZ  1 
ATOM   628  N N   . GLU B 2 22 ? -2.02243  -11.32635 1.74705   1.000 44.47581  ? 82  GLU B N   1 
ATOM   629  C CA  . GLU B 2 22 ? -3.43122  -11.71077 1.77782   1.000 46.10568  ? 82  GLU B CA  1 
ATOM   630  C C   . GLU B 2 22 ? -4.25227  -10.63885 1.06795   1.000 48.52236  ? 82  GLU B C   1 
ATOM   631  O O   . GLU B 2 22 ? -3.93438  -9.44675  1.14051   1.000 45.28508  ? 82  GLU B O   1 
ATOM   632  C CB  . GLU B 2 22 ? -3.94816  -11.91197 3.20732   1.000 45.51722  ? 82  GLU B CB  1 
ATOM   633  C CG  . GLU B 2 22 ? -5.44019  -12.28599 3.31356   1.000 47.16417  ? 82  GLU B CG  1 
ATOM   634  C CD  . GLU B 2 22 ? -6.37355  -11.07123 3.49192   1.000 50.54371  ? 82  GLU B CD  1 
ATOM   635  O OE1 . GLU B 2 22 ? -5.88956  -9.93698  3.71932   1.000 46.73884  ? 82  GLU B OE1 1 
ATOM   636  O OE2 . GLU B 2 22 ? -7.60301  -11.24762 3.39453   1.000 49.64908  ? 82  GLU B OE2 1 
ATOM   637  N N   . HIS B 2 23 ? -5.32983  -11.08107 0.41045   1.000 45.98211  ? 83  HIS B N   1 
ATOM   638  C CA  . HIS B 2 23 ? -6.18334  -10.21085 -0.39307  1.000 46.32295  ? 83  HIS B CA  1 
ATOM   639  C C   . HIS B 2 23 ? -7.54710  -10.87388 -0.57046  1.000 47.27459  ? 83  HIS B C   1 
ATOM   640  O O   . HIS B 2 23 ? -7.61310  -12.04281 -0.95687  1.000 49.90514  ? 83  HIS B O   1 
ATOM   641  C CB  . HIS B 2 23 ? -5.51556  -9.94409  -1.75598  1.000 46.90273  ? 83  HIS B CB  1 
ATOM   642  C CG  . HIS B 2 23 ? -6.33683  -9.11641  -2.69662  1.000 48.04467  ? 83  HIS B CG  1 
ATOM   643  N ND1 . HIS B 2 23 ? -6.36247  -9.34959  -4.05783  1.000 46.17957  ? 83  HIS B ND1 1 
ATOM   644  C CD2 . HIS B 2 23 ? -7.14458  -8.04871  -2.48448  1.000 42.44872  ? 83  HIS B CD2 1 
ATOM   645  C CE1 . HIS B 2 23 ? -7.15486  -8.47091  -4.63847  1.000 43.70570  ? 83  HIS B CE1 1 
ATOM   646  N NE2 . HIS B 2 23 ? -7.63142  -7.66122  -3.70727  1.000 46.56133  ? 83  HIS B NE2 1 
ATOM   647  N N   . THR B 2 24 ? -8.62952  -10.14981 -0.24999  1.000 45.52155  ? 84  THR B N   1 
ATOM   648  C CA  . THR B 2 24 ? -9.99357  -10.59457 -0.52668  1.000 48.73277  ? 84  THR B CA  1 
ATOM   649  C C   . THR B 2 24 ? -10.85270 -9.40498  -0.93098  1.000 47.09227  ? 84  THR B C   1 
ATOM   650  O O   . THR B 2 24 ? -10.67943 -8.29869  -0.41784  1.000 48.06495  ? 84  THR B O   1 
ATOM   651  C CB  . THR B 2 24 ? -10.69306 -11.26663 0.67050   1.000 52.71399  ? 84  THR B CB  1 
ATOM   652  O OG1 . THR B 2 24 ? -11.30154 -10.26121 1.49486   1.000 63.96262  ? 84  THR B OG1 1 
ATOM   653  C CG2 . THR B 2 24 ? -9.73162  -12.07506 1.50901   1.000 55.48615  ? 84  THR B CG2 1 
ATOM   654  N N   . TRP B 2 25 ? -11.78361 -9.63416  -1.84235  1.000 42.91342  ? 85  TRP B N   1 
ATOM   655  C CA  . TRP B 2 25 ? -12.78902 -8.62879  -2.15421  1.000 47.84124  ? 85  TRP B CA  1 
ATOM   656  C C   . TRP B 2 25 ? -14.00249 -9.34672  -2.70291  1.000 45.96700  ? 85  TRP B C   1 
ATOM   657  O O   . TRP B 2 25 ? -13.94626 -10.53311 -3.03544  1.000 45.49065  ? 85  TRP B O   1 
ATOM   658  C CB  . TRP B 2 25 ? -12.29554 -7.58004  -3.16146  1.000 40.94886  ? 85  TRP B CB  1 
ATOM   659  C CG  . TRP B 2 25 ? -12.04720 -8.10743  -4.56100  1.000 45.74795  ? 85  TRP B CG  1 
ATOM   660  C CD1 . TRP B 2 25 ? -10.88820 -8.66870  -5.02744  1.000 48.88452  ? 85  TRP B CD1 1 
ATOM   661  C CD2 . TRP B 2 25 ? -12.96704 -8.11595  -5.66994  1.000 46.24282  ? 85  TRP B CD2 1 
ATOM   662  N NE1 . TRP B 2 25 ? -11.02920 -9.02743  -6.35032  1.000 47.38253  ? 85  TRP B NE1 1 
ATOM   663  C CE2 . TRP B 2 25 ? -12.29323 -8.70206  -6.76822  1.000 46.20851  ? 85  TRP B CE2 1 
ATOM   664  C CE3 . TRP B 2 25 ? -14.29189 -7.69195  -5.83991  1.000 45.42262  ? 85  TRP B CE3 1 
ATOM   665  C CZ2 . TRP B 2 25 ? -12.89320 -8.86555  -8.01549  1.000 45.33692  ? 85  TRP B CZ2 1 
ATOM   666  C CZ3 . TRP B 2 25 ? -14.88552 -7.85159  -7.08705  1.000 44.16385  ? 85  TRP B CZ3 1 
ATOM   667  C CH2 . TRP B 2 25 ? -14.18469 -8.43222  -8.15482  1.000 47.27918  ? 85  TRP B CH2 1 
ATOM   668  N N   . SER B 2 26 ? -15.09007 -8.60086  -2.83755  1.000 44.37416  ? 86  SER B N   1 
ATOM   669  C CA  . SER B 2 26 ? -16.33243 -9.19618  -3.30207  1.000 50.99593  ? 86  SER B CA  1 
ATOM   670  C C   . SER B 2 26 ? -17.20450 -8.10157  -3.88950  1.000 53.73047  ? 86  SER B C   1 
ATOM   671  O O   . SER B 2 26 ? -17.33442 -7.02418  -3.30157  1.000 48.44654  ? 86  SER B O   1 
ATOM   672  C CB  . SER B 2 26 ? -17.05155 -9.90597  -2.15017  1.000 52.52426  ? 86  SER B CB  1 
ATOM   673  O OG  . SER B 2 26 ? -18.44801 -9.90165  -2.35318  1.000 61.72337  ? 86  SER B OG  1 
ATOM   674  N N   . GLU B 2 27 ? -17.80564 -8.39112  -5.04522  1.000 52.55736  ? 87  GLU B N   1 
ATOM   675  C CA  . GLU B 2 27 ? -18.67696 -7.41323  -5.69267  1.000 56.84064  ? 87  GLU B CA  1 
ATOM   676  C C   . GLU B 2 27 ? -19.86727 -7.05957  -4.81452  1.000 57.14708  ? 87  GLU B C   1 
ATOM   677  O O   . GLU B 2 27 ? -20.28226 -5.89878  -4.75721  1.000 59.36423  ? 87  GLU B O   1 
ATOM   678  C CB  . GLU B 2 27 ? -19.16887 -7.94751  -7.03560  1.000 54.29171  ? 87  GLU B CB  1 
ATOM   679  C CG  . GLU B 2 27 ? -19.78017 -6.87391  -7.89918  1.000 61.35906  ? 87  GLU B CG  1 
ATOM   680  C CD  . GLU B 2 27 ? -18.78476 -5.76935  -8.21931  1.000 68.72692  ? 87  GLU B CD  1 
ATOM   681  O OE1 . GLU B 2 27 ? -17.90033 -6.00548  -9.07623  1.000 66.56168  ? 87  GLU B OE1 1 
ATOM   682  O OE2 . GLU B 2 27 ? -18.86517 -4.68126  -7.59055  1.000 70.24800  ? 87  GLU B OE2 1 
ATOM   683  N N   . ALA B 2 28 ? -20.42873 -8.05026  -4.11976  1.000 59.26715  ? 88  ALA B N   1 
ATOM   684  C CA  . ALA B 2 28 ? -21.67262 -7.83574  -3.39658  1.000 60.68005  ? 88  ALA B CA  1 
ATOM   685  C C   . ALA B 2 28 ? -21.45865 -6.98780  -2.15526  1.000 62.86340  ? 88  ALA B C   1 
ATOM   686  O O   . ALA B 2 28 ? -22.40740 -6.36724  -1.66469  1.000 66.08184  ? 88  ALA B O   1 
ATOM   687  C CB  . ALA B 2 28 ? -22.29992 -9.18427  -3.02045  1.000 58.40943  ? 88  ALA B CB  1 
ATOM   688  N N   . GLU B 2 29 ? -20.23725 -6.95244  -1.64301  1.000 55.36716  ? 89  GLU B N   1 
ATOM   689  C CA  . GLU B 2 29 ? -19.91240 -6.15650  -0.47843  1.000 60.02651  ? 89  GLU B CA  1 
ATOM   690  C C   . GLU B 2 29 ? -19.41651 -4.76998  -0.83356  1.000 56.74514  ? 89  GLU B C   1 
ATOM   691  O O   . GLU B 2 29 ? -19.48601 -3.87654  0.01585   1.000 49.77887  ? 89  GLU B O   1 
ATOM   692  C CB  . GLU B 2 29 ? -18.84564 -6.87251  0.34782   1.000 63.07640  ? 89  GLU B CB  1 
ATOM   693  C CG  . GLU B 2 29 ? -19.22711 -8.29971  0.65619   1.000 62.83568  ? 89  GLU B CG  1 
ATOM   694  C CD  . GLU B 2 29 ? -19.98172 -8.39391  1.95658   1.000 75.20898  ? 89  GLU B CD  1 
ATOM   695  O OE1 . GLU B 2 29 ? -19.31906 -8.55087  3.01138   1.000 82.66530  ? 89  GLU B OE1 1 
ATOM   696  O OE2 . GLU B 2 29 ? -21.22982 -8.28348  1.92739   1.000 72.70204  ? 89  GLU B OE2 1 
ATOM   697  N N   . ASN B 2 30 ? -18.92186 -4.57789  -2.06130  1.000 54.41767  ? 90  ASN B N   1 
ATOM   698  C CA  . ASN B 2 30 ? -18.21643 -3.35584  -2.43350  1.000 51.34624  ? 90  ASN B CA  1 
ATOM   699  C C   . ASN B 2 30 ? -17.11093 -3.06567  -1.42549  1.000 52.15418  ? 90  ASN B C   1 
ATOM   700  O O   . ASN B 2 30 ? -16.87554 -1.92320  -1.02441  1.000 51.30011  ? 90  ASN B O   1 
ATOM   701  C CB  . ASN B 2 30 ? -19.18709 -2.18358  -2.56119  1.000 53.11263  ? 90  ASN B CB  1 
ATOM   702  C CG  . ASN B 2 30 ? -20.21246 -2.40670  -3.65917  1.000 60.82288  ? 90  ASN B CG  1 
ATOM   703  O OD1 . ASN B 2 30 ? -19.88880 -2.35000  -4.85412  1.000 57.96964  ? 90  ASN B OD1 1 
ATOM   704  N ND2 . ASN B 2 30 ? -21.45890 -2.66800  -3.26127  1.000 58.95715  ? 90  ASN B ND2 1 
ATOM   705  N N   . THR B 2 31 ? -16.44171 -4.12848  -0.98965  1.000 49.28380  ? 91  THR B N   1 
ATOM   706  C CA  . THR B 2 31 ? -15.41586 -4.02550  0.03092   1.000 50.47599  ? 91  THR B CA  1 
ATOM   707  C C   . THR B 2 31 ? -14.36025 -5.06860  -0.27539  1.000 49.55424  ? 91  THR B C   1 
ATOM   708  O O   . THR B 2 31 ? -14.66034 -6.12700  -0.83126  1.000 42.51808  ? 91  THR B O   1 
ATOM   709  C CB  . THR B 2 31 ? -15.98196 -4.24514  1.44827   1.000 51.73507  ? 91  THR B CB  1 
ATOM   710  O OG1 . THR B 2 31 ? -17.20205 -3.51026  1.58546   1.000 58.00241  ? 91  THR B OG1 1 
ATOM   711  C CG2 . THR B 2 31 ? -15.01477 -3.75082  2.49643   1.000 49.04816  ? 91  THR B CG2 1 
ATOM   712  N N   . GLY B 2 32 ? -13.11982 -4.74428  0.06874   1.000 46.72112  ? 92  GLY B N   1 
ATOM   713  C CA  . GLY B 2 32 ? -12.05418 -5.72533  0.05454   1.000 46.93515  ? 92  GLY B CA  1 
ATOM   714  C C   . GLY B 2 32 ? -10.94199 -5.27468  0.97451   1.000 44.68971  ? 92  GLY B C   1 
ATOM   715  O O   . GLY B 2 32 ? -10.92656 -4.14157  1.44908   1.000 45.20861  ? 92  GLY B O   1 
ATOM   716  N N   . TYR B 2 33 ? -9.98584  -6.17591  1.18638   1.000 47.28933  ? 93  TYR B N   1 
ATOM   717  C CA  . TYR B 2 33 ? -8.91228  -6.00522  2.15091   1.000 44.96389  ? 93  TYR B CA  1 
ATOM   718  C C   . TYR B 2 33 ? -7.59529  -6.42640  1.51286   1.000 47.12995  ? 93  TYR B C   1 
ATOM   719  O O   . TYR B 2 33 ? -7.56431  -7.30493  0.64862   1.000 42.32927  ? 93  TYR B O   1 
ATOM   720  C CB  . TYR B 2 33 ? -9.15183  -6.84820  3.39350   1.000 42.08845  ? 93  TYR B CB  1 
ATOM   721  C CG  . TYR B 2 33 ? -10.43724 -6.55615  4.11526   1.000 48.89343  ? 93  TYR B CG  1 
ATOM   722  C CD1 . TYR B 2 33 ? -11.65839 -7.05269  3.65063   1.000 47.12011  ? 93  TYR B CD1 1 
ATOM   723  C CD2 . TYR B 2 33 ? -10.43099 -5.82652  5.30424   1.000 47.63509  ? 93  TYR B CD2 1 
ATOM   724  C CE1 . TYR B 2 33 ? -12.85094 -6.78988  4.33779   1.000 51.23477  ? 93  TYR B CE1 1 
ATOM   725  C CE2 . TYR B 2 33 ? -11.60278 -5.56909  5.99336   1.000 43.81494  ? 93  TYR B CE2 1 
ATOM   726  C CZ  . TYR B 2 33 ? -12.80370 -6.03570  5.50191   1.000 51.98594  ? 93  TYR B CZ  1 
ATOM   727  O OH  . TYR B 2 33 ? -13.95324 -5.77165  6.19307   1.000 57.63415  ? 93  TYR B OH  1 
ATOM   728  N N   . VAL B 2 34 ? -6.50016  -5.81417  1.96446   1.000 45.28936  ? 94  VAL B N   1 
ATOM   729  C CA  . VAL B 2 34 ? -5.15644  -6.14718  1.49273   1.000 39.75699  ? 94  VAL B CA  1 
ATOM   730  C C   . VAL B 2 34 ? -4.25306  -6.14223  2.71706   1.000 45.03426  ? 94  VAL B C   1 
ATOM   731  O O   . VAL B 2 34 ? -4.09443  -5.10104  3.36548   1.000 46.17311  ? 94  VAL B O   1 
ATOM   732  C CB  . VAL B 2 34 ? -4.63209  -5.15689  0.43650   1.000 38.33381  ? 94  VAL B CB  1 
ATOM   733  C CG1 . VAL B 2 34 ? -3.25407  -5.56510  -0.03372  1.000 43.23605  ? 94  VAL B CG1 1 
ATOM   734  C CG2 . VAL B 2 34 ? -5.57055  -5.05149  -0.75716  1.000 39.98366  ? 94  VAL B CG2 1 
ATOM   735  N N   . SER B 2 35 ? -3.67505  -7.29065  3.04821   1.000 44.54367  ? 95  SER B N   1 
ATOM   736  C CA  . SER B 2 35 ? -2.70520  -7.38594  4.13003   1.000 48.88804  ? 95  SER B CA  1 
ATOM   737  C C   . SER B 2 35 ? -1.30128  -7.28321  3.56208   1.000 52.43322  ? 95  SER B C   1 
ATOM   738  O O   . SER B 2 35 ? -0.99427  -7.91203  2.54466   1.000 50.80208  ? 95  SER B O   1 
ATOM   739  C CB  . SER B 2 35 ? -2.84986  -8.71057  4.88177   1.000 50.65422  ? 95  SER B CB  1 
ATOM   740  O OG  . SER B 2 35 ? -4.11568  -8.81933  5.50531   1.000 49.47095  ? 95  SER B OG  1 
ATOM   741  N N   . PHE B 2 36 ? -0.43416  -6.52189  4.23340   1.000 50.34071  ? 96  PHE B N   1 
ATOM   742  C CA  . PHE B 2 36 ? 0.86752   -6.27313  3.62488   1.000 50.76770  ? 96  PHE B CA  1 
ATOM   743  C C   . PHE B 2 36 ? 1.92507   -5.90693  4.66896   1.000 55.80966  ? 96  PHE B C   1 
ATOM   744  O O   . PHE B 2 36 ? 1.62232   -5.45477  5.78219   1.000 54.41704  ? 96  PHE B O   1 
ATOM   745  C CB  . PHE B 2 36 ? 0.76134   -5.17940  2.54978   1.000 46.73315  ? 96  PHE B CB  1 
ATOM   746  C CG  . PHE B 2 36 ? 0.41756   -3.81809  3.09603   1.000 48.51154  ? 96  PHE B CG  1 
ATOM   747  C CD1 . PHE B 2 36 ? -0.90310  -3.39494  3.16662   1.000 48.30071  ? 96  PHE B CD1 1 
ATOM   748  C CD2 . PHE B 2 36 ? 1.42123   -2.96346  3.55458   1.000 48.81911  ? 96  PHE B CD2 1 
ATOM   749  C CE1 . PHE B 2 36 ? -1.22538  -2.13631  3.68855   1.000 51.62207  ? 96  PHE B CE1 1 
ATOM   750  C CE2 . PHE B 2 36 ? 1.11119   -1.70821  4.06708   1.000 48.37787  ? 96  PHE B CE2 1 
ATOM   751  C CZ  . PHE B 2 36 ? -0.20596  -1.29045  4.14247   1.000 48.53314  ? 96  PHE B CZ  1 
ATOM   752  N N   . ILE B 2 37 ? 3.18154   -6.12987  4.28233   1.000 51.93087  ? 97  ILE B N   1 
ATOM   753  C CA  . ILE B 2 37 ? 4.35449   -5.65224  5.00356   1.000 55.36629  ? 97  ILE B CA  1 
ATOM   754  C C   . ILE B 2 37 ? 5.00170   -4.58355  4.14389   1.000 53.30960  ? 97  ILE B C   1 
ATOM   755  O O   . ILE B 2 37 ? 5.37303   -4.85245  2.99352   1.000 54.36295  ? 97  ILE B O   1 
ATOM   756  C CB  . ILE B 2 37 ? 5.36695   -6.77098  5.29357   1.000 55.41922  ? 97  ILE B CB  1 
ATOM   757  C CG1 . ILE B 2 37 ? 4.66764   -8.02373  5.80556   1.000 63.60967  ? 97  ILE B CG1 1 
ATOM   758  C CG2 . ILE B 2 37 ? 6.41320   -6.28041  6.29978   1.000 62.57404  ? 97  ILE B CG2 1 
ATOM   759  C CD1 . ILE B 2 37 ? 5.61573   -9.20922  5.93614   1.000 73.84646  ? 97  ILE B CD1 1 
ATOM   760  N N   . ALA B 2 38 ? 5.13046   -3.37601  4.68802   1.000 49.82334  ? 98  ALA B N   1 
ATOM   761  C CA  . ALA B 2 38 ? 5.80515   -2.27280  4.01165   1.000 48.34516  ? 98  ALA B CA  1 
ATOM   762  C C   . ALA B 2 38 ? 7.03446   -1.92173  4.83656   1.000 52.91475  ? 98  ALA B C   1 
ATOM   763  O O   . ALA B 2 38 ? 6.91033   -1.48823  5.98663   1.000 53.47421  ? 98  ALA B O   1 
ATOM   764  C CB  . ALA B 2 38 ? 4.88834   -1.06572  3.85381   1.000 42.89224  ? 98  ALA B CB  1 
ATOM   765  N N   . ARG B 2 39 ? 8.21349   -2.12242  4.25440   1.000 51.96824  ? 99  ARG B N   1 
ATOM   766  C CA  . ARG B 2 39 ? 9.46958   -1.88028  4.93715   1.000 52.24149  ? 99  ARG B CA  1 
ATOM   767  C C   . ARG B 2 39 ? 9.97891   -0.48124  4.61238   1.000 52.49485  ? 99  ARG B C   1 
ATOM   768  O O   . ARG B 2 39 ? 9.74433   0.06218   3.52705   1.000 51.12419  ? 99  ARG B O   1 
ATOM   769  C CB  . ARG B 2 39 ? 10.48480  -2.95943  4.56813   1.000 57.23169  ? 99  ARG B CB  1 
ATOM   770  C CG  . ARG B 2 39 ? 10.21551  -4.26763  5.29601   1.000 57.38610  ? 99  ARG B CG  1 
ATOM   771  C CD  . ARG B 2 39 ? 10.87010  -5.47760  4.63571   1.000 62.49780  ? 99  ARG B CD  1 
ATOM   772  N NE  . ARG B 2 39 ? 10.56041  -5.58590  3.21027   1.000 69.82837  ? 99  ARG B NE  1 
ATOM   773  C CZ  . ARG B 2 39 ? 9.43026   -6.07387  2.70041   1.000 71.08415  ? 99  ARG B CZ  1 
ATOM   774  N NH1 . ARG B 2 39 ? 8.43247   -6.47085  3.47489   1.000 68.77825  ? 99  ARG B NH1 1 
ATOM   775  N NH2 . ARG B 2 39 ? 9.30022   -6.17058  1.37650   1.000 63.29051  ? 99  ARG B NH2 1 
ATOM   776  N N   . PHE B 2 40 ? 10.64036  0.12422   5.58919   1.000 55.06483  ? 100 PHE B N   1 
ATOM   777  C CA  . PHE B 2 40 ? 10.99650  1.52998   5.49554   1.000 55.29361  ? 100 PHE B CA  1 
ATOM   778  C C   . PHE B 2 40 ? 12.19142  1.80186   6.38720   1.000 55.99867  ? 100 PHE B C   1 
ATOM   779  O O   . PHE B 2 40 ? 12.63612  0.94530   7.15486   1.000 57.66478  ? 100 PHE B O   1 
ATOM   780  C CB  . PHE B 2 40 ? 9.84304   2.42676   5.93831   1.000 55.96006  ? 100 PHE B CB  1 
ATOM   781  C CG  . PHE B 2 40 ? 9.47737   2.24484   7.38325   1.000 55.62416  ? 100 PHE B CG  1 
ATOM   782  C CD1 . PHE B 2 40 ? 10.11296  2.98442   8.38029   1.000 59.23892  ? 100 PHE B CD1 1 
ATOM   783  C CD2 . PHE B 2 40 ? 8.50843   1.31944   7.75220   1.000 56.23625  ? 100 PHE B CD2 1 
ATOM   784  C CE1 . PHE B 2 40 ? 9.79410   2.80620   9.71169   1.000 57.76668  ? 100 PHE B CE1 1 
ATOM   785  C CE2 . PHE B 2 40 ? 8.16836   1.14231   9.08752   1.000 58.43334  ? 100 PHE B CE2 1 
ATOM   786  C CZ  . PHE B 2 40 ? 8.81533   1.89041   10.07018  1.000 62.88095  ? 100 PHE B CZ  1 
ATOM   787  N N   . SER B 2 41 ? 12.66738  3.03244   6.32444   1.000 55.46089  ? 101 SER B N   1 
ATOM   788  C CA  . SER B 2 41 ? 13.64037  3.53021   7.27432   1.000 58.95912  ? 101 SER B CA  1 
ATOM   789  C C   . SER B 2 41 ? 13.26654  4.96854   7.57687   1.000 61.56070  ? 101 SER B C   1 
ATOM   790  O O   . SER B 2 41 ? 12.74576  5.68034   6.70848   1.000 59.12851  ? 101 SER B O   1 
ATOM   791  C CB  . SER B 2 41 ? 15.07999  3.43755   6.73934   1.000 59.10481  ? 101 SER B CB  1 
ATOM   792  O OG  . SER B 2 41 ? 15.35156  4.47175   5.80164   1.000 59.65369  ? 101 SER B OG  1 
ATOM   793  N N   . GLU B 2 42 ? 13.49622  5.37387   8.82175   1.000 63.42156  ? 102 GLU B N   1 
ATOM   794  C CA  . GLU B 2 42 ? 13.24520  6.74114   9.25121   1.000 67.23547  ? 102 GLU B CA  1 
ATOM   795  C C   . GLU B 2 42 ? 14.35413  7.14092   10.20802  1.000 64.57876  ? 102 GLU B C   1 
ATOM   796  O O   . GLU B 2 42 ? 14.65142  6.41181   11.16024  1.000 58.31906  ? 102 GLU B O   1 
ATOM   797  C CB  . GLU B 2 42 ? 11.86755  6.88453   9.91368   1.000 69.99758  ? 102 GLU B CB  1 
ATOM   798  C CG  . GLU B 2 42 ? 11.53555  5.77381   10.90977  1.000 73.11639  ? 102 GLU B CG  1 
ATOM   799  C CD  . GLU B 2 42 ? 10.39096  6.13504   11.84898  1.000 82.71277  ? 102 GLU B CD  1 
ATOM   800  O OE1 . GLU B 2 42 ? 9.95456   7.30999   11.83540  1.000 83.97663  ? 102 GLU B OE1 1 
ATOM   801  O OE2 . GLU B 2 42 ? 9.93693   5.24162   12.60494  1.000 88.39449  ? 102 GLU B OE2 1 
ATOM   802  N N   . GLN B 2 43 ? 14.98485  8.27748   9.91535   1.000 67.92070  ? 103 GLN B N   1 
ATOM   803  C CA  . GLN B 2 43 ? 16.13949  8.77310   10.67076  1.000 70.96866  ? 103 GLN B CA  1 
ATOM   804  C C   . GLN B 2 43 ? 17.20936  7.69454   10.84108  1.000 71.40278  ? 103 GLN B C   1 
ATOM   805  O O   . GLN B 2 43 ? 17.84868  7.58344   11.89270  1.000 73.95217  ? 103 GLN B O   1 
ATOM   806  C CB  . GLN B 2 43 ? 15.70974  9.34081   12.02948  1.000 68.58554  ? 103 GLN B CB  1 
ATOM   807  C CG  . GLN B 2 43 ? 14.68358  10.48765  11.95813  1.000 74.70613  ? 103 GLN B CG  1 
ATOM   808  C CD  . GLN B 2 43 ? 15.14441  11.66516  11.10753  1.000 81.51898  ? 103 GLN B CD  1 
ATOM   809  O OE1 . GLN B 2 43 ? 15.62534  12.67300  11.62902  1.000 83.27841  ? 103 GLN B OE1 1 
ATOM   810  N NE2 . GLN B 2 43 ? 14.97796  11.54868  9.78984   1.000 86.81520  ? 103 GLN B NE2 1 
ATOM   811  N N   . GLY B 2 44 ? 17.40116  6.88199   9.79593   1.000 65.34310  ? 104 GLY B N   1 
ATOM   812  C CA  . GLY B 2 44 ? 18.44509  5.87761   9.77476   1.000 60.77890  ? 104 GLY B CA  1 
ATOM   813  C C   . GLY B 2 44 ? 18.09509  4.52893   10.37218  1.000 65.57294  ? 104 GLY B C   1 
ATOM   814  O O   . GLY B 2 44 ? 18.92960  3.61512   10.31091  1.000 68.17902  ? 104 GLY B O   1 
ATOM   815  N N   . LYS B 2 45 ? 16.89929  4.35991   10.93652  1.000 65.11384  ? 105 LYS B N   1 
ATOM   816  C CA  . LYS B 2 45 ? 16.49386  3.09588   11.55284  1.000 66.73207  ? 105 LYS B CA  1 
ATOM   817  C C   . LYS B 2 45 ? 15.49774  2.35056   10.66859  1.000 63.55859  ? 105 LYS B C   1 
ATOM   818  O O   . LYS B 2 45 ? 14.51526  2.93714   10.21095  1.000 63.54228  ? 105 LYS B O   1 
ATOM   819  C CB  . LYS B 2 45 ? 15.87393  3.32388   12.93739  1.000 67.40386  ? 105 LYS B CB  1 
ATOM   820  C CG  . LYS B 2 45 ? 16.87755  3.40518   14.10072  1.000 75.95620  ? 105 LYS B CG  1 
ATOM   821  C CD  . LYS B 2 45 ? 18.24636  2.82078   13.72239  1.000 80.19230  ? 105 LYS B CD  1 
ATOM   822  C CE  . LYS B 2 45 ? 18.26895  1.30234   13.79466  1.000 78.67268  ? 105 LYS B CE  1 
ATOM   823  N NZ  . LYS B 2 45 ? 19.57102  0.79710   13.24943  1.000 84.38834  ? 105 LYS B NZ  1 
ATOM   824  N N   . ASN B 2 46 ? 15.75170  1.05824   10.44997  1.000 60.99047  ? 106 ASN B N   1 
ATOM   825  C CA  . ASN B 2 46 ? 14.81138  0.18694   9.75504   1.000 61.82740  ? 106 ASN B CA  1 
ATOM   826  C C   . ASN B 2 46 ? 13.61071  -0.14173  10.64046  1.000 64.51454  ? 106 ASN B C   1 
ATOM   827  O O   . ASN B 2 46 ? 13.72983  -0.23550  11.86667  1.000 67.45234  ? 106 ASN B O   1 
ATOM   828  C CB  . ASN B 2 46 ? 15.49328  -1.12686  9.34245   1.000 61.71398  ? 106 ASN B CB  1 
ATOM   829  C CG  . ASN B 2 46 ? 16.44412  -0.96524  8.17225   1.000 62.04756  ? 106 ASN B CG  1 
ATOM   830  O OD1 . ASN B 2 46 ? 16.66397  0.14213   7.68122   1.000 62.18650  ? 106 ASN B OD1 1 
ATOM   831  N ND2 . ASN B 2 46 ? 17.02497  -2.07730  7.72526   1.000 61.48987  ? 106 ASN B ND2 1 
ATOM   832  N N   . GLY B 2 47 ? 12.45536  -0.33477  10.00338  1.000 60.14153  ? 107 GLY B N   1 
ATOM   833  C CA  . GLY B 2 47 ? 11.22652  -0.77070  10.64491  1.000 56.08333  ? 107 GLY B CA  1 
ATOM   834  C C   . GLY B 2 47 ? 10.29635  -1.30763  9.57686   1.000 61.99350  ? 107 GLY B C   1 
ATOM   835  O O   . GLY B 2 47 ? 10.58174  -1.21197  8.37939   1.000 55.73328  ? 107 GLY B O   1 
ATOM   836  N N   . ALA B 2 48 ? 9.16132   -1.86582  10.02028  1.000 61.25803  ? 108 ALA B N   1 
ATOM   837  C CA  . ALA B 2 48 ? 8.21997   -2.52064  9.11784   1.000 58.87854  ? 108 ALA B CA  1 
ATOM   838  C C   . ALA B 2 48 ? 6.78087   -2.31337  9.57115   1.000 61.71597  ? 108 ALA B C   1 
ATOM   839  O O   . ALA B 2 48 ? 6.45235   -2.52871  10.74335  1.000 62.58116  ? 108 ALA B O   1 
ATOM   840  C CB  . ALA B 2 48 ? 8.51681   -4.01761  9.01475   1.000 59.31694  ? 108 ALA B CB  1 
ATOM   841  N N   . ILE B 2 49 ? 5.92908   -1.90592  8.63558   1.000 54.69384  ? 109 ILE B N   1 
ATOM   842  C CA  . ILE B 2 49 ? 4.49464   -1.82795  8.86660   1.000 57.13944  ? 109 ILE B CA  1 
ATOM   843  C C   . ILE B 2 49 ? 3.86903   -3.15916  8.47540   1.000 59.51827  ? 109 ILE B C   1 
ATOM   844  O O   . ILE B 2 49 ? 4.09505   -3.65855  7.36828   1.000 57.90431  ? 109 ILE B O   1 
ATOM   845  C CB  . ILE B 2 49 ? 3.87386   -0.68402  8.05390   1.000 57.59274  ? 109 ILE B CB  1 
ATOM   846  C CG1 . ILE B 2 49 ? 4.27717   0.66743   8.61717   1.000 56.90558  ? 109 ILE B CG1 1 
ATOM   847  C CG2 . ILE B 2 49 ? 2.35835   -0.81572  8.00672   1.000 57.71294  ? 109 ILE B CG2 1 
ATOM   848  C CD1 . ILE B 2 49 ? 3.89884   1.78857   7.68751   1.000 57.33555  ? 109 ILE B CD1 1 
ATOM   849  N N   . ILE B 2 50 ? 3.09418   -3.74091  9.38132   1.000 52.51946  ? 110 ILE B N   1 
ATOM   850  C CA  . ILE B 2 50 ? 2.22035   -4.85557  9.06946   1.000 55.16371  ? 110 ILE B CA  1 
ATOM   851  C C   . ILE B 2 50 ? 0.79650   -4.37831  9.29865   1.000 54.94427  ? 110 ILE B C   1 
ATOM   852  O O   . ILE B 2 50 ? 0.47553   -3.86913  10.37773  1.000 58.78486  ? 110 ILE B O   1 
ATOM   853  C CB  . ILE B 2 50 ? 2.55586   -6.09191  9.90698   1.000 61.64127  ? 110 ILE B CB  1 
ATOM   854  C CG1 . ILE B 2 50 ? 4.06263   -6.35250  9.78846   1.000 62.46825  ? 110 ILE B CG1 1 
ATOM   855  C CG2 . ILE B 2 50 ? 1.73249   -7.28977  9.43033   1.000 55.99845  ? 110 ILE B CG2 1 
ATOM   856  C CD1 . ILE B 2 50 ? 4.53432   -7.63542  10.38627  1.000 77.89195  ? 110 ILE B CD1 1 
ATOM   857  N N   . GLU B 2 51 ? -0.04518  -4.51329  8.27279   1.000 52.26107  ? 111 GLU B N   1 
ATOM   858  C CA  . GLU B 2 51 ? -1.33438  -3.83792  8.23729   1.000 52.88588  ? 111 GLU B CA  1 
ATOM   859  C C   . GLU B 2 51 ? -2.26328  -4.56748  7.27252   1.000 53.21013  ? 111 GLU B C   1 
ATOM   860  O O   . GLU B 2 51 ? -1.81441  -5.16927  6.28921   1.000 52.85015  ? 111 GLU B O   1 
ATOM   861  C CB  . GLU B 2 51 ? -1.15015  -2.37430  7.81153   1.000 51.23560  ? 111 GLU B CB  1 
ATOM   862  C CG  . GLU B 2 51 ? -2.42547  -1.57115  7.68449   1.000 51.64582  ? 111 GLU B CG  1 
ATOM   863  C CD  . GLU B 2 51 ? -2.85658  -0.98554  9.01487   1.000 63.88546  ? 111 GLU B CD  1 
ATOM   864  O OE1 . GLU B 2 51 ? -2.15948  -1.24289  10.02673  1.000 63.46540  ? 111 GLU B OE1 1 
ATOM   865  O OE2 . GLU B 2 51 ? -3.87779  -0.25428  9.05289   1.000 62.94212  ? 111 GLU B OE2 1 
ATOM   866  N N   . ARG B 2 52 ? -3.56037  -4.52291  7.56865   1.000 56.04256  ? 112 ARG B N   1 
ATOM   867  C CA  . ARG B 2 52 ? -4.60642  -5.01493  6.67031   1.000 50.03526  ? 112 ARG B CA  1 
ATOM   868  C C   . ARG B 2 52 ? -5.47608  -3.81106  6.34363   1.000 50.19941  ? 112 ARG B C   1 
ATOM   869  O O   . ARG B 2 52 ? -6.30950  -3.40917  7.15768   1.000 49.99084  ? 112 ARG B O   1 
ATOM   870  C CB  . ARG B 2 52 ? -5.42435  -6.14659  7.29597   1.000 54.72309  ? 112 ARG B CB  1 
ATOM   871  C CG  . ARG B 2 52 ? -6.43117  -6.80680  6.32257   1.000 47.83119  ? 112 ARG B CG  1 
ATOM   872  C CD  . ARG B 2 52 ? -6.95245  -8.14093  6.85012   1.000 47.66295  ? 112 ARG B CD  1 
ATOM   873  N NE  . ARG B 2 52 ? -7.67030  -8.92786  5.83646   1.000 50.41561  ? 112 ARG B NE  1 
ATOM   874  C CZ  . ARG B 2 52 ? -8.97320  -9.19018  5.85587   1.000 46.98242  ? 112 ARG B CZ  1 
ATOM   875  N NH1 . ARG B 2 52 ? -9.77170  -8.67570  6.77594   1.000 51.71211  ? 112 ARG B NH1 1 
ATOM   876  N NH2 . ARG B 2 52 ? -9.48607  -10.00250 4.93978   1.000 51.20770  ? 112 ARG B NH2 1 
ATOM   877  N N   . SER B 2 53 ? -5.25631  -3.20790  5.17786   1.000 47.07658  ? 113 SER B N   1 
ATOM   878  C CA  . SER B 2 53 ? -6.02924  -2.04109  4.79952   1.000 45.75659  ? 113 SER B CA  1 
ATOM   879  C C   . SER B 2 53 ? -7.36317  -2.46475  4.19971   1.000 46.02855  ? 113 SER B C   1 
ATOM   880  O O   . SER B 2 53 ? -7.48806  -3.53295  3.60150   1.000 43.50069  ? 113 SER B O   1 
ATOM   881  C CB  . SER B 2 53 ? -5.24849  -1.18223  3.80581   1.000 42.58383  ? 113 SER B CB  1 
ATOM   882  O OG  . SER B 2 53 ? -4.03881  -0.74091  4.40509   1.000 50.10625  ? 113 SER B OG  1 
ATOM   883  N N   . ARG B 2 54 ? -8.36917  -1.61826  4.37785   1.000 47.60789  ? 114 ARG B N   1 
ATOM   884  C CA  . ARG B 2 54 ? -9.69915  -1.87900  3.86252   1.000 47.31632  ? 114 ARG B CA  1 
ATOM   885  C C   . ARG B 2 54 ? -10.00827 -0.85746  2.78687   1.000 45.25662  ? 114 ARG B C   1 
ATOM   886  O O   . ARG B 2 54 ? -9.71287  0.33085   2.93619   1.000 39.91071  ? 114 ARG B O   1 
ATOM   887  C CB  . ARG B 2 54 ? -10.75695 -1.82982  4.96053   1.000 48.81525  ? 114 ARG B CB  1 
ATOM   888  C CG  . ARG B 2 54 ? -12.19379 -1.95467  4.46224   1.000 48.97593  ? 114 ARG B CG  1 
ATOM   889  C CD  . ARG B 2 54 ? -13.17439 -2.06120  5.63516   1.000 48.14279  ? 114 ARG B CD  1 
ATOM   890  N NE  . ARG B 2 54 ? -13.32957 -0.78676  6.32530   1.000 54.59753  ? 114 ARG B NE  1 
ATOM   891  C CZ  . ARG B 2 54 ? -14.40036 -0.00840  6.22917   1.000 49.40183  ? 114 ARG B CZ  1 
ATOM   892  N NH1 . ARG B 2 54 ? -15.42820 -0.34258  5.47502   1.000 49.98048  ? 114 ARG B NH1 1 
ATOM   893  N NH2 . ARG B 2 54 ? -14.44811 1.12343   6.92956   1.000 51.44460  ? 114 ARG B NH2 1 
ATOM   894  N N   . PHE B 2 55 ? -10.55508 -1.34725  1.68784   1.000 40.81330  ? 115 PHE B N   1 
ATOM   895  C CA  . PHE B 2 55 ? -10.87750 -0.53770  0.53441   1.000 43.00867  ? 115 PHE B CA  1 
ATOM   896  C C   . PHE B 2 55 ? -12.35236 -0.73268  0.26153   1.000 42.86391  ? 115 PHE B C   1 
ATOM   897  O O   . PHE B 2 55 ? -12.91279 -1.78584  0.56943   1.000 43.37089  ? 115 PHE B O   1 
ATOM   898  C CB  . PHE B 2 55 ? -10.04849 -0.96323  -0.68301  1.000 43.34096  ? 115 PHE B CB  1 
ATOM   899  C CG  . PHE B 2 55 ? -8.57760  -0.88379  -0.45154  1.000 42.93761  ? 115 PHE B CG  1 
ATOM   900  C CD1 . PHE B 2 55 ? -7.91729  -1.89153  0.23425   1.000 39.28277  ? 115 PHE B CD1 1 
ATOM   901  C CD2 . PHE B 2 55 ? -7.85668  0.21750   -0.89297  1.000 44.53627  ? 115 PHE B CD2 1 
ATOM   902  C CE1 . PHE B 2 55 ? -6.56533  -1.80703  0.47768   1.000 42.78887  ? 115 PHE B CE1 1 
ATOM   903  C CE2 . PHE B 2 55 ? -6.49159  0.31049   -0.64676  1.000 41.85447  ? 115 PHE B CE2 1 
ATOM   904  C CZ  . PHE B 2 55 ? -5.84861  -0.70392  0.04117   1.000 42.19885  ? 115 PHE B CZ  1 
ATOM   905  N N   . ILE B 2 56 ? -13.00421 0.28045   -0.28921  1.000 41.70114  ? 116 ILE B N   1 
ATOM   906  C CA  . ILE B 2 56 ? -14.38765 0.08465   -0.67740  1.000 49.46125  ? 116 ILE B CA  1 
ATOM   907  C C   . ILE B 2 56 ? -14.60897 0.75400   -2.02192  1.000 48.02436  ? 116 ILE B C   1 
ATOM   908  O O   . ILE B 2 56 ? -13.89180 1.68015   -2.41379  1.000 43.98411  ? 116 ILE B O   1 
ATOM   909  C CB  . ILE B 2 56 ? -15.39488 0.59369   0.39613   1.000 52.14270  ? 116 ILE B CB  1 
ATOM   910  C CG1 . ILE B 2 56 ? -15.46224 2.09201   0.39319   1.000 51.67644  ? 116 ILE B CG1 1 
ATOM   911  C CG2 . ILE B 2 56 ? -15.07203 0.07817   1.81472   1.000 47.70301  ? 116 ILE B CG2 1 
ATOM   912  C CD1 . ILE B 2 56 ? -16.63309 2.56306   -0.39228  1.000 53.25189  ? 116 ILE B CD1 1 
ATOM   913  N N   . LYS B 2 57 ? -15.63573 0.27602   -2.71665  1.000 48.13549  ? 117 LYS B N   1 
ATOM   914  C CA  . LYS B 2 57 ? -15.91904 0.64504   -4.09508  1.000 50.67638  ? 117 LYS B CA  1 
ATOM   915  C C   . LYS B 2 57 ? -17.01768 1.69817   -4.14548  1.000 47.60965  ? 117 LYS B C   1 
ATOM   916  O O   . LYS B 2 57 ? -18.04541 1.55819   -3.47445  1.000 45.55655  ? 117 LYS B O   1 
ATOM   917  C CB  . LYS B 2 57 ? -16.34973 -0.60000  -4.87833  1.000 48.82376  ? 117 LYS B CB  1 
ATOM   918  C CG  . LYS B 2 57 ? -16.39115 -0.44658  -6.38201  1.000 49.84346  ? 117 LYS B CG  1 
ATOM   919  C CD  . LYS B 2 57 ? -16.67934 -1.81447  -7.00518  1.000 51.54994  ? 117 LYS B CD  1 
ATOM   920  C CE  . LYS B 2 57 ? -16.34374 -1.84478  -8.47740  1.000 56.31676  ? 117 LYS B CE  1 
ATOM   921  N NZ  . LYS B 2 57 ? -15.96700 -3.22594  -8.88240  1.000 62.79908  ? 117 LYS B NZ  1 
ATOM   922  N N   . GLU B 2 58 ? -16.79736 2.75150   -4.93128  1.000 47.66359  ? 118 GLU B N   1 
ATOM   923  C CA  . GLU B 2 58 ? -17.82856 3.74099   -5.23704  1.000 49.71314  ? 118 GLU B CA  1 
ATOM   924  C C   . GLU B 2 58 ? -17.80215 3.99813   -6.73351  1.000 53.10919  ? 118 GLU B C   1 
ATOM   925  O O   . GLU B 2 58 ? -16.77507 4.43025   -7.26790  1.000 53.27627  ? 118 GLU B O   1 
ATOM   926  C CB  . GLU B 2 58 ? -17.61038 5.06491   -4.48859  1.000 49.42360  ? 118 GLU B CB  1 
ATOM   927  C CG  . GLU B 2 58 ? -17.45673 4.95292   -2.97951  1.000 53.00786  ? 118 GLU B CG  1 
ATOM   928  C CD  . GLU B 2 58 ? -18.76926 4.67185   -2.22406  1.000 59.00227  ? 118 GLU B CD  1 
ATOM   929  O OE1 . GLU B 2 58 ? -19.85330 4.58549   -2.84731  1.000 56.50365  ? 118 GLU B OE1 1 
ATOM   930  O OE2 . GLU B 2 58 ? -18.70916 4.54138   -0.98088  1.000 60.36943  ? 118 GLU B OE2 1 
ATOM   931  N N   . ASN B 2 59 ? -18.91412 3.70486   -7.40234  1.000 56.45751  ? 119 ASN B N   1 
ATOM   932  C CA  . ASN B 2 59 ? -19.16205 4.09922   -8.78461  1.000 63.42152  ? 119 ASN B CA  1 
ATOM   933  C C   . ASN B 2 59 ? -18.28888 3.35432   -9.78846  1.000 65.35404  ? 119 ASN B C   1 
ATOM   934  O O   . ASN B 2 59 ? -17.31481 2.69095   -9.42679  1.000 60.48244  ? 119 ASN B O   1 
ATOM   935  C CB  . ASN B 2 59 ? -18.99027 5.61058   -8.94296  1.000 63.01436  ? 119 ASN B CB  1 
ATOM   936  C CG  . ASN B 2 59 ? -19.66476 6.14169   -10.20051 1.000 73.11746  ? 119 ASN B CG  1 
ATOM   937  O OD1 . ASN B 2 59 ? -19.20689 7.11495   -10.80613 1.000 69.53019  ? 119 ASN B OD1 1 
ATOM   938  N ND2 . ASN B 2 59 ? -20.74768 5.48337   -10.61297 1.000 72.73649  ? 119 ASN B ND2 1 
ATOM   939  N N   . GLY B 2 60 ? -18.66690 3.43265   -11.05876 1.000 82.55579  ? 120 GLY B N   1 
ATOM   940  C CA  . GLY B 2 60 ? -18.06871 2.61281   -12.10112 1.000 85.16808  ? 120 GLY B CA  1 
ATOM   941  C C   . GLY B 2 60 ? -19.00939 1.55274   -12.66400 1.000 85.70020  ? 120 GLY B C   1 
ATOM   942  O O   . GLY B 2 60 ? -20.06954 1.24905   -12.08974 1.000 82.34079  ? 120 GLY B O   1 
ATOM   943  O OXT . GLY B 2 60 ? -18.72023 0.96681   -13.71352 1.000 87.14438  ? 120 GLY B OXT 1 
ATOM   944  N N   . GLN C 3 1  ? -14.79169 1.99994   -9.08380  1.000 56.07268  ? 121 GLN C N   1 
ATOM   945  C CA  . GLN C 3 1  ? -13.54998 2.58498   -8.56367  1.000 54.41694  ? 121 GLN C CA  1 
ATOM   946  C C   . GLN C 3 1  ? -13.34812 2.34431   -7.05987  1.000 51.02235  ? 121 GLN C C   1 
ATOM   947  O O   . GLN C 3 1  ? -14.22717 2.61006   -6.23991  1.000 49.62193  ? 121 GLN C O   1 
ATOM   948  C CB  . GLN C 3 1  ? -13.50249 4.08784   -8.86485  1.000 51.39182  ? 121 GLN C CB  1 
ATOM   949  C CG  . GLN C 3 1  ? -12.10878 4.65209   -8.71293  1.000 60.03768  ? 121 GLN C CG  1 
ATOM   950  C CD  . GLN C 3 1  ? -11.95449 6.08674   -9.22516  1.000 67.86821  ? 121 GLN C CD  1 
ATOM   951  O OE1 . GLN C 3 1  ? -12.50858 6.45388   -10.26964 1.000 65.47218  ? 121 GLN C OE1 1 
ATOM   952  N NE2 . GLN C 3 1  ? -11.17365 6.90124   -8.49109  1.000 58.76337  ? 121 GLN C NE2 1 
ATOM   953  N N   . TRP C 3 2  ? -12.17016 1.84562   -6.70110  1.000 49.61828  ? 122 TRP C N   1 
ATOM   954  C CA  . TRP C 3 2  ? -11.85215 1.52638   -5.31953  1.000 46.84549  ? 122 TRP C CA  1 
ATOM   955  C C   . TRP C 3 2  ? -11.17453 2.69947   -4.61654  1.000 46.93284  ? 122 TRP C C   1 
ATOM   956  O O   . TRP C 3 2  ? -10.41810 3.46114   -5.22433  1.000 46.95487  ? 122 TRP C O   1 
ATOM   957  C CB  . TRP C 3 2  ? -10.94405 0.29900   -5.25645  1.000 45.03930  ? 122 TRP C CB  1 
ATOM   958  C CG  . TRP C 3 2  ? -11.60015 -0.94458  -5.70201  1.000 44.64155  ? 122 TRP C CG  1 
ATOM   959  C CD1 . TRP C 3 2  ? -11.53940 -1.50423  -6.95261  1.000 45.12647  ? 122 TRP C CD1 1 
ATOM   960  C CD2 . TRP C 3 2  ? -12.41966 -1.81638  -4.90731  1.000 44.89593  ? 122 TRP C CD2 1 
ATOM   961  N NE1 . TRP C 3 2  ? -12.27087 -2.67353  -6.98020  1.000 44.33097  ? 122 TRP C NE1 1 
ATOM   962  C CE2 . TRP C 3 2  ? -12.83088 -2.88136  -5.74507  1.000 46.27611  ? 122 TRP C CE2 1 
ATOM   963  C CE3 . TRP C 3 2  ? -12.84902 -1.79897  -3.57422  1.000 42.12476  ? 122 TRP C CE3 1 
ATOM   964  C CZ2 . TRP C 3 2  ? -13.64362 -3.91915  -5.28819  1.000 41.16115  ? 122 TRP C CZ2 1 
ATOM   965  C CZ3 . TRP C 3 2  ? -13.63521 -2.82816  -3.11949  1.000 42.92848  ? 122 TRP C CZ3 1 
ATOM   966  C CH2 . TRP C 3 2  ? -14.03332 -3.87631  -3.97472  1.000 47.46048  ? 122 TRP C CH2 1 
ATOM   967  N N   . TYR C 3 3  ? -11.44815 2.83281   -3.31736  1.000 43.30580  ? 123 TYR C N   1 
ATOM   968  C CA  . TYR C 3 3  ? -10.88256 3.89846   -2.49633  1.000 48.03105  ? 123 TYR C CA  1 
ATOM   969  C C   . TYR C 3 3  ? -10.36611 3.31503   -1.19638  1.000 45.11498  ? 123 TYR C C   1 
ATOM   970  O O   . TYR C 3 3  ? -11.00227 2.43542   -0.61304  1.000 42.96188  ? 123 TYR C O   1 
ATOM   971  C CB  . TYR C 3 3  ? -11.92373 5.00146   -2.17485  1.000 45.58933  ? 123 TYR C CB  1 
ATOM   972  C CG  . TYR C 3 3  ? -12.38940 5.74716   -3.39719  1.000 43.83355  ? 123 TYR C CG  1 
ATOM   973  C CD1 . TYR C 3 3  ? -13.43869 5.26273   -4.17334  1.000 45.97775  ? 123 TYR C CD1 1 
ATOM   974  C CD2 . TYR C 3 3  ? -11.75343 6.91828   -3.79895  1.000 47.10158  ? 123 TYR C CD2 1 
ATOM   975  C CE1 . TYR C 3 3  ? -13.86040 5.93969   -5.31981  1.000 46.52243  ? 123 TYR C CE1 1 
ATOM   976  C CE2 . TYR C 3 3  ? -12.16047 7.60474   -4.93471  1.000 46.64250  ? 123 TYR C CE2 1 
ATOM   977  C CZ  . TYR C 3 3  ? -13.21276 7.11490   -5.68645  1.000 51.45517  ? 123 TYR C CZ  1 
ATOM   978  O OH  . TYR C 3 3  ? -13.59542 7.80304   -6.81115  1.000 53.35113  ? 123 TYR C OH  1 
ATOM   979  N N   . TYR C 3 4  ? -9.21201  3.80538   -0.74575  1.000 46.41411  ? 124 TYR C N   1 
ATOM   980  C CA  . TYR C 3 4  ? -8.73297  3.47266   0.58672   1.000 46.10445  ? 124 TYR C CA  1 
ATOM   981  C C   . TYR C 3 4  ? -9.59535  4.16501   1.64059   1.000 42.16879  ? 124 TYR C C   1 
ATOM   982  O O   . TYR C 3 4  ? -10.04047 5.29691   1.44302   1.000 45.38679  ? 124 TYR C O   1 
ATOM   983  C CB  . TYR C 3 4  ? -7.27735  3.90290   0.74499   1.000 46.06080  ? 124 TYR C CB  1 
ATOM   984  C CG  . TYR C 3 4  ? -6.78775  3.77451   2.17119   1.000 47.05848  ? 124 TYR C CG  1 
ATOM   985  C CD1 . TYR C 3 4  ? -6.31043  2.55982   2.64942   1.000 47.34922  ? 124 TYR C CD1 1 
ATOM   986  C CD2 . TYR C 3 4  ? -6.83456  4.85194   3.05050   1.000 48.12816  ? 124 TYR C CD2 1 
ATOM   987  C CE1 . TYR C 3 4  ? -5.87018  2.42271   3.95370   1.000 49.25523  ? 124 TYR C CE1 1 
ATOM   988  C CE2 . TYR C 3 4  ? -6.41298  4.71948   4.36620   1.000 46.52819  ? 124 TYR C CE2 1 
ATOM   989  C CZ  . TYR C 3 4  ? -5.93060  3.50224   4.81044   1.000 50.40156  ? 124 TYR C CZ  1 
ATOM   990  O OH  . TYR C 3 4  ? -5.47829  3.35578   6.10784   1.000 54.07189  ? 124 TYR C OH  1 
ATOM   991  N N   . ILE C 3 5  ? -9.83032  3.48300   2.77019   1.000 44.90990  ? 125 ILE C N   1 
ATOM   992  C CA  . ILE C 3 5  ? -10.66145 4.06599   3.83143   1.000 47.31271  ? 125 ILE C CA  1 
ATOM   993  C C   . ILE C 3 5  ? -9.97391  3.95854   5.19515   1.000 49.78068  ? 125 ILE C C   1 
ATOM   994  O O   . ILE C 3 5  ? -9.74536  4.97873   5.85118   1.000 52.28083  ? 125 ILE C O   1 
ATOM   995  C CB  . ILE C 3 5  ? -12.09099 3.45623   3.84761   1.000 48.56872  ? 125 ILE C CB  1 
ATOM   996  C CG1 . ILE C 3 5  ? -12.94147 4.00281   5.00789   1.000 51.72055  ? 125 ILE C CG1 1 
ATOM   997  C CG2 . ILE C 3 5  ? -12.08291 1.95576   4.02108   1.000 45.41514  ? 125 ILE C CG2 1 
ATOM   998  C CD1 . ILE C 3 5  ? -13.41213 5.42579   4.87913   1.000 45.55867  ? 125 ILE C CD1 1 
ATOM   999  N N   . ASP C 3 6  ? -9.62277  2.75299   5.64028   1.000 51.72344  ? 126 ASP C N   1 
ATOM   1000 C CA  . ASP C 3 6  ? -8.98473  2.60227   6.95476   1.000 50.21883  ? 126 ASP C CA  1 
ATOM   1001 C C   . ASP C 3 6  ? -8.25180  1.26287   6.99213   1.000 52.38452  ? 126 ASP C C   1 
ATOM   1002 O O   . ASP C 3 6  ? -8.09270  0.59904   5.96075   1.000 51.56164  ? 126 ASP C O   1 
ATOM   1003 C CB  . ASP C 3 6  ? -10.02182 2.74907   8.07524   1.000 50.94592  ? 126 ASP C CB  1 
ATOM   1004 C CG  . ASP C 3 6  ? -11.08089 1.66457   8.05329   1.000 54.55787  ? 126 ASP C CG  1 
ATOM   1005 O OD1 . ASP C 3 6  ? -10.80491 0.53664   7.57440   1.000 57.86843  ? 126 ASP C OD1 1 
ATOM   1006 O OD2 . ASP C 3 6  ? -12.20526 1.92744   8.53179   1.000 57.74306  ? 126 ASP C OD2 1 
ATOM   1007 N N   . GLY C 3 7  ? -7.82783  0.84407   8.18200   1.000 47.75970  ? 127 GLY C N   1 
ATOM   1008 C CA  . GLY C 3 7  ? -7.12600  -0.42260  8.28970   1.000 48.42028  ? 127 GLY C CA  1 
ATOM   1009 C C   . GLY C 3 7  ? -6.99303  -0.86439  9.72980   1.000 53.67462  ? 127 GLY C C   1 
ATOM   1010 O O   . GLY C 3 7  ? -7.27670  -0.11030  10.65826  1.000 58.07962  ? 127 GLY C O   1 
ATOM   1011 N N   . THR C 3 8  ? -6.57174  -2.11894  9.90800   1.000 54.49908  ? 128 THR C N   1 
ATOM   1012 C CA  . THR C 3 8  ? -6.25011  -2.65036  11.22687  1.000 59.33695  ? 128 THR C CA  1 
ATOM   1013 C C   . THR C 3 8  ? -4.93817  -3.41899  11.13988  1.000 62.04132  ? 128 THR C C   1 
ATOM   1014 O O   . THR C 3 8  ? -4.43157  -3.69993  10.05621  1.000 60.03889  ? 128 THR C O   1 
ATOM   1015 C CB  . THR C 3 8  ? -7.35625  -3.56104  11.79206  1.000 56.79042  ? 128 THR C CB  1 
ATOM   1016 O OG1 . THR C 3 8  ? -7.64150  -4.62375  10.86802  1.000 62.50710  ? 128 THR C OG1 1 
ATOM   1017 C CG2 . THR C 3 8  ? -8.61419  -2.77158  12.06414  1.000 61.90682  ? 128 THR C CG2 1 
ATOM   1018 N N   . ARG C 3 9  ? -4.38233  -3.75387  12.30407  1.000 67.78275  ? 129 ARG C N   1 
ATOM   1019 C CA  . ARG C 3 9  ? -3.13835  -4.50322  12.39104  1.000 70.78021  ? 129 ARG C CA  1 
ATOM   1020 C C   . ARG C 3 9  ? -3.47700  -5.96215  12.67778  1.000 76.19201  ? 129 ARG C C   1 
ATOM   1021 O O   . ARG C 3 9  ? -3.76175  -6.30502  13.83367  1.000 78.19229  ? 129 ARG C O   1 
ATOM   1022 C CB  . ARG C 3 9  ? -2.23729  -3.93012  13.49361  1.000 74.43279  ? 129 ARG C CB  1 
ATOM   1023 C CG  . ARG C 3 9  ? -1.74835  -2.49656  13.26631  1.000 74.22636  ? 129 ARG C CG  1 
ATOM   1024 C CD  . ARG C 3 9  ? -2.81609  -1.42169  13.58950  1.000 77.57762  ? 129 ARG C CD  1 
ATOM   1025 N NE  . ARG C 3 9  ? -3.75015  -1.87009  14.61862  1.000 83.92042  ? 129 ARG C NE  1 
ATOM   1026 C CZ  . ARG C 3 9  ? -3.51182  -1.80146  15.92047  1.000 87.39756  ? 129 ARG C CZ  1 
ATOM   1027 N NH1 . ARG C 3 9  ? -2.39729  -1.25821  16.38624  1.000 85.49591  ? 129 ARG C NH1 1 
ATOM   1028 N NH2 . ARG C 3 9  ? -4.40989  -2.29657  16.77302  1.000 85.20440  ? 129 ARG C NH2 1 
ATOM   1029 N N   . PRO C 3 10 ? -3.40831  -6.86180  11.68997  1.000 78.16513  ? 130 PRO C N   1 
ATOM   1030 C CA  . PRO C 3 10 ? -3.96027  -8.21250  11.88617  1.000 80.70027  ? 130 PRO C CA  1 
ATOM   1031 C C   . PRO C 3 10 ? -3.20844  -8.97000  12.97034  1.000 93.96375  ? 130 PRO C C   1 
ATOM   1032 O O   . PRO C 3 10 ? -1.99494  -8.81322  13.13495  1.000 95.79134  ? 130 PRO C O   1 
ATOM   1033 C CB  . PRO C 3 10 ? -3.77452  -8.86791  10.51515  1.000 79.47885  ? 130 PRO C CB  1 
ATOM   1034 C CG  . PRO C 3 10 ? -2.51873  -8.22175  9.98840   1.000 76.53343  ? 130 PRO C CG  1 
ATOM   1035 C CD  . PRO C 3 10 ? -2.54087  -6.78711  10.49910  1.000 70.12301  ? 130 PRO C CD  1 
ATOM   1036 N N   . GLN C 3 11 ? -3.94515  -9.79239  13.72365  1.000 100.03039 ? 131 GLN C N   1 
ATOM   1037 C CA  . GLN C 3 11 ? -3.33798  -10.56626 14.80404  1.000 105.65267 ? 131 GLN C CA  1 
ATOM   1038 C C   . GLN C 3 11 ? -2.46811  -11.67568 14.22239  1.000 111.11380 ? 131 GLN C C   1 
ATOM   1039 O O   . GLN C 3 11 ? -2.95112  -12.52105 13.45817  1.000 108.53720 ? 131 GLN C O   1 
ATOM   1040 C CB  . GLN C 3 11 ? -4.40500  -11.15720 15.72610  1.000 103.70105 ? 131 GLN C CB  1 
ATOM   1041 C CG  . GLN C 3 11 ? -5.01712  -10.17610 16.70703  1.000 102.24515 ? 131 GLN C CG  1 
ATOM   1042 C CD  . GLN C 3 11 ? -6.24495  -9.49873  16.14206  1.000 103.59462 ? 131 GLN C CD  1 
ATOM   1043 O OE1 . GLN C 3 11 ? -6.66910  -9.79185  15.02117  1.000 102.34752 ? 131 GLN C OE1 1 
ATOM   1044 N NE2 . GLN C 3 11 ? -6.82704  -8.58768  16.91387  1.000 106.93048 ? 131 GLN C NE2 1 
ATOM   1045 N N   . LEU C 3 12 ? -1.18452  -11.66710 14.58540  1.000 117.24657 ? 132 LEU C N   1 
ATOM   1046 C CA  . LEU C 3 12 ? -0.22926  -12.68733 14.15918  1.000 121.36856 ? 132 LEU C CA  1 
ATOM   1047 C C   . LEU C 3 12 ? 0.75235   -12.92809 15.29911  1.000 129.14512 ? 132 LEU C C   1 
ATOM   1048 O O   . LEU C 3 12 ? 1.42702   -11.99224 15.74659  1.000 131.05333 ? 132 LEU C O   1 
ATOM   1049 C CB  . LEU C 3 12 ? 0.51113   -12.26544 12.87979  1.000 118.61881 ? 132 LEU C CB  1 
ATOM   1050 C CG  . LEU C 3 12 ? -0.31167  -12.09356 11.59404  1.000 110.08673 ? 132 LEU C CG  1 
ATOM   1051 C CD1 . LEU C 3 12 ? 0.53898   -11.52800 10.45892  1.000 100.06060 ? 132 LEU C CD1 1 
ATOM   1052 C CD2 . LEU C 3 12 ? -0.95682  -13.40833 11.17696  1.000 112.37884 ? 132 LEU C CD2 1 
ATOM   1053 N N   . GLY C 3 13 ? 0.82471   -14.17818 15.76880  1.000 130.28065 ? 133 GLY C N   1 
ATOM   1054 C CA  . GLY C 3 13 ? 1.66692   -14.50034 16.90502  1.000 134.34077 ? 133 GLY C CA  1 
ATOM   1055 C C   . GLY C 3 13 ? 3.14722   -14.37707 16.59574  1.000 136.33271 ? 133 GLY C C   1 
ATOM   1056 O O   . GLY C 3 13 ? 3.57835   -14.35826 15.44243  1.000 136.09956 ? 133 GLY C O   1 
ATOM   1057 N N   . ARG C 3 14 ? 3.94642   -14.31143 17.66403  1.000 135.31559 ? 134 ARG C N   1 
ATOM   1058 C CA  . ARG C 3 14 ? 5.36394   -14.00218 17.51237  1.000 135.36288 ? 134 ARG C CA  1 
ATOM   1059 C C   . ARG C 3 14 ? 6.18828   -15.18313 17.00375  1.000 136.93189 ? 134 ARG C C   1 
ATOM   1060 O O   . ARG C 3 14 ? 7.26463   -14.96959 16.43663  1.000 134.08904 ? 134 ARG C O   1 
ATOM   1061 C CB  . ARG C 3 14 ? 5.92606   -13.50538 18.83989  1.000 136.19768 ? 134 ARG C CB  1 
ATOM   1062 C CG  . ARG C 3 14 ? 5.28969   -12.22780 19.34724  1.000 134.66270 ? 134 ARG C CG  1 
ATOM   1063 C CD  . ARG C 3 14 ? 5.93020   -11.84543 20.65573  1.000 134.77745 ? 134 ARG C CD  1 
ATOM   1064 N NE  . ARG C 3 14 ? 7.37647   -11.73664 20.51392  1.000 135.59683 ? 134 ARG C NE  1 
ATOM   1065 C CZ  . ARG C 3 14 ? 8.25174   -12.14748 21.42114  1.000 136.32287 ? 134 ARG C CZ  1 
ATOM   1066 N NH1 . ARG C 3 14 ? 7.86402   -12.75087 22.53336  1.000 132.88130 ? 134 ARG C NH1 1 
ATOM   1067 N NH2 . ARG C 3 14 ? 9.54957   -11.95573 21.20298  1.000 136.76814 ? 134 ARG C NH2 1 
ATOM   1068 N N   . ASN C 3 15 ? 5.71841   -16.41769 17.18336  1.000 138.50527 ? 135 ASN C N   1 
ATOM   1069 C CA  . ASN C 3 15 ? 6.46241   -17.59185 16.73914  1.000 138.98277 ? 135 ASN C CA  1 
ATOM   1070 C C   . ASN C 3 15 ? 6.02770   -18.09655 15.36585  1.000 135.61041 ? 135 ASN C C   1 
ATOM   1071 O O   . ASN C 3 15 ? 6.71252   -18.95175 14.79244  1.000 135.34937 ? 135 ASN C O   1 
ATOM   1072 C CB  . ASN C 3 15 ? 6.32210   -18.72918 17.76542  1.000 140.59073 ? 135 ASN C CB  1 
ATOM   1073 C CG  . ASN C 3 15 ? 7.63678   -19.45820 18.02622  1.000 140.66007 ? 135 ASN C CG  1 
ATOM   1074 O OD1 . ASN C 3 15 ? 8.68956   -18.83467 18.18665  1.000 139.37108 ? 135 ASN C OD1 1 
ATOM   1075 N ND2 . ASN C 3 15 ? 7.57737   -20.78737 18.06797  1.000 138.02849 ? 135 ASN C ND2 1 
ATOM   1076 N N   . ASP C 3 16 ? 4.92361   -17.58519 14.82388  1.000 134.02710 ? 136 ASP C N   1 
ATOM   1077 C CA  . ASP C 3 16 ? 4.37398   -18.09728 13.57923  1.000 131.76165 ? 136 ASP C CA  1 
ATOM   1078 C C   . ASP C 3 16 ? 5.32505   -17.82795 12.41323  1.000 129.32922 ? 136 ASP C C   1 
ATOM   1079 O O   . ASP C 3 16 ? 6.22179   -16.98379 12.51326  1.000 129.03403 ? 136 ASP C O   1 
ATOM   1080 C CB  . ASP C 3 16 ? 3.01078   -17.45990 13.31522  1.000 130.88209 ? 136 ASP C CB  1 
ATOM   1081 C CG  . ASP C 3 16 ? 1.97592   -17.85105 14.35223  1.000 131.59146 ? 136 ASP C CG  1 
ATOM   1082 O OD1 . ASP C 3 16 ? 1.93197   -19.04283 14.72273  1.000 131.82269 ? 136 ASP C OD1 1 
ATOM   1083 O OD2 . ASP C 3 16 ? 1.21407   -16.96833 14.80266  1.000 128.86165 ? 136 ASP C OD2 1 
ATOM   1084 N N   . PRO C 3 17 ? 5.16166   -18.54836 11.30013  1.000 127.72511 ? 137 PRO C N   1 
ATOM   1085 C CA  . PRO C 3 17 ? 5.96907   -18.24869 10.10528  1.000 126.05290 ? 137 PRO C CA  1 
ATOM   1086 C C   . PRO C 3 17 ? 5.71081   -16.82812 9.62174   1.000 122.47893 ? 137 PRO C C   1 
ATOM   1087 O O   . PRO C 3 17 ? 4.57387   -16.45608 9.32173   1.000 123.01495 ? 137 PRO C O   1 
ATOM   1088 C CB  . PRO C 3 17 ? 5.49944   -19.29825 9.08667   1.000 121.24052 ? 137 PRO C CB  1 
ATOM   1089 C CG  . PRO C 3 17 ? 4.16240   -19.76647 9.58649   1.000 117.64317 ? 137 PRO C CG  1 
ATOM   1090 C CD  . PRO C 3 17 ? 4.26423   -19.70022 11.08037  1.000 124.93944 ? 137 PRO C CD  1 
ATOM   1091 N N   . CYS C 3 18 ? 6.77722   -16.03106 9.55961   1.000 120.81449 ? 138 CYS C N   1 
ATOM   1092 C CA  . CYS C 3 18 ? 6.64200   -14.62822 9.18620   1.000 116.83391 ? 138 CYS C CA  1 
ATOM   1093 C C   . CYS C 3 18 ? 5.97830   -14.51337 7.81313   1.000 110.74480 ? 138 CYS C C   1 
ATOM   1094 O O   . CYS C 3 18 ? 6.28685   -15.29863 6.90673   1.000 110.30987 ? 138 CYS C O   1 
ATOM   1095 C CB  . CYS C 3 18 ? 8.01357   -13.93460 9.18733   1.000 117.98191 ? 138 CYS C CB  1 
ATOM   1096 S SG  . CYS C 3 18 ? 8.03842   -12.23333 8.50903   1.000 120.46287 ? 138 CYS C SG  1 
ATOM   1097 N N   . PRO C 3 19 ? 5.03564   -13.57856 7.63703   1.000 107.28099 ? 139 PRO C N   1 
ATOM   1098 C CA  . PRO C 3 19 ? 4.42553   -13.38712 6.30597   1.000 99.56313  ? 139 PRO C CA  1 
ATOM   1099 C C   . PRO C 3 19 ? 5.41704   -12.92587 5.24844   1.000 101.50981 ? 139 PRO C C   1 
ATOM   1100 O O   . PRO C 3 19 ? 5.13193   -13.05127 4.04981   1.000 97.33594  ? 139 PRO C O   1 
ATOM   1101 C CB  . PRO C 3 19 ? 3.34353   -12.32665 6.56160   1.000 86.23775  ? 139 PRO C CB  1 
ATOM   1102 C CG  . PRO C 3 19 ? 3.08092   -12.38395 8.03806   1.000 91.49185  ? 139 PRO C CG  1 
ATOM   1103 C CD  . PRO C 3 19 ? 4.39892   -12.73936 8.66699   1.000 104.44722 ? 139 PRO C CD  1 
ATOM   1104 N N   . CYS C 3 20 ? 6.57066   -12.39315 5.66291   1.000 106.51578 ? 140 CYS C N   1 
ATOM   1105 C CA  . CYS C 3 20 ? 7.68318   -12.06981 4.77563   1.000 108.32695 ? 140 CYS C CA  1 
ATOM   1106 C C   . CYS C 3 20 ? 8.20052   -13.27859 4.00751   1.000 111.96334 ? 140 CYS C C   1 
ATOM   1107 O O   . CYS C 3 20 ? 8.99757   -13.10166 3.07953   1.000 111.85589 ? 140 CYS C O   1 
ATOM   1108 C CB  . CYS C 3 20 ? 8.82710   -11.47155 5.60030   1.000 111.21565 ? 140 CYS C CB  1 
ATOM   1109 S SG  . CYS C 3 20 ? 9.32485   -12.57775 6.95572   1.000 123.13142 ? 140 CYS C SG  1 
ATOM   1110 N N   . GLY C 3 21 ? 7.78654   -14.49234 4.37783   1.000 113.04815 ? 141 GLY C N   1 
ATOM   1111 C CA  . GLY C 3 21 ? 8.30642   -15.70203 3.77365   1.000 114.99372 ? 141 GLY C CA  1 
ATOM   1112 C C   . GLY C 3 21 ? 9.72936   -16.04779 4.15329   1.000 119.02651 ? 141 GLY C C   1 
ATOM   1113 O O   . GLY C 3 21 ? 10.27028  -17.02823 3.63144   1.000 119.42095 ? 141 GLY C O   1 
ATOM   1114 N N   . SER C 3 22 ? 10.35189  -15.28083 5.05816   1.000 117.91539 ? 142 SER C N   1 
ATOM   1115 C CA  . SER C 3 22 ? 11.74534  -15.48602 5.44928   1.000 121.02789 ? 142 SER C CA  1 
ATOM   1116 C C   . SER C 3 22 ? 11.97885  -16.82934 6.13685   1.000 124.68178 ? 142 SER C C   1 
ATOM   1117 O O   . SER C 3 22 ? 13.13924  -17.16079 6.42322   1.000 123.40059 ? 142 SER C O   1 
ATOM   1118 C CB  . SER C 3 22 ? 12.22128  -14.35667 6.37641   1.000 119.26812 ? 142 SER C CB  1 
ATOM   1119 O OG  . SER C 3 22 ? 12.18109  -13.08249 5.73199   1.000 116.32014 ? 142 SER C OG  1 
ATOM   1120 N N   . GLY C 3 23 ? 10.92418  -17.60853 6.40229   1.000 126.09065 ? 143 GLY C N   1 
ATOM   1121 C CA  . GLY C 3 23 ? 11.06517  -18.87900 7.09056   1.000 125.07617 ? 143 GLY C CA  1 
ATOM   1122 C C   . GLY C 3 23 ? 11.12941  -18.72135 8.59589   1.000 126.32259 ? 143 GLY C C   1 
ATOM   1123 O O   . GLY C 3 23 ? 10.51845  -19.50054 9.33367   1.000 126.01718 ? 143 GLY C O   1 
ATOM   1124 N N   . LYS C 3 24 ? 11.85591  -17.69641 9.05454   1.000 127.91065 ? 144 LYS C N   1 
ATOM   1125 C CA  . LYS C 3 24 ? 12.02506  -17.38004 10.47090  1.000 128.98872 ? 144 LYS C CA  1 
ATOM   1126 C C   . LYS C 3 24 ? 10.69241  -17.04820 11.13534  1.000 130.62171 ? 144 LYS C C   1 
ATOM   1127 O O   . LYS C 3 24 ? 9.65640   -16.98210 10.46528  1.000 131.39638 ? 144 LYS C O   1 
ATOM   1128 C CB  . LYS C 3 24 ? 13.00103  -16.20784 10.63039  1.000 127.18247 ? 144 LYS C CB  1 
ATOM   1129 C CG  . LYS C 3 24 ? 14.23311  -16.32034 9.74189   1.000 124.56880 ? 144 LYS C CG  1 
ATOM   1130 C CD  . LYS C 3 24 ? 14.57952  -14.99308 9.08517   1.000 121.96286 ? 144 LYS C CD  1 
ATOM   1131 C CE  . LYS C 3 24 ? 15.15748  -14.00906 10.08307  1.000 122.95880 ? 144 LYS C CE  1 
ATOM   1132 N NZ  . LYS C 3 24 ? 15.53161  -12.71891 9.43800   1.000 120.43695 ? 144 LYS C NZ  1 
ATOM   1133 N N   . LYS C 3 25 ? 10.70392  -16.83281 12.44823  1.000 131.83793 ? 145 LYS C N   1 
ATOM   1134 C CA  . LYS C 3 25 ? 9.47155   -16.52308 13.15349  1.000 132.91896 ? 145 LYS C CA  1 
ATOM   1135 C C   . LYS C 3 25 ? 9.10029   -15.05238 12.96462  1.000 132.52348 ? 145 LYS C C   1 
ATOM   1136 O O   . LYS C 3 25 ? 9.87724   -14.24089 12.44883  1.000 128.79133 ? 145 LYS C O   1 
ATOM   1137 C CB  . LYS C 3 25 ? 9.59938   -16.87378 14.63882  1.000 136.19164 ? 145 LYS C CB  1 
ATOM   1138 C CG  . LYS C 3 25 ? 10.91414  -16.45299 15.28148  1.000 136.92882 ? 145 LYS C CG  1 
ATOM   1139 C CD  . LYS C 3 25 ? 11.15581  -17.15370 16.61133  1.000 140.57253 ? 145 LYS C CD  1 
ATOM   1140 C CE  . LYS C 3 25 ? 12.51271  -16.78194 17.19840  1.000 141.65246 ? 145 LYS C CE  1 
ATOM   1141 N NZ  . LYS C 3 25 ? 12.81837  -17.54173 18.44541  1.000 145.29792 ? 145 LYS C NZ  1 
ATOM   1142 N N   . PHE C 3 26 ? 7.87438   -14.72014 13.37722  1.000 132.28688 ? 146 PHE C N   1 
ATOM   1143 C CA  . PHE C 3 26 ? 7.40335   -13.34288 13.27126  1.000 132.97561 ? 146 PHE C CA  1 
ATOM   1144 C C   . PHE C 3 26 ? 8.23701   -12.40689 14.13783  1.000 133.75834 ? 146 PHE C C   1 
ATOM   1145 O O   . PHE C 3 26 ? 8.58178   -11.29819 13.71092  1.000 130.95175 ? 146 PHE C O   1 
ATOM   1146 C CB  . PHE C 3 26 ? 5.92393   -13.27155 13.65321  1.000 133.18947 ? 146 PHE C CB  1 
ATOM   1147 C CG  . PHE C 3 26 ? 5.41803   -11.87399 13.89699  1.000 133.42748 ? 146 PHE C CG  1 
ATOM   1148 C CD1 . PHE C 3 26 ? 5.31332   -10.96976 12.85640  1.000 129.05587 ? 146 PHE C CD1 1 
ATOM   1149 C CD2 . PHE C 3 26 ? 5.02726   -11.47247 15.16876  1.000 133.49324 ? 146 PHE C CD2 1 
ATOM   1150 C CE1 . PHE C 3 26 ? 4.83926   -9.69139  13.08283  1.000 125.23430 ? 146 PHE C CE1 1 
ATOM   1151 C CE2 . PHE C 3 26 ? 4.55222   -10.19482 15.39921  1.000 129.48464 ? 146 PHE C CE2 1 
ATOM   1152 C CZ  . PHE C 3 26 ? 4.45924   -9.30305  14.35598  1.000 125.87928 ? 146 PHE C CZ  1 
ATOM   1153 N N   . LYS C 3 27 ? 8.58142   -12.84341 15.35376  1.000 136.30548 ? 147 LYS C N   1 
ATOM   1154 C CA  . LYS C 3 27 ? 9.43194   -12.09602 16.27449  1.000 134.74222 ? 147 LYS C CA  1 
ATOM   1155 C C   . LYS C 3 27 ? 10.90944  -12.15655 15.89585  1.000 134.11591 ? 147 LYS C C   1 
ATOM   1156 O O   . LYS C 3 27 ? 11.75951  -11.78322 16.71261  1.000 132.95798 ? 147 LYS C O   1 
ATOM   1157 C CB  . LYS C 3 27 ? 9.23665   -12.60938 17.70741  1.000 135.87312 ? 147 LYS C CB  1 
ATOM   1158 C CG  . LYS C 3 27 ? 9.81861   -13.99879 17.98481  1.000 138.93858 ? 147 LYS C CG  1 
ATOM   1159 C CD  . LYS C 3 27 ? 9.23228   -14.59274 19.26223  1.000 140.91256 ? 147 LYS C CD  1 
ATOM   1160 C CE  . LYS C 3 27 ? 9.89197   -15.90335 19.65998  1.000 147.48848 ? 147 LYS C CE  1 
ATOM   1161 N NZ  . LYS C 3 27 ? 11.27383  -15.70634 20.17341  1.000 167.64848 ? 147 LYS C NZ  1 
ATOM   1162 N N   . LYS C 3 28 ? 11.22667  -12.61411 14.68393  1.000 134.00477 ? 148 LYS C N   1 
ATOM   1163 C CA  . LYS C 3 28 ? 12.58436  -12.68028 14.14988  1.000 133.25934 ? 148 LYS C CA  1 
ATOM   1164 C C   . LYS C 3 28 ? 12.72199  -11.97184 12.81012  1.000 131.57310 ? 148 LYS C C   1 
ATOM   1165 O O   . LYS C 3 28 ? 13.70266  -11.24980 12.59901  1.000 129.35471 ? 148 LYS C O   1 
ATOM   1166 C CB  . LYS C 3 28 ? 13.02788  -14.15036 14.00462  1.000 131.01545 ? 148 LYS C CB  1 
ATOM   1167 C CG  . LYS C 3 28 ? 14.50915  -14.35335 13.70853  1.000 128.98630 ? 148 LYS C CG  1 
ATOM   1168 C CD  . LYS C 3 28 ? 15.38043  -13.81670 14.83893  1.000 127.13673 ? 148 LYS C CD  1 
ATOM   1169 C CE  . LYS C 3 28 ? 16.86110  -13.90886 14.49756  1.000 120.73475 ? 148 LYS C CE  1 
ATOM   1170 N NZ  . LYS C 3 28 ? 17.66839  -12.95990 15.31086  1.000 109.71499 ? 148 LYS C NZ  1 
ATOM   1171 N N   . CYS C 3 29 ? 11.75720  -12.14523 11.90637  1.000 128.93523 ? 149 CYS C N   1 
ATOM   1172 C CA  . CYS C 3 29 ? 11.86328  -11.61287 10.55425  1.000 125.69821 ? 149 CYS C CA  1 
ATOM   1173 C C   . CYS C 3 29 ? 11.62895  -10.09994 10.53315  1.000 125.24526 ? 149 CYS C C   1 
ATOM   1174 O O   . CYS C 3 29 ? 12.58574  -9.32543  10.41198  1.000 120.94863 ? 149 CYS C O   1 
ATOM   1175 C CB  . CYS C 3 29 ? 10.89454  -12.37754 9.63635   1.000 123.62810 ? 149 CYS C CB  1 
ATOM   1176 S SG  . CYS C 3 29 ? 9.90225   -11.40380 8.48342   1.000 122.43407 ? 149 CYS C SG  1 
ATOM   1177 N N   . CYS C 3 30 ? 10.37342  -9.66463  10.68903  1.000 125.74175 ? 150 CYS C N   1 
ATOM   1178 C CA  . CYS C 3 30 ? 9.99790   -8.26867  10.50939  1.000 121.15842 ? 150 CYS C CA  1 
ATOM   1179 C C   . CYS C 3 30 ? 9.06958   -7.76445  11.61180  1.000 118.15744 ? 150 CYS C C   1 
ATOM   1180 O O   . CYS C 3 30 ? 8.70531   -6.58298  11.60008  1.000 108.44600 ? 150 CYS C O   1 
ATOM   1181 C CB  . CYS C 3 30 ? 9.32565   -8.05168  9.13008   1.000 117.01136 ? 150 CYS C CB  1 
ATOM   1182 S SG  . CYS C 3 30 ? 10.34538  -8.26266  7.58168   1.000 104.53417 ? 150 CYS C SG  1 
ATOM   1183 N N   . GLY C 3 31 ? 8.67397   -8.61909  12.55512  1.000 122.80418 ? 151 GLY C N   1 
ATOM   1184 C CA  . GLY C 3 31 ? 7.85219   -8.20066  13.67623  1.000 126.21687 ? 151 GLY C CA  1 
ATOM   1185 C C   . GLY C 3 31 ? 8.56187   -8.33581  15.01007  1.000 133.54479 ? 151 GLY C C   1 
ATOM   1186 O O   . GLY C 3 31 ? 8.09213   -9.04693  15.90718  1.000 134.80166 ? 151 GLY C O   1 
ATOM   1187 N N   . GLN C 3 32 ? 9.69638   -7.64873  15.14539  1.000 133.14569 ? 152 GLN C N   1 
ATOM   1188 C CA  . GLN C 3 32 ? 10.54049  -7.72753  16.33676  1.000 134.40303 ? 152 GLN C CA  1 
ATOM   1189 C C   . GLN C 3 32 ? 9.79534   -7.28373  17.59539  1.000 136.52568 ? 152 GLN C C   1 
ATOM   1190 O O   . GLN C 3 32 ? 9.56943   -6.09199  17.81028  1.000 137.95930 ? 152 GLN C O   1 
ATOM   1191 C CB  . GLN C 3 32 ? 11.80659  -6.87688  16.15158  1.000 133.67819 ? 152 GLN C CB  1 
ATOM   1192 C CG  . GLN C 3 32 ? 12.62529  -7.19658  14.89954  1.000 132.05896 ? 152 GLN C CG  1 
ATOM   1193 C CD  . GLN C 3 32 ? 13.16675  -8.61574  14.88893  1.000 133.58669 ? 152 GLN C CD  1 
ATOM   1194 O OE1 . GLN C 3 32 ? 12.44892  -9.56152  14.57244  1.000 131.55783 ? 152 GLN C OE1 1 
ATOM   1195 N NE2 . GLN C 3 32 ? 14.44081  -8.76824  15.23229  1.000 134.56793 ? 152 GLN C NE2 1 
HETATM 1196 O O   . HOH D 4 .  ? -5.92044  14.60464  -6.35308  1.000 66.10970  ? 101 HOH A O   1 
HETATM 1197 O O   . HOH D 4 .  ? -6.37864  5.77437   -12.53914 1.000 55.74416  ? 102 HOH A O   1 
HETATM 1198 O O   . HOH D 4 .  ? 12.02533  1.52823   -10.99756 1.000 57.11554  ? 103 HOH A O   1 
HETATM 1199 O O   . HOH D 4 .  ? -1.54156  -1.86754  -13.76350 1.000 56.68572  ? 104 HOH A O   1 
HETATM 1200 O O   . HOH D 4 .  ? -10.10013 12.51723  -1.78499  1.000 51.87515  ? 105 HOH A O   1 
HETATM 1201 O O   . HOH D 4 .  ? -9.61593  -1.44704  -15.09915 1.000 58.42496  ? 106 HOH A O   1 
HETATM 1202 O O   . HOH D 4 .  ? 9.25178   -4.64142  -9.41669  1.000 48.29302  ? 107 HOH A O   1 
HETATM 1203 O O   . HOH D 4 .  ? -3.11334  2.52800   0.75843   1.000 57.62870  ? 108 HOH A O   1 
HETATM 1204 O O   . HOH D 4 .  ? 1.24356   15.90348  -6.24038  1.000 62.33543  ? 109 HOH A O   1 
HETATM 1205 O O   . HOH D 4 .  ? -11.10531 12.12235  0.65186   1.000 51.00479  ? 110 HOH A O   1 
HETATM 1206 O O   . HOH D 4 .  ? 1.47280   -5.83507  -13.07365 1.000 57.80751  ? 111 HOH A O   1 
HETATM 1207 O O   . HOH D 4 .  ? -6.96885  5.09034   -8.66462  1.000 52.53950  ? 112 HOH A O   1 
HETATM 1208 O O   . HOH D 4 .  ? -2.98679  4.89228   2.74864   1.000 61.50785  ? 113 HOH A O   1 
HETATM 1209 O O   . HOH D 4 .  ? -8.25179  -4.57405  -15.80909 1.000 59.64921  ? 114 HOH A O   1 
HETATM 1210 O O   . HOH D 4 .  ? -10.28286 1.61926   -8.91497  1.000 47.96482  ? 115 HOH A O   1 
HETATM 1211 O O   . HOH D 4 .  ? -5.17098  -9.16747  -8.69885  0.50  58.99796  ? 116 HOH A O   1 
HETATM 1212 O O   . HOH D 4 .  ? 2.52081   -8.99609  -8.18713  1.000 64.38013  ? 117 HOH A O   1 
HETATM 1213 O O   . HOH D 4 .  ? -0.00540  -4.70659  -15.59140 1.000 65.67416  ? 118 HOH A O   1 
HETATM 1214 O O   . HOH D 4 .  ? -11.16952 19.92112  1.47901   1.000 64.74501  ? 119 HOH A O   1 
HETATM 1215 O O   . HOH D 4 .  ? 3.67049   10.03220  -9.53450  1.000 67.61577  ? 120 HOH A O   1 
HETATM 1216 O O   . HOH D 4 .  ? -10.48851 15.08970  -0.78760  1.000 63.32010  ? 121 HOH A O   1 
HETATM 1217 O O   . HOH D 4 .  ? 6.50041   -9.91472  -8.05105  1.000 56.57169  ? 122 HOH A O   1 
HETATM 1218 O O   . HOH D 4 .  ? 5.61855   -9.57833  -13.63851 1.000 57.54296  ? 123 HOH A O   1 
HETATM 1219 O O   . HOH D 4 .  ? 9.34728   8.53568   -0.78717  1.000 56.91544  ? 124 HOH A O   1 
HETATM 1220 O O   . HOH D 4 .  ? 3.05246   15.80700  -4.35253  1.000 60.64336  ? 125 HOH A O   1 
HETATM 1221 O O   . HOH D 4 .  ? -5.13993  9.24430   -11.27682 1.000 63.31116  ? 126 HOH A O   1 
HETATM 1222 O O   . HOH D 4 .  ? -8.89311  -9.72765  -8.37085  1.000 53.72274  ? 127 HOH A O   1 
HETATM 1223 O O   . HOH D 4 .  ? -1.07344  -9.17888  -4.97739  1.000 58.68795  ? 128 HOH A O   1 
HETATM 1224 O O   . HOH D 4 .  ? -1.02335  12.12205  -10.45205 1.000 65.31584  ? 129 HOH A O   1 
HETATM 1225 O O   . HOH D 4 .  ? -13.54821 14.90107  -0.47082  1.000 61.46675  ? 130 HOH A O   1 
HETATM 1226 O O   . HOH D 4 .  ? -9.57621  1.59264   -17.28987 1.000 52.56003  ? 131 HOH A O   1 
HETATM 1227 O O   . HOH D 4 .  ? -8.88746  3.69309   -9.87744  1.000 51.63353  ? 132 HOH A O   1 
HETATM 1228 O O   . HOH D 4 .  ? -11.97423 11.51803  -3.11797  1.000 58.90615  ? 133 HOH A O   1 
HETATM 1229 O O   . HOH D 4 .  ? 5.54321   12.14694  -8.70703  1.000 68.34001  ? 134 HOH A O   1 
HETATM 1230 O O   . HOH D 4 .  ? -6.94157  -7.25083  -14.21592 1.000 63.62679  ? 135 HOH A O   1 
HETATM 1231 O O   . HOH E 4 .  ? -8.70644  -3.97531  7.79888   1.000 54.13950  ? 201 HOH B O   1 
HETATM 1232 O O   . HOH E 4 .  ? -21.00220 5.70260   -4.91275  1.000 50.89770  ? 202 HOH B O   1 
HETATM 1233 O O   . HOH E 4 .  ? 8.89680   9.49884   1.73422   1.000 61.04165  ? 203 HOH B O   1 
HETATM 1234 O O   . HOH E 4 .  ? 3.14333   11.27268  3.95211   1.000 67.10137  ? 204 HOH B O   1 
HETATM 1235 O O   . HOH E 4 .  ? -16.18403 -6.98797  5.32957   1.000 66.35904  ? 205 HOH B O   1 
HETATM 1236 O O   . HOH E 4 .  ? -4.48636  0.85629   6.68394   1.000 52.55431  ? 206 HOH B O   1 
HETATM 1237 O O   . HOH E 4 .  ? -21.34313 0.21572   -9.95361  1.000 74.47439  ? 207 HOH B O   1 
HETATM 1238 O O   . HOH E 4 .  ? -16.11724 6.98963   -7.81561  1.000 59.22966  ? 208 HOH B O   1 
HETATM 1239 O O   . HOH E 4 .  ? -19.93983 4.56642   1.44789   1.000 65.20204  ? 209 HOH B O   1 
HETATM 1240 O O   . HOH E 4 .  ? 3.11343   -3.26559  12.06807  1.000 59.10710  ? 210 HOH B O   1 
HETATM 1241 O O   . HOH E 4 .  ? -4.34276  -10.85651 7.34066   1.000 59.29280  ? 211 HOH B O   1 
HETATM 1242 O O   . HOH E 4 .  ? 15.07444  10.75260  3.30014   1.000 62.86139  ? 212 HOH B O   1 
HETATM 1243 O O   . HOH E 4 .  ? -4.45055  1.63183   10.98426  1.000 65.82132  ? 213 HOH B O   1 
HETATM 1244 O O   . HOH E 4 .  ? 15.88743  11.78751  0.11461   1.000 64.53876  ? 214 HOH B O   1 
HETATM 1245 O O   . HOH E 4 .  ? 13.02191  -4.22424  1.92892   1.000 66.14789  ? 215 HOH B O   1 
HETATM 1246 O O   . HOH E 4 .  ? -2.52385  19.52249  6.04089   1.000 68.29256  ? 216 HOH B O   1 
HETATM 1247 O O   . HOH E 4 .  ? -16.61516 -7.80275  2.90539   1.000 69.79834  ? 217 HOH B O   1 
HETATM 1248 O O   . HOH E 4 .  ? 17.85824  0.99687   5.26968   1.000 59.67597  ? 218 HOH B O   1 
HETATM 1249 O O   . HOH E 4 .  ? 6.31220   8.67898   1.67266   1.000 63.09646  ? 219 HOH B O   1 
HETATM 1250 O O   . HOH E 4 .  ? 8.21622   -3.70741  -3.26687  1.000 43.31279  ? 220 HOH B O   1 
HETATM 1251 O O   . HOH E 4 .  ? 10.82757  6.45858   -0.13557  1.000 55.59493  ? 221 HOH B O   1 
HETATM 1252 O O   . HOH E 4 .  ? 7.59144   6.86272   9.38957   1.000 65.56703  ? 222 HOH B O   1 
HETATM 1253 O O   . HOH E 4 .  ? 16.57524  9.77450   -1.88789  1.000 56.41952  ? 223 HOH B O   1 
HETATM 1254 O O   . HOH E 4 .  ? 4.86972   9.28675   4.09359   1.000 56.26147  ? 224 HOH B O   1 
HETATM 1255 O O   . HOH E 4 .  ? 16.12288  7.02778   7.22486   1.000 56.25082  ? 225 HOH B O   1 
HETATM 1256 O O   . HOH E 4 .  ? -3.53791  20.72732  3.87476   1.000 61.08655  ? 226 HOH B O   1 
HETATM 1257 O O   . HOH E 4 .  ? -2.77589  1.54950   3.16031   1.000 51.57653  ? 227 HOH B O   1 
HETATM 1258 O O   . HOH E 4 .  ? -19.96997 -10.86671 -4.76757  1.000 58.55973  ? 228 HOH B O   1 
HETATM 1259 O O   . HOH E 4 .  ? -17.01502 8.73793   -9.73512  1.000 71.98862  ? 229 HOH B O   1 
HETATM 1260 O O   . HOH E 4 .  ? 2.14406   -10.91322 -3.40918  1.000 60.83264  ? 230 HOH B O   1 
HETATM 1261 O O   . HOH E 4 .  ? -9.31331  -6.44079  8.63126   1.000 54.72094  ? 231 HOH B O   1 
HETATM 1262 O O   . HOH E 4 .  ? -25.21219 -6.70893  -2.48562  1.000 76.47916  ? 232 HOH B O   1 
HETATM 1263 O O   . HOH E 4 .  ? -23.48771 -4.98030  -4.03580  1.000 65.41609  ? 233 HOH B O   1 
HETATM 1264 O O   . HOH E 4 .  ? -19.00102 -12.39999 -0.83947  1.000 65.95299  ? 234 HOH B O   1 
HETATM 1265 O O   . HOH E 4 .  ? -19.50054 0.82946   -8.04701  1.000 63.63124  ? 235 HOH B O   1 
HETATM 1266 O O   . HOH E 4 .  ? 3.66886   -8.47187  -3.19270  1.000 49.84692  ? 236 HOH B O   1 
HETATM 1267 O O   . HOH E 4 .  ? 12.68375  11.16596  2.22718   1.000 67.10505  ? 237 HOH B O   1 
HETATM 1268 O O   . HOH E 4 .  ? -16.07005 3.10276   8.74747   1.000 71.98685  ? 238 HOH B O   1 
HETATM 1269 O O   . HOH E 4 .  ? 2.63533   -5.28573  13.92644  1.000 78.11722  ? 239 HOH B O   1 
HETATM 1270 O O   . HOH E 4 .  ? 3.16681   7.24113   5.35216   1.000 56.51921  ? 240 HOH B O   1 
HETATM 1271 O O   . HOH F 4 .  ? -5.74359  -11.46160 12.44168  1.000 88.92899  ? 201 HOH C O   1 
HETATM 1272 O O   . HOH F 4 .  ? 13.41899  -6.88523  11.43647  1.000 113.91849 ? 202 HOH C O   1 
HETATM 1273 O O   . HOH F 4 .  ? -9.28622  5.72580   -6.73258  1.000 57.70490  ? 203 HOH C O   1 
HETATM 1274 O O   . HOH F 4 .  ? -10.62778 -1.99658  8.85123   1.000 54.42692  ? 204 HOH C O   1 
HETATM 1275 O O   . HOH F 4 .  ? -13.37225 0.02628   10.55835  1.000 63.07935  ? 205 HOH C O   1 
HETATM 1276 O O   . HOH F 4 .  ? -7.24704  -7.61978  10.59787  1.000 62.15337  ? 206 HOH C O   1 
# 
